data_3AUV
#
_entry.id   3AUV
#
_cell.length_a   136.063
_cell.length_b   136.063
_cell.length_c   169.004
_cell.angle_alpha   90.00
_cell.angle_beta   90.00
_cell.angle_gamma   120.00
#
_symmetry.space_group_name_H-M   'P 31 2 1'
#
loop_
_entity.id
_entity.type
_entity.pdbx_description
1 polymer 'sc-dsFv derived from the G6-Fab'
2 water water
#
_entity_poly.entity_id   1
_entity_poly.type   'polypeptide(L)'
_entity_poly.pdbx_seq_one_letter_code
;GAMAQPAHGSGDIQMTQSPSSLSASVGDRVTITCRASQDVSTAVAWYQQKPGKAPKLLIYSASFLYSGVPSRFSGSGSGT
DFTLTISSLQPEDFATYYCQQHYTTPPTFGCGTKVEIKGGGGGSIEGRSGGGGSEVQLVESGGGLVQPGGSLRLSCAASG
FTISDYWIHWVRQAPGKCLEWVAGITPAGGYTYYADSVKGRFTISADTSKNTAYLQMNSLRAEDTAVYYCARFVFFLPYA
MDYWGQGTLVTVSSASAAAGGGLNDIFEAQKIEWHE
;
_entity_poly.pdbx_strand_id   A,B,C,D,E,F
#
# COMPACT_ATOMS: atom_id res chain seq x y z
N ASP A 12 14.09 -26.87 -18.04
CA ASP A 12 14.45 -25.62 -18.74
C ASP A 12 14.37 -25.74 -20.27
N ILE A 13 13.84 -24.71 -20.93
CA ILE A 13 13.76 -24.72 -22.38
C ILE A 13 14.93 -23.98 -23.00
N GLN A 14 15.66 -24.63 -23.91
CA GLN A 14 16.80 -24.03 -24.59
C GLN A 14 16.39 -23.41 -25.93
N MET A 15 16.97 -22.25 -26.23
CA MET A 15 16.79 -21.63 -27.56
C MET A 15 18.09 -21.68 -28.31
N THR A 16 18.04 -22.01 -29.59
CA THR A 16 19.24 -21.95 -30.40
C THR A 16 18.93 -21.15 -31.63
N GLN A 17 19.87 -20.35 -32.11
CA GLN A 17 19.62 -19.54 -33.30
C GLN A 17 20.59 -19.93 -34.37
N SER A 18 20.27 -19.55 -35.61
CA SER A 18 21.20 -19.70 -36.71
C SER A 18 20.88 -18.70 -37.76
N PRO A 19 21.93 -18.13 -38.36
CA PRO A 19 23.31 -18.33 -37.90
C PRO A 19 23.56 -17.59 -36.58
N SER A 20 24.76 -17.75 -36.03
CA SER A 20 25.12 -17.00 -34.83
C SER A 20 25.71 -15.63 -35.14
N SER A 21 26.21 -15.44 -36.36
CA SER A 21 26.49 -14.05 -36.83
C SER A 21 26.44 -13.97 -38.31
N LEU A 22 26.37 -12.75 -38.83
CA LEU A 22 26.28 -12.55 -40.26
C LEU A 22 26.56 -11.08 -40.55
N SER A 23 27.12 -10.83 -41.77
CA SER A 23 27.26 -9.50 -42.35
C SER A 23 26.51 -9.42 -43.64
N ALA A 24 25.79 -8.33 -43.83
CA ALA A 24 24.99 -8.15 -45.02
C ALA A 24 25.15 -6.68 -45.40
N SER A 25 24.51 -6.28 -46.49
CA SER A 25 24.54 -4.88 -46.89
C SER A 25 23.21 -4.19 -46.75
N VAL A 26 23.30 -2.89 -46.54
CA VAL A 26 22.11 -2.05 -46.61
C VAL A 26 21.18 -2.48 -47.78
N GLY A 27 19.94 -2.80 -47.47
CA GLY A 27 18.96 -3.17 -48.49
C GLY A 27 18.76 -4.68 -48.55
N ASP A 28 19.69 -5.44 -47.94
CA ASP A 28 19.52 -6.89 -47.99
C ASP A 28 18.30 -7.32 -47.17
N ARG A 29 17.74 -8.47 -47.53
CA ARG A 29 16.79 -9.13 -46.66
C ARG A 29 17.58 -10.10 -45.74
N VAL A 30 17.32 -10.04 -44.43
CA VAL A 30 18.02 -10.88 -43.48
C VAL A 30 17.00 -11.73 -42.72
N THR A 31 17.28 -13.03 -42.60
CA THR A 31 16.39 -13.86 -41.78
C THR A 31 17.25 -14.67 -40.83
N ILE A 32 16.75 -14.77 -39.61
CA ILE A 32 17.49 -15.38 -38.53
C ILE A 32 16.51 -16.37 -37.99
N THR A 33 16.93 -17.63 -37.84
CA THR A 33 15.97 -18.64 -37.37
C THR A 33 16.29 -19.01 -35.96
N CYS A 34 15.25 -19.49 -35.31
CA CYS A 34 15.34 -19.82 -33.92
C CYS A 34 14.62 -21.12 -33.66
N ARG A 35 15.22 -21.96 -32.81
CA ARG A 35 14.55 -23.18 -32.43
C ARG A 35 14.46 -23.33 -30.89
N ALA A 36 13.28 -23.67 -30.41
CA ALA A 36 13.11 -24.04 -29.01
C ALA A 36 13.13 -25.57 -28.81
N SER A 37 13.70 -25.98 -27.69
CA SER A 37 13.87 -27.38 -27.34
C SER A 37 12.55 -28.06 -27.04
N GLN A 38 11.51 -27.28 -26.78
CA GLN A 38 10.11 -27.84 -26.67
C GLN A 38 9.07 -26.92 -27.31
N ASP A 39 7.88 -27.43 -27.57
CA ASP A 39 6.86 -26.52 -28.06
C ASP A 39 6.61 -25.35 -27.08
N VAL A 40 6.69 -24.14 -27.61
CA VAL A 40 6.45 -22.94 -26.83
C VAL A 40 5.24 -22.15 -27.35
N SER A 41 4.43 -22.82 -28.16
CA SER A 41 3.26 -22.15 -28.74
C SER A 41 3.77 -20.96 -29.54
N THR A 42 3.14 -19.80 -29.33
CA THR A 42 3.56 -18.57 -30.00
C THR A 42 4.14 -17.59 -28.99
N ALA A 43 4.51 -18.07 -27.80
CA ALA A 43 4.96 -17.17 -26.75
C ALA A 43 6.44 -16.92 -26.90
N VAL A 44 6.82 -16.29 -28.02
CA VAL A 44 8.23 -15.98 -28.23
C VAL A 44 8.42 -14.46 -28.42
N ALA A 45 9.51 -13.92 -27.90
CA ALA A 45 9.81 -12.51 -28.16
C ALA A 45 11.14 -12.40 -28.86
N TRP A 46 11.32 -11.35 -29.70
CA TRP A 46 12.67 -11.03 -30.19
C TRP A 46 13.20 -9.71 -29.60
N TYR A 47 14.51 -9.66 -29.30
CA TYR A 47 15.16 -8.47 -28.77
C TYR A 47 16.36 -8.05 -29.65
N GLN A 48 16.68 -6.75 -29.56
CA GLN A 48 17.77 -6.16 -30.32
C GLN A 48 18.70 -5.54 -29.31
N GLN A 49 19.98 -5.86 -29.42
CA GLN A 49 20.90 -5.37 -28.41
C GLN A 49 22.06 -4.71 -29.11
N LYS A 50 22.06 -3.38 -29.08
CA LYS A 50 23.21 -2.61 -29.59
C LYS A 50 24.43 -2.88 -28.74
N PRO A 51 25.59 -2.72 -29.35
CA PRO A 51 26.81 -2.86 -28.54
C PRO A 51 26.85 -1.83 -27.42
N GLY A 52 27.18 -2.32 -26.23
CA GLY A 52 27.18 -1.49 -25.03
C GLY A 52 25.78 -1.05 -24.65
N LYS A 53 24.74 -1.82 -25.02
CA LYS A 53 23.41 -1.43 -24.58
C LYS A 53 22.62 -2.61 -24.02
N ALA A 54 21.51 -2.29 -23.37
CA ALA A 54 20.58 -3.30 -22.89
C ALA A 54 19.75 -3.65 -24.11
N PRO A 55 19.32 -4.91 -24.21
CA PRO A 55 18.36 -5.43 -25.19
C PRO A 55 17.08 -4.62 -25.16
N LYS A 56 16.46 -4.52 -26.31
CA LYS A 56 15.15 -3.90 -26.41
C LYS A 56 14.20 -4.82 -27.13
N LEU A 57 12.95 -4.77 -26.69
CA LEU A 57 11.93 -5.61 -27.27
C LEU A 57 11.57 -5.15 -28.71
N LEU A 58 11.66 -6.04 -29.70
CA LEU A 58 11.15 -5.78 -31.06
C LEU A 58 9.82 -6.43 -31.35
N ILE A 59 9.72 -7.72 -31.06
CA ILE A 59 8.56 -8.50 -31.37
C ILE A 59 8.09 -9.34 -30.16
N TYR A 60 6.79 -9.39 -29.97
CA TYR A 60 6.23 -10.18 -28.87
C TYR A 60 5.13 -11.06 -29.42
N SER A 61 4.91 -12.19 -28.76
CA SER A 61 3.89 -13.14 -29.20
C SER A 61 4.20 -13.60 -30.62
N ALA A 62 5.48 -13.77 -30.90
CA ALA A 62 5.96 -14.27 -32.20
C ALA A 62 5.88 -13.30 -33.38
N SER A 63 4.68 -12.83 -33.70
CA SER A 63 4.48 -11.93 -34.85
C SER A 63 4.07 -10.50 -34.55
N PHE A 64 4.10 -10.08 -33.29
CA PHE A 64 3.63 -8.74 -32.95
C PHE A 64 4.73 -7.70 -32.77
N LEU A 65 4.56 -6.55 -33.41
CA LEU A 65 5.57 -5.50 -33.37
C LEU A 65 5.39 -4.73 -32.12
N TYR A 66 6.42 -4.65 -31.31
CA TYR A 66 6.32 -3.81 -30.13
C TYR A 66 6.27 -2.36 -30.62
N SER A 67 5.61 -1.51 -29.84
CA SER A 67 5.25 -0.21 -30.39
C SER A 67 6.54 0.57 -30.60
N GLY A 68 6.66 1.26 -31.73
CA GLY A 68 7.85 2.06 -31.96
C GLY A 68 8.85 1.33 -32.85
N VAL A 69 8.62 0.04 -33.07
CA VAL A 69 9.58 -0.70 -33.86
C VAL A 69 9.14 -0.61 -35.31
N PRO A 70 10.09 -0.37 -36.18
CA PRO A 70 9.79 -0.19 -37.62
C PRO A 70 9.31 -1.47 -38.26
N SER A 71 8.46 -1.31 -39.29
CA SER A 71 7.72 -2.41 -39.92
C SER A 71 8.60 -3.24 -40.85
N ARG A 72 9.86 -2.83 -41.00
CA ARG A 72 10.75 -3.72 -41.74
C ARG A 72 11.08 -4.96 -40.89
N PHE A 73 10.86 -4.87 -39.58
CA PHE A 73 11.02 -6.01 -38.72
C PHE A 73 9.77 -6.85 -38.71
N SER A 74 9.89 -8.15 -38.99
CA SER A 74 8.72 -9.00 -38.78
C SER A 74 9.08 -10.38 -38.19
N GLY A 75 8.12 -11.03 -37.50
CA GLY A 75 8.38 -12.36 -36.97
C GLY A 75 7.31 -13.39 -37.29
N SER A 76 7.67 -14.68 -37.26
CA SER A 76 6.70 -15.76 -37.55
C SER A 76 7.13 -17.04 -36.84
N GLY A 77 6.26 -18.05 -36.91
CA GLY A 77 6.50 -19.31 -36.25
C GLY A 77 5.51 -19.63 -35.13
N SER A 78 5.57 -20.89 -34.68
CA SER A 78 4.83 -21.41 -33.54
C SER A 78 5.41 -22.80 -33.28
N GLY A 79 5.15 -23.33 -32.10
CA GLY A 79 5.71 -24.62 -31.72
C GLY A 79 7.20 -24.47 -31.40
N THR A 80 8.06 -25.01 -32.27
CA THR A 80 9.48 -25.03 -31.89
C THR A 80 10.26 -24.15 -32.83
N ASP A 81 9.63 -23.79 -33.94
CA ASP A 81 10.37 -23.09 -35.00
C ASP A 81 9.95 -21.63 -35.23
N PHE A 82 10.92 -20.72 -35.15
CA PHE A 82 10.60 -19.29 -35.24
C PHE A 82 11.64 -18.63 -36.13
N THR A 83 11.23 -17.53 -36.76
CA THR A 83 12.18 -16.75 -37.51
C THR A 83 11.93 -15.25 -37.38
N LEU A 84 13.03 -14.51 -37.43
CA LEU A 84 13.00 -13.06 -37.48
C LEU A 84 13.43 -12.67 -38.89
N THR A 85 12.63 -11.80 -39.53
CA THR A 85 12.99 -11.26 -40.85
C THR A 85 13.12 -9.76 -40.81
N ILE A 86 14.27 -9.26 -41.28
CA ILE A 86 14.43 -7.81 -41.53
C ILE A 86 14.35 -7.62 -43.06
N SER A 87 13.24 -7.05 -43.54
CA SER A 87 12.98 -7.05 -44.98
C SER A 87 14.07 -6.29 -45.74
N SER A 88 14.48 -5.14 -45.18
CA SER A 88 15.46 -4.30 -45.89
C SER A 88 16.44 -3.65 -44.91
N LEU A 89 17.59 -4.28 -44.76
CA LEU A 89 18.52 -3.95 -43.70
C LEU A 89 18.98 -2.49 -43.79
N GLN A 90 18.92 -1.81 -42.64
CA GLN A 90 19.34 -0.41 -42.51
C GLN A 90 20.65 -0.31 -41.70
N PRO A 91 21.38 0.81 -41.92
CA PRO A 91 22.66 1.05 -41.23
C PRO A 91 22.50 0.88 -39.74
N GLU A 92 21.38 1.36 -39.20
CA GLU A 92 21.19 1.32 -37.73
C GLU A 92 20.78 -0.08 -37.22
N ASP A 93 20.59 -1.03 -38.12
CA ASP A 93 20.16 -2.37 -37.68
C ASP A 93 21.30 -3.25 -37.08
N PHE A 94 22.54 -2.80 -37.16
CA PHE A 94 23.55 -3.69 -36.61
C PHE A 94 23.37 -3.80 -35.09
N ALA A 95 23.42 -5.04 -34.61
CA ALA A 95 23.12 -5.36 -33.21
C ALA A 95 23.18 -6.87 -33.04
N THR A 96 23.03 -7.35 -31.83
CA THR A 96 22.88 -8.79 -31.66
C THR A 96 21.39 -9.04 -31.41
N TYR A 97 20.81 -10.07 -32.03
CA TYR A 97 19.37 -10.30 -31.93
C TYR A 97 19.12 -11.59 -31.19
N TYR A 98 18.22 -11.56 -30.19
CA TYR A 98 17.94 -12.72 -29.42
C TYR A 98 16.46 -13.17 -29.55
N CYS A 99 16.30 -14.47 -29.71
CA CYS A 99 15.04 -15.14 -29.68
C CYS A 99 14.86 -15.68 -28.26
N GLN A 100 13.76 -15.39 -27.59
CA GLN A 100 13.59 -15.93 -26.22
C GLN A 100 12.16 -16.38 -25.97
N GLN A 101 12.00 -17.61 -25.47
CA GLN A 101 10.63 -18.10 -25.17
C GLN A 101 10.16 -17.56 -23.83
N HIS A 102 8.87 -17.26 -23.75
CA HIS A 102 8.30 -16.77 -22.51
C HIS A 102 7.07 -17.59 -22.26
N TYR A 103 7.15 -18.86 -22.58
CA TYR A 103 6.03 -19.76 -22.37
C TYR A 103 6.15 -20.29 -20.97
N THR A 104 7.36 -20.57 -20.52
CA THR A 104 7.59 -20.98 -19.14
C THR A 104 8.60 -20.08 -18.47
N THR A 105 8.73 -20.22 -17.18
CA THR A 105 9.76 -19.46 -16.51
C THR A 105 10.58 -20.45 -15.70
N PRO A 106 11.90 -20.23 -15.63
CA PRO A 106 12.65 -19.02 -15.92
C PRO A 106 13.15 -19.02 -17.36
N PRO A 107 13.46 -17.81 -17.86
CA PRO A 107 13.99 -17.63 -19.20
C PRO A 107 15.39 -18.16 -19.13
N THR A 108 15.94 -18.55 -20.26
CA THR A 108 17.27 -19.07 -20.28
C THR A 108 17.82 -18.50 -21.54
N PHE A 109 18.68 -17.50 -21.44
CA PHE A 109 19.19 -16.84 -22.64
C PHE A 109 20.40 -17.56 -23.20
N GLY A 110 20.69 -17.29 -24.47
CA GLY A 110 21.93 -17.75 -25.08
C GLY A 110 22.70 -16.66 -25.81
N CYS A 111 23.28 -17.03 -26.96
CA CYS A 111 24.22 -16.13 -27.59
C CYS A 111 23.64 -15.16 -28.63
N GLY A 112 22.40 -15.42 -29.05
CA GLY A 112 21.81 -14.61 -30.09
C GLY A 112 22.54 -14.65 -31.45
N THR A 113 22.21 -13.67 -32.29
CA THR A 113 22.75 -13.59 -33.62
C THR A 113 23.30 -12.20 -33.87
N LYS A 114 24.61 -12.14 -34.08
CA LYS A 114 25.29 -10.86 -34.29
C LYS A 114 25.14 -10.48 -35.74
N VAL A 115 24.48 -9.35 -36.00
CA VAL A 115 24.33 -8.80 -37.33
C VAL A 115 25.18 -7.56 -37.52
N GLU A 116 26.09 -7.63 -38.50
CA GLU A 116 26.92 -6.50 -38.91
C GLU A 116 26.59 -5.99 -40.31
N ILE A 117 26.82 -4.70 -40.55
CA ILE A 117 26.67 -4.19 -41.89
C ILE A 117 28.01 -3.88 -42.56
N GLU A 135 7.01 8.56 -17.84
CA GLU A 135 7.52 7.41 -18.57
C GLU A 135 8.11 6.32 -17.65
N VAL A 136 8.17 5.10 -18.18
CA VAL A 136 8.63 3.91 -17.47
C VAL A 136 10.12 3.65 -17.69
N GLN A 137 10.86 3.39 -16.60
CA GLN A 137 12.23 2.91 -16.72
C GLN A 137 12.70 2.14 -15.51
N LEU A 138 13.75 1.35 -15.75
CA LEU A 138 14.56 0.76 -14.71
C LEU A 138 15.95 1.40 -14.76
N VAL A 139 16.43 1.92 -13.65
CA VAL A 139 17.82 2.40 -13.61
C VAL A 139 18.67 1.62 -12.63
N GLU A 140 19.73 0.99 -13.13
CA GLU A 140 20.65 0.22 -12.29
C GLU A 140 21.81 1.05 -11.73
N SER A 141 22.41 0.58 -10.64
CA SER A 141 23.55 1.25 -10.06
C SER A 141 24.20 0.28 -9.11
N GLY A 142 25.35 0.67 -8.57
CA GLY A 142 25.99 -0.09 -7.51
C GLY A 142 27.09 -0.99 -8.05
N GLY A 143 27.27 -1.00 -9.37
CA GLY A 143 28.34 -1.80 -9.94
C GLY A 143 29.70 -1.22 -9.50
N GLY A 144 30.73 -2.06 -9.52
CA GLY A 144 32.09 -1.65 -9.24
C GLY A 144 33.14 -2.76 -9.24
N LEU A 145 34.33 -2.40 -8.77
CA LEU A 145 35.44 -3.36 -8.65
C LEU A 145 35.47 -3.95 -7.24
N VAL A 146 35.62 -5.26 -7.17
CA VAL A 146 35.68 -5.92 -5.88
C VAL A 146 36.58 -7.12 -6.06
N GLN A 147 36.94 -7.75 -4.96
CA GLN A 147 37.87 -8.86 -5.02
C GLN A 147 37.18 -10.15 -4.75
N PRO A 148 37.73 -11.25 -5.26
CA PRO A 148 37.23 -12.61 -5.02
C PRO A 148 36.96 -12.79 -3.52
N GLY A 149 35.83 -13.39 -3.16
CA GLY A 149 35.44 -13.63 -1.79
C GLY A 149 34.69 -12.44 -1.24
N GLY A 150 34.80 -11.31 -1.92
CA GLY A 150 34.08 -10.11 -1.49
C GLY A 150 32.60 -10.16 -1.85
N SER A 151 31.96 -9.03 -1.58
CA SER A 151 30.55 -8.97 -1.80
C SER A 151 30.13 -7.57 -2.28
N LEU A 152 28.97 -7.52 -2.93
CA LEU A 152 28.51 -6.28 -3.54
C LEU A 152 26.99 -6.28 -3.71
N ARG A 153 26.40 -5.08 -3.70
CA ARG A 153 24.99 -4.98 -3.90
C ARG A 153 24.49 -4.07 -5.06
N LEU A 154 23.87 -4.69 -6.08
CA LEU A 154 23.31 -3.92 -7.21
C LEU A 154 21.90 -3.43 -6.94
N SER A 155 21.54 -2.31 -7.56
CA SER A 155 20.22 -1.71 -7.43
C SER A 155 19.49 -1.58 -8.77
N CYS A 156 18.17 -1.80 -8.74
CA CYS A 156 17.35 -1.69 -9.94
C CYS A 156 16.13 -0.82 -9.67
N ALA A 157 16.35 0.48 -9.59
CA ALA A 157 15.27 1.43 -9.30
C ALA A 157 14.23 1.50 -10.41
N ALA A 158 12.96 1.56 -10.04
CA ALA A 158 11.88 1.65 -11.00
C ALA A 158 11.27 3.05 -11.07
N SER A 159 10.82 3.47 -12.27
CA SER A 159 10.03 4.72 -12.38
C SER A 159 8.82 4.53 -13.27
N GLY A 160 7.75 5.22 -12.92
CA GLY A 160 6.55 5.24 -13.72
C GLY A 160 5.71 3.98 -13.58
N PHE A 161 6.11 3.06 -12.72
CA PHE A 161 5.30 1.88 -12.42
C PHE A 161 5.72 1.34 -11.06
N THR A 162 4.88 0.50 -10.49
CA THR A 162 5.14 -0.16 -9.23
C THR A 162 5.83 -1.51 -9.37
N ILE A 163 7.02 -1.62 -8.76
CA ILE A 163 7.92 -2.73 -9.06
C ILE A 163 7.35 -4.07 -8.60
N SER A 164 6.57 -4.01 -7.53
CA SER A 164 6.04 -5.22 -6.97
C SER A 164 4.88 -5.80 -7.83
N ASP A 165 4.44 -5.08 -8.85
CA ASP A 165 3.45 -5.65 -9.77
C ASP A 165 4.09 -6.61 -10.77
N TYR A 166 5.43 -6.77 -10.74
CA TYR A 166 6.11 -7.53 -11.82
C TYR A 166 7.08 -8.53 -11.35
N TRP A 167 7.47 -9.44 -12.23
CA TRP A 167 8.64 -10.22 -11.90
C TRP A 167 9.77 -9.22 -12.14
N ILE A 168 10.86 -9.34 -11.39
CA ILE A 168 12.09 -8.67 -11.77
C ILE A 168 13.15 -9.75 -11.94
N HIS A 169 13.81 -9.70 -13.10
CA HIS A 169 14.94 -10.60 -13.35
C HIS A 169 16.29 -9.87 -13.48
N TRP A 170 17.33 -10.56 -13.05
CA TRP A 170 18.67 -10.12 -13.25
C TRP A 170 19.26 -11.05 -14.27
N VAL A 171 19.74 -10.44 -15.37
CA VAL A 171 20.40 -11.12 -16.47
C VAL A 171 21.80 -10.51 -16.66
N ARG A 172 22.80 -11.37 -16.84
CA ARG A 172 24.13 -10.83 -16.97
C ARG A 172 24.85 -11.22 -18.29
N GLN A 173 25.90 -10.46 -18.58
CA GLN A 173 26.73 -10.67 -19.77
C GLN A 173 28.21 -10.47 -19.45
N ALA A 174 28.92 -11.59 -19.41
CA ALA A 174 30.38 -11.51 -19.28
C ALA A 174 30.95 -10.88 -20.55
N PRO A 175 32.07 -10.17 -20.43
CA PRO A 175 32.79 -9.63 -21.59
C PRO A 175 32.98 -10.69 -22.73
N GLY A 176 32.51 -10.35 -23.92
CA GLY A 176 32.64 -11.24 -25.07
C GLY A 176 31.94 -12.58 -24.83
N LYS A 177 30.97 -12.53 -23.93
CA LYS A 177 30.24 -13.71 -23.58
C LYS A 177 28.74 -13.54 -23.84
N CYS A 178 27.97 -14.59 -23.61
CA CYS A 178 26.56 -14.49 -23.94
C CYS A 178 25.69 -14.01 -22.78
N LEU A 179 24.38 -13.86 -23.04
CA LEU A 179 23.44 -13.48 -22.01
C LEU A 179 23.18 -14.65 -21.09
N GLU A 180 23.26 -14.40 -19.78
CA GLU A 180 22.94 -15.43 -18.78
C GLU A 180 21.88 -14.97 -17.72
N TRP A 181 20.78 -15.70 -17.64
CA TRP A 181 19.80 -15.40 -16.58
C TRP A 181 20.41 -15.77 -15.24
N VAL A 182 20.26 -14.88 -14.26
CA VAL A 182 20.84 -15.06 -12.93
C VAL A 182 19.78 -15.32 -11.82
N ALA A 183 18.75 -14.49 -11.74
CA ALA A 183 17.77 -14.61 -10.63
C ALA A 183 16.45 -13.90 -10.93
N GLY A 184 15.38 -14.34 -10.30
CA GLY A 184 14.09 -13.70 -10.47
C GLY A 184 13.29 -13.71 -9.15
N ILE A 185 12.54 -12.64 -8.94
CA ILE A 185 11.59 -12.56 -7.86
C ILE A 185 10.21 -12.24 -8.48
N THR A 186 9.20 -12.94 -7.99
CA THR A 186 7.82 -12.81 -8.45
C THR A 186 7.18 -11.54 -7.90
N PRO A 187 6.07 -11.14 -8.50
CA PRO A 187 5.35 -9.95 -8.02
C PRO A 187 4.89 -10.15 -6.58
N ALA A 188 5.02 -9.11 -5.76
CA ALA A 188 4.60 -9.17 -4.37
C ALA A 188 5.64 -9.93 -3.52
N GLY A 189 6.75 -10.28 -4.15
CA GLY A 189 7.82 -11.01 -3.49
C GLY A 189 7.40 -12.39 -3.01
N GLY A 190 6.48 -13.03 -3.73
CA GLY A 190 6.01 -14.34 -3.37
C GLY A 190 7.07 -15.42 -3.42
N TYR A 191 7.90 -15.40 -4.46
CA TYR A 191 8.95 -16.39 -4.64
C TYR A 191 10.21 -15.81 -5.28
N THR A 192 11.32 -16.50 -5.06
CA THR A 192 12.59 -16.16 -5.75
C THR A 192 13.19 -17.40 -6.41
N TYR A 193 14.02 -17.19 -7.42
CA TYR A 193 14.61 -18.25 -8.29
C TYR A 193 15.99 -17.82 -8.59
N TYR A 194 16.91 -18.79 -8.62
CA TYR A 194 18.33 -18.53 -8.90
C TYR A 194 18.91 -19.53 -9.94
N ALA A 195 19.77 -19.04 -10.84
CA ALA A 195 20.58 -19.98 -11.69
C ALA A 195 21.51 -20.79 -10.83
N ASP A 196 21.85 -22.01 -11.27
CA ASP A 196 22.68 -22.84 -10.38
C ASP A 196 24.00 -22.14 -10.12
N SER A 197 24.39 -21.28 -11.03
CA SER A 197 25.71 -20.68 -10.91
C SER A 197 25.84 -19.67 -9.80
N VAL A 198 24.70 -19.21 -9.25
CA VAL A 198 24.76 -18.21 -8.16
C VAL A 198 23.97 -18.65 -6.91
N LYS A 199 23.27 -19.77 -7.06
CA LYS A 199 22.40 -20.20 -5.97
C LYS A 199 23.21 -20.34 -4.67
N GLY A 200 22.68 -19.82 -3.57
CA GLY A 200 23.36 -20.00 -2.30
C GLY A 200 24.36 -18.88 -2.05
N ARG A 201 24.66 -18.09 -3.09
CA ARG A 201 25.63 -16.98 -2.96
C ARG A 201 25.01 -15.60 -3.15
N PHE A 202 24.02 -15.48 -4.05
CA PHE A 202 23.32 -14.21 -4.32
C PHE A 202 21.91 -14.18 -3.75
N THR A 203 21.39 -12.99 -3.46
CA THR A 203 19.99 -12.92 -2.99
C THR A 203 19.27 -11.88 -3.81
N ILE A 204 18.07 -12.16 -4.28
CA ILE A 204 17.39 -11.15 -5.03
C ILE A 204 16.30 -10.65 -4.13
N SER A 205 16.09 -9.34 -4.16
CA SER A 205 15.11 -8.76 -3.21
C SER A 205 14.52 -7.45 -3.72
N ALA A 206 13.67 -6.82 -2.93
CA ALA A 206 13.33 -5.45 -3.24
C ALA A 206 12.93 -4.69 -1.97
N ASP A 207 12.88 -3.36 -2.09
CA ASP A 207 12.40 -2.53 -1.01
C ASP A 207 11.30 -1.70 -1.66
N THR A 208 10.07 -2.02 -1.28
CA THR A 208 8.93 -1.41 -1.92
C THR A 208 8.80 0.06 -1.59
N SER A 209 9.20 0.48 -0.40
CA SER A 209 9.12 1.90 -0.08
C SER A 209 10.06 2.72 -0.99
N LYS A 210 11.09 2.06 -1.51
CA LYS A 210 11.98 2.70 -2.47
C LYS A 210 11.73 2.33 -3.91
N ASN A 211 10.73 1.47 -4.11
CA ASN A 211 10.36 1.04 -5.47
C ASN A 211 11.59 0.54 -6.23
N THR A 212 12.44 -0.23 -5.54
CA THR A 212 13.75 -0.60 -6.06
C THR A 212 14.06 -2.06 -5.77
N ALA A 213 14.56 -2.79 -6.77
CA ALA A 213 14.94 -4.19 -6.56
C ALA A 213 16.45 -4.30 -6.36
N TYR A 214 16.92 -5.44 -5.84
CA TYR A 214 18.35 -5.59 -5.52
C TYR A 214 18.83 -6.97 -5.90
N LEU A 215 20.13 -7.04 -6.14
CA LEU A 215 20.81 -8.30 -6.19
C LEU A 215 21.97 -8.14 -5.23
N GLN A 216 21.94 -8.89 -4.15
CA GLN A 216 22.99 -8.84 -3.19
C GLN A 216 23.87 -10.04 -3.55
N MET A 217 25.13 -9.75 -3.82
CA MET A 217 26.06 -10.77 -4.32
C MET A 217 27.14 -11.01 -3.27
N ASN A 218 27.17 -12.24 -2.73
CA ASN A 218 28.22 -12.65 -1.76
C ASN A 218 29.19 -13.68 -2.35
N SER A 219 30.36 -13.84 -1.72
CA SER A 219 31.36 -14.83 -2.18
C SER A 219 31.62 -14.69 -3.68
N LEU A 220 31.88 -13.46 -4.11
CA LEU A 220 32.13 -13.17 -5.53
C LEU A 220 33.30 -13.95 -6.13
N ARG A 221 33.11 -14.39 -7.37
CA ARG A 221 34.16 -15.11 -8.10
C ARG A 221 34.48 -14.31 -9.35
N ALA A 222 35.65 -14.57 -9.94
CA ALA A 222 35.99 -13.97 -11.24
C ALA A 222 34.92 -14.19 -12.32
N GLU A 223 34.43 -15.44 -12.49
CA GLU A 223 33.22 -15.71 -13.33
C GLU A 223 32.10 -14.67 -13.17
N ASP A 224 32.01 -14.01 -12.01
CA ASP A 224 30.88 -13.14 -11.76
C ASP A 224 31.01 -11.77 -12.44
N THR A 225 32.20 -11.53 -12.98
CA THR A 225 32.49 -10.30 -13.70
C THR A 225 31.57 -10.23 -14.89
N ALA A 226 30.84 -9.13 -15.01
CA ALA A 226 29.94 -8.96 -16.14
C ALA A 226 29.21 -7.65 -16.00
N VAL A 227 28.52 -7.28 -17.07
CA VAL A 227 27.49 -6.26 -17.02
C VAL A 227 26.20 -6.91 -16.52
N TYR A 228 25.57 -6.30 -15.51
CA TYR A 228 24.31 -6.83 -14.99
C TYR A 228 23.13 -5.98 -15.44
N TYR A 229 22.12 -6.64 -16.01
CA TYR A 229 20.85 -5.96 -16.32
C TYR A 229 19.74 -6.51 -15.47
N CYS A 230 18.76 -5.66 -15.22
CA CYS A 230 17.52 -6.12 -14.68
C CYS A 230 16.40 -5.78 -15.70
N ALA A 231 15.27 -6.47 -15.56
CA ALA A 231 14.18 -6.33 -16.48
C ALA A 231 12.93 -6.83 -15.84
N ARG A 232 11.83 -6.25 -16.27
CA ARG A 232 10.57 -6.68 -15.70
C ARG A 232 9.83 -7.62 -16.67
N PHE A 233 8.95 -8.42 -16.08
CA PHE A 233 8.18 -9.40 -16.84
C PHE A 233 6.91 -9.81 -16.08
N VAL A 234 5.83 -10.04 -16.82
CA VAL A 234 4.66 -10.77 -16.29
C VAL A 234 4.07 -11.60 -17.41
N PHE A 235 3.16 -12.54 -17.08
CA PHE A 235 2.57 -13.31 -18.20
C PHE A 235 1.41 -12.58 -18.85
N PHE A 236 1.15 -11.36 -18.39
CA PHE A 236 0.11 -10.53 -19.01
C PHE A 236 0.75 -9.97 -20.26
N LEU A 237 -0.04 -9.50 -21.22
CA LEU A 237 0.52 -8.97 -22.46
C LEU A 237 1.43 -7.81 -22.14
N PRO A 238 2.56 -7.73 -22.84
CA PRO A 238 2.86 -8.61 -23.96
C PRO A 238 3.58 -9.90 -23.57
N TYR A 239 3.77 -10.12 -22.27
CA TYR A 239 4.50 -11.27 -21.77
C TYR A 239 5.90 -11.39 -22.38
N ALA A 240 6.55 -10.24 -22.43
CA ALA A 240 7.92 -10.11 -22.91
C ALA A 240 8.63 -9.16 -21.96
N MET A 241 9.95 -9.29 -21.88
CA MET A 241 10.75 -8.40 -21.01
C MET A 241 10.77 -7.05 -21.68
N ASP A 242 9.73 -6.27 -21.42
CA ASP A 242 9.51 -5.06 -22.21
C ASP A 242 10.33 -3.87 -21.77
N TYR A 243 10.76 -3.85 -20.49
CA TYR A 243 11.69 -2.81 -20.01
C TYR A 243 12.93 -3.39 -19.35
N TRP A 244 14.11 -2.92 -19.80
CA TRP A 244 15.39 -3.29 -19.17
C TRP A 244 16.07 -2.03 -18.60
N GLY A 245 16.88 -2.21 -17.56
CA GLY A 245 17.76 -1.11 -17.16
C GLY A 245 18.97 -1.04 -18.09
N GLN A 246 19.79 0.01 -17.93
CA GLN A 246 20.90 0.21 -18.86
C GLN A 246 22.09 -0.72 -18.56
N GLY A 247 22.09 -1.35 -17.38
CA GLY A 247 23.19 -2.22 -17.01
C GLY A 247 24.25 -1.57 -16.09
N THR A 248 24.94 -2.40 -15.32
CA THR A 248 25.96 -1.90 -14.42
C THR A 248 27.04 -2.95 -14.39
N LEU A 249 28.29 -2.50 -14.43
CA LEU A 249 29.43 -3.39 -14.61
C LEU A 249 30.00 -3.89 -13.28
N VAL A 250 30.15 -5.20 -13.16
CA VAL A 250 30.73 -5.73 -11.96
C VAL A 250 32.01 -6.43 -12.38
N THR A 251 33.11 -5.91 -11.84
CA THR A 251 34.46 -6.45 -12.10
C THR A 251 35.05 -7.13 -10.87
N VAL A 252 35.29 -8.45 -11.00
CA VAL A 252 35.85 -9.21 -9.88
C VAL A 252 37.32 -9.48 -10.14
N SER A 253 38.18 -8.58 -9.67
CA SER A 253 39.62 -8.77 -9.82
C SER A 253 40.40 -8.57 -8.52
N GLY B 11 -0.50 35.31 7.73
CA GLY B 11 -0.51 34.90 6.33
C GLY B 11 0.87 34.62 5.75
N ASP B 12 1.02 34.89 4.46
CA ASP B 12 2.25 34.49 3.80
C ASP B 12 3.47 35.23 4.36
N ILE B 13 4.57 34.49 4.54
CA ILE B 13 5.82 35.12 4.97
C ILE B 13 6.69 35.44 3.76
N GLN B 14 7.12 36.71 3.67
CA GLN B 14 7.96 37.21 2.59
C GLN B 14 9.44 37.17 2.98
N MET B 15 10.30 36.77 2.03
CA MET B 15 11.76 36.81 2.19
C MET B 15 12.32 37.88 1.25
N THR B 16 13.25 38.68 1.75
CA THR B 16 13.92 39.64 0.93
C THR B 16 15.42 39.48 1.17
N GLN B 17 16.22 39.62 0.13
CA GLN B 17 17.64 39.40 0.29
C GLN B 17 18.33 40.68 -0.14
N SER B 18 19.55 40.85 0.35
CA SER B 18 20.38 41.90 -0.18
C SER B 18 21.84 41.49 -0.11
N PRO B 19 22.60 41.91 -1.11
CA PRO B 19 22.06 42.54 -2.33
C PRO B 19 21.32 41.54 -3.22
N SER B 20 20.69 42.03 -4.28
CA SER B 20 20.04 41.12 -5.22
C SER B 20 20.99 40.59 -6.31
N SER B 21 22.15 41.26 -6.51
CA SER B 21 23.26 40.64 -7.28
C SER B 21 24.59 41.22 -6.90
N LEU B 22 25.66 40.47 -7.16
CA LEU B 22 26.99 40.99 -6.90
C LEU B 22 27.98 40.19 -7.76
N SER B 23 29.13 40.85 -8.05
CA SER B 23 30.30 40.22 -8.66
C SER B 23 31.49 40.38 -7.73
N ALA B 24 32.25 39.31 -7.60
CA ALA B 24 33.38 39.32 -6.70
C ALA B 24 34.44 38.50 -7.40
N SER B 25 35.58 38.30 -6.76
CA SER B 25 36.65 37.53 -7.38
C SER B 25 36.95 36.28 -6.60
N VAL B 26 37.45 35.29 -7.31
CA VAL B 26 37.94 34.11 -6.62
C VAL B 26 38.76 34.51 -5.38
N GLY B 27 38.36 33.97 -4.23
CA GLY B 27 39.11 34.18 -3.01
C GLY B 27 38.39 35.16 -2.13
N ASP B 28 37.44 35.90 -2.73
CA ASP B 28 36.72 36.87 -1.88
C ASP B 28 35.84 36.19 -0.81
N ARG B 29 35.57 36.91 0.25
CA ARG B 29 34.52 36.51 1.16
C ARG B 29 33.23 37.19 0.69
N VAL B 30 32.16 36.41 0.59
CA VAL B 30 30.87 36.94 0.16
C VAL B 30 29.82 36.70 1.21
N THR B 31 29.06 37.74 1.55
CA THR B 31 27.93 37.50 2.46
C THR B 31 26.64 38.07 1.86
N ILE B 32 25.54 37.34 2.05
CA ILE B 32 24.29 37.68 1.43
C ILE B 32 23.34 37.66 2.60
N THR B 33 22.62 38.74 2.84
CA THR B 33 21.72 38.74 4.01
C THR B 33 20.30 38.55 3.52
N CYS B 34 19.50 38.05 4.47
CA CYS B 34 18.14 37.69 4.19
C CYS B 34 17.27 38.15 5.35
N ARG B 35 16.08 38.63 5.02
CA ARG B 35 15.15 39.01 6.03
C ARG B 35 13.77 38.37 5.82
N ALA B 36 13.23 37.77 6.88
CA ALA B 36 11.83 37.29 6.85
C ALA B 36 10.89 38.34 7.43
N SER B 37 9.73 38.47 6.80
CA SER B 37 8.70 39.39 7.25
C SER B 37 8.12 39.06 8.64
N GLN B 38 8.33 37.85 9.14
CA GLN B 38 7.96 37.47 10.54
C GLN B 38 9.00 36.55 11.11
N ASP B 39 9.01 36.39 12.43
CA ASP B 39 9.93 35.40 13.02
C ASP B 39 9.73 33.97 12.49
N VAL B 40 10.80 33.36 12.04
CA VAL B 40 10.76 32.01 11.51
C VAL B 40 11.66 31.07 12.30
N SER B 41 12.04 31.49 13.50
CA SER B 41 12.92 30.68 14.32
C SER B 41 14.21 30.45 13.54
N THR B 42 14.64 29.21 13.47
CA THR B 42 15.82 28.85 12.71
C THR B 42 15.46 27.99 11.51
N ALA B 43 14.18 28.03 11.11
CA ALA B 43 13.71 27.15 10.04
C ALA B 43 13.93 27.82 8.69
N VAL B 44 15.20 28.00 8.32
CA VAL B 44 15.50 28.64 7.06
C VAL B 44 16.45 27.74 6.27
N ALA B 45 16.29 27.66 4.94
CA ALA B 45 17.27 26.89 4.14
C ALA B 45 17.84 27.82 3.10
N TRP B 46 19.07 27.53 2.65
CA TRP B 46 19.62 28.24 1.49
C TRP B 46 19.81 27.27 0.29
N TYR B 47 19.50 27.78 -0.90
CA TYR B 47 19.63 27.03 -2.12
C TYR B 47 20.56 27.73 -3.14
N GLN B 48 21.20 26.91 -3.96
CA GLN B 48 22.08 27.37 -5.00
C GLN B 48 21.49 26.96 -6.35
N GLN B 49 21.30 27.95 -7.21
CA GLN B 49 20.77 27.63 -8.52
C GLN B 49 21.71 28.06 -9.62
N LYS B 50 22.39 27.08 -10.23
CA LYS B 50 23.16 27.33 -11.47
C LYS B 50 22.24 27.76 -12.59
N PRO B 51 22.78 28.51 -13.53
CA PRO B 51 21.99 28.89 -14.72
C PRO B 51 21.53 27.65 -15.51
N GLY B 52 20.25 27.65 -15.89
CA GLY B 52 19.62 26.50 -16.53
C GLY B 52 19.56 25.27 -15.64
N LYS B 53 19.57 25.45 -14.33
CA LYS B 53 19.44 24.27 -13.47
C LYS B 53 18.36 24.47 -12.41
N ALA B 54 17.99 23.37 -11.76
CA ALA B 54 17.13 23.42 -10.60
C ALA B 54 18.02 23.80 -9.41
N PRO B 55 17.44 24.53 -8.42
CA PRO B 55 18.03 24.87 -7.12
C PRO B 55 18.49 23.62 -6.43
N LYS B 56 19.58 23.70 -5.65
CA LYS B 56 20.01 22.60 -4.80
C LYS B 56 20.18 23.12 -3.40
N LEU B 57 19.84 22.26 -2.44
CA LEU B 57 19.91 22.59 -1.00
C LEU B 57 21.37 22.73 -0.54
N LEU B 58 21.75 23.90 0.01
CA LEU B 58 23.09 24.09 0.63
C LEU B 58 23.05 23.96 2.12
N ILE B 59 22.13 24.73 2.71
CA ILE B 59 22.02 24.83 4.17
C ILE B 59 20.59 24.62 4.61
N TYR B 60 20.42 23.89 5.70
CA TYR B 60 19.10 23.67 6.27
C TYR B 60 19.16 23.98 7.75
N SER B 61 18.03 24.38 8.31
CA SER B 61 17.97 24.73 9.73
C SER B 61 18.94 25.87 10.04
N ALA B 62 19.05 26.79 9.10
CA ALA B 62 19.88 27.99 9.24
C ALA B 62 21.40 27.80 9.16
N SER B 63 21.95 26.98 10.05
CA SER B 63 23.40 26.77 10.09
C SER B 63 23.92 25.38 9.73
N PHE B 64 23.07 24.53 9.19
CA PHE B 64 23.49 23.16 8.90
C PHE B 64 23.82 22.90 7.43
N LEU B 65 24.99 22.32 7.21
CA LEU B 65 25.47 22.02 5.85
C LEU B 65 24.78 20.78 5.34
N TYR B 66 24.08 20.91 4.22
CA TYR B 66 23.48 19.73 3.62
C TYR B 66 24.65 18.84 3.15
N SER B 67 24.44 17.54 3.13
CA SER B 67 25.60 16.68 2.95
C SER B 67 26.16 16.86 1.54
N GLY B 68 27.48 16.94 1.41
CA GLY B 68 28.08 17.06 0.09
C GLY B 68 28.41 18.51 -0.23
N VAL B 69 27.91 19.40 0.61
CA VAL B 69 28.16 20.81 0.36
C VAL B 69 29.49 21.22 1.02
N PRO B 70 30.31 21.94 0.28
CA PRO B 70 31.64 22.31 0.83
C PRO B 70 31.53 23.26 2.00
N SER B 71 32.55 23.20 2.87
CA SER B 71 32.50 23.86 4.17
C SER B 71 32.79 25.34 4.07
N ARG B 72 33.06 25.82 2.86
CA ARG B 72 33.30 27.24 2.70
C ARG B 72 31.96 27.94 2.75
N PHE B 73 30.90 27.16 2.55
CA PHE B 73 29.55 27.69 2.73
C PHE B 73 29.17 27.62 4.18
N SER B 74 28.69 28.72 4.74
CA SER B 74 28.11 28.62 6.07
C SER B 74 26.86 29.51 6.26
N GLY B 75 26.00 29.19 7.23
CA GLY B 75 24.82 30.03 7.46
C GLY B 75 24.61 30.39 8.92
N SER B 76 23.94 31.51 9.17
CA SER B 76 23.67 31.90 10.56
C SER B 76 22.37 32.71 10.61
N GLY B 77 21.90 33.02 11.83
CA GLY B 77 20.67 33.77 12.03
C GLY B 77 19.60 33.00 12.77
N SER B 78 18.55 33.73 13.18
CA SER B 78 17.31 33.19 13.78
C SER B 78 16.34 34.36 13.86
N GLY B 79 15.06 34.06 14.04
CA GLY B 79 14.09 35.13 14.04
C GLY B 79 13.85 35.62 12.62
N THR B 80 14.28 36.84 12.33
CA THR B 80 13.93 37.46 11.04
C THR B 80 15.16 37.70 10.23
N ASP B 81 16.31 37.65 10.88
CA ASP B 81 17.54 37.99 10.19
C ASP B 81 18.49 36.81 9.94
N PHE B 82 18.87 36.62 8.68
CA PHE B 82 19.69 35.46 8.34
C PHE B 82 20.79 35.90 7.34
N THR B 83 21.89 35.16 7.32
CA THR B 83 22.90 35.44 6.34
C THR B 83 23.61 34.18 5.86
N LEU B 84 23.95 34.21 4.58
CA LEU B 84 24.76 33.21 3.92
C LEU B 84 26.18 33.75 3.72
N THR B 85 27.19 33.00 4.13
CA THR B 85 28.57 33.41 3.96
C THR B 85 29.29 32.39 3.09
N ILE B 86 29.97 32.86 2.06
CA ILE B 86 30.91 32.04 1.33
C ILE B 86 32.30 32.53 1.68
N SER B 87 33.04 31.74 2.46
CA SER B 87 34.28 32.26 3.04
C SER B 87 35.29 32.61 1.95
N SER B 88 35.38 31.74 0.93
CA SER B 88 36.39 31.94 -0.11
C SER B 88 35.87 31.55 -1.50
N LEU B 89 35.39 32.56 -2.24
CA LEU B 89 34.65 32.35 -3.45
C LEU B 89 35.44 31.56 -4.46
N GLN B 90 34.82 30.50 -4.95
CA GLN B 90 35.40 29.63 -5.96
C GLN B 90 34.74 29.84 -7.35
N PRO B 91 35.50 29.56 -8.43
CA PRO B 91 35.00 29.73 -9.81
C PRO B 91 33.65 29.08 -10.04
N GLU B 92 33.46 27.89 -9.47
CA GLU B 92 32.18 27.17 -9.59
C GLU B 92 31.03 27.73 -8.71
N ASP B 93 31.30 28.74 -7.88
CA ASP B 93 30.20 29.23 -6.99
C ASP B 93 29.21 30.16 -7.71
N PHE B 94 29.47 30.51 -8.96
CA PHE B 94 28.53 31.45 -9.56
C PHE B 94 27.17 30.76 -9.77
N ALA B 95 26.12 31.49 -9.42
CA ALA B 95 24.79 30.94 -9.27
C ALA B 95 23.88 31.99 -8.60
N THR B 96 22.58 31.73 -8.62
CA THR B 96 21.67 32.58 -7.89
C THR B 96 21.40 31.83 -6.57
N TYR B 97 21.47 32.52 -5.42
CA TYR B 97 21.25 31.89 -4.11
C TYR B 97 19.96 32.40 -3.52
N TYR B 98 19.19 31.47 -2.93
CA TYR B 98 17.92 31.83 -2.40
C TYR B 98 17.87 31.45 -0.94
N CYS B 99 17.39 32.41 -0.14
CA CYS B 99 17.02 32.22 1.26
C CYS B 99 15.52 31.90 1.30
N GLN B 100 15.10 30.82 1.97
CA GLN B 100 13.64 30.47 2.03
C GLN B 100 13.20 29.92 3.40
N GLN B 101 12.18 30.53 4.00
CA GLN B 101 11.70 30.00 5.29
C GLN B 101 10.86 28.73 5.09
N HIS B 102 11.00 27.78 6.00
CA HIS B 102 10.21 26.59 6.01
C HIS B 102 9.60 26.44 7.36
N TYR B 103 9.18 27.57 7.91
CA TYR B 103 8.59 27.55 9.22
C TYR B 103 7.07 27.34 9.05
N THR B 104 6.51 27.96 8.03
CA THR B 104 5.13 27.74 7.69
C THR B 104 5.03 27.33 6.27
N THR B 105 3.85 26.86 5.87
CA THR B 105 3.62 26.54 4.48
C THR B 105 2.41 27.31 4.03
N PRO B 106 2.40 27.80 2.79
CA PRO B 106 3.23 27.44 1.65
C PRO B 106 4.47 28.34 1.58
N PRO B 107 5.49 27.85 0.88
CA PRO B 107 6.72 28.62 0.69
C PRO B 107 6.35 29.72 -0.26
N THR B 108 7.05 30.85 -0.20
CA THR B 108 6.80 31.91 -1.14
C THR B 108 8.18 32.31 -1.56
N PHE B 109 8.58 31.99 -2.78
CA PHE B 109 9.93 32.33 -3.23
C PHE B 109 10.01 33.74 -3.81
N GLY B 110 11.22 34.27 -3.89
CA GLY B 110 11.45 35.52 -4.60
C GLY B 110 12.65 35.49 -5.54
N CYS B 111 13.36 36.61 -5.63
CA CYS B 111 14.37 36.76 -6.68
C CYS B 111 15.77 36.26 -6.37
N GLY B 112 16.02 35.99 -5.09
CA GLY B 112 17.35 35.53 -4.69
C GLY B 112 18.48 36.52 -4.94
N THR B 113 19.71 36.04 -4.83
CA THR B 113 20.87 36.90 -5.08
C THR B 113 21.75 36.28 -6.14
N LYS B 114 21.91 37.00 -7.26
CA LYS B 114 22.75 36.52 -8.36
C LYS B 114 24.19 36.82 -8.02
N VAL B 115 25.01 35.77 -7.88
CA VAL B 115 26.47 35.90 -7.68
C VAL B 115 27.31 35.53 -8.92
N GLU B 116 28.02 36.53 -9.46
CA GLU B 116 28.94 36.36 -10.58
C GLU B 116 30.40 36.45 -10.17
N ILE B 117 31.26 35.74 -10.90
CA ILE B 117 32.69 35.89 -10.69
C ILE B 117 33.35 36.71 -11.81
N GLU B 135 19.79 5.89 -4.68
CA GLU B 135 19.63 7.17 -5.37
C GLU B 135 18.16 7.63 -5.61
N VAL B 136 17.85 8.73 -4.92
CA VAL B 136 16.62 9.49 -4.97
C VAL B 136 16.61 10.57 -6.11
N GLN B 137 15.53 10.66 -6.87
CA GLN B 137 15.35 11.76 -7.81
C GLN B 137 13.91 12.03 -8.19
N LEU B 138 13.67 13.25 -8.66
CA LEU B 138 12.42 13.61 -9.30
C LEU B 138 12.78 13.95 -10.76
N VAL B 139 12.09 13.31 -11.70
CA VAL B 139 12.28 13.67 -13.10
C VAL B 139 10.99 14.18 -13.71
N GLU B 140 11.05 15.39 -14.27
CA GLU B 140 9.88 16.02 -14.87
C GLU B 140 9.83 15.80 -16.36
N SER B 141 8.62 15.91 -16.92
CA SER B 141 8.40 15.77 -18.35
C SER B 141 7.07 16.38 -18.66
N GLY B 142 6.79 16.51 -19.95
CA GLY B 142 5.46 16.87 -20.41
C GLY B 142 5.44 18.31 -20.86
N GLY B 143 6.55 19.02 -20.68
CA GLY B 143 6.55 20.40 -21.08
C GLY B 143 6.46 20.52 -22.60
N GLY B 144 5.98 21.67 -23.09
CA GLY B 144 5.94 21.95 -24.52
C GLY B 144 5.34 23.29 -24.91
N LEU B 145 5.10 23.45 -26.22
CA LEU B 145 4.46 24.66 -26.74
C LEU B 145 2.95 24.44 -26.84
N VAL B 146 2.21 25.46 -26.43
CA VAL B 146 0.77 25.35 -26.47
C VAL B 146 0.26 26.75 -26.63
N GLN B 147 -1.02 26.88 -26.90
CA GLN B 147 -1.61 28.17 -27.17
C GLN B 147 -2.51 28.62 -26.07
N PRO B 148 -2.65 29.95 -25.93
CA PRO B 148 -3.53 30.58 -24.95
C PRO B 148 -4.87 29.88 -25.03
N GLY B 149 -5.46 29.61 -23.86
CA GLY B 149 -6.75 28.93 -23.78
C GLY B 149 -6.60 27.42 -23.79
N GLY B 150 -5.42 26.95 -24.22
CA GLY B 150 -5.15 25.52 -24.25
C GLY B 150 -4.80 24.95 -22.87
N SER B 151 -4.40 23.69 -22.90
CA SER B 151 -4.13 23.02 -21.66
C SER B 151 -2.99 22.00 -21.84
N LEU B 152 -2.39 21.61 -20.73
CA LEU B 152 -1.21 20.78 -20.77
C LEU B 152 -0.98 20.10 -19.40
N ARG B 153 -0.32 18.95 -19.42
CA ARG B 153 -0.10 18.23 -18.19
C ARG B 153 1.35 17.89 -17.94
N LEU B 154 1.94 18.43 -16.88
CA LEU B 154 3.29 18.09 -16.49
C LEU B 154 3.36 16.85 -15.58
N SER B 155 4.49 16.15 -15.63
CA SER B 155 4.71 14.97 -14.81
C SER B 155 5.95 15.11 -13.92
N CYS B 156 5.86 14.58 -12.70
CA CYS B 156 6.97 14.62 -11.75
C CYS B 156 7.23 13.23 -11.17
N ALA B 157 7.83 12.35 -11.96
CA ALA B 157 8.11 10.99 -11.53
C ALA B 157 9.14 10.93 -10.41
N ALA B 158 8.89 10.07 -9.43
CA ALA B 158 9.80 9.89 -8.31
C ALA B 158 10.58 8.58 -8.43
N SER B 159 11.85 8.55 -7.97
CA SER B 159 12.61 7.31 -7.84
C SER B 159 13.32 7.24 -6.51
N GLY B 160 13.32 6.06 -5.92
CA GLY B 160 14.11 5.81 -4.75
C GLY B 160 13.39 6.20 -3.46
N PHE B 161 12.15 6.63 -3.61
CA PHE B 161 11.34 6.96 -2.44
C PHE B 161 9.88 6.92 -2.87
N THR B 162 8.98 6.91 -1.90
CA THR B 162 7.57 6.86 -2.18
C THR B 162 6.99 8.25 -2.12
N ILE B 163 6.43 8.71 -3.23
CA ILE B 163 6.06 10.12 -3.42
C ILE B 163 4.96 10.57 -2.43
N SER B 164 4.06 9.64 -2.09
CA SER B 164 2.97 10.01 -1.19
C SER B 164 3.45 10.21 0.23
N ASP B 165 4.71 9.90 0.55
CA ASP B 165 5.24 10.22 1.89
C ASP B 165 5.55 11.72 2.01
N TYR B 166 5.44 12.48 0.90
CA TYR B 166 5.93 13.87 0.95
C TYR B 166 4.94 14.92 0.48
N TRP B 167 5.15 16.17 0.85
CA TRP B 167 4.50 17.19 0.08
C TRP B 167 5.17 17.16 -1.28
N ILE B 168 4.44 17.43 -2.36
CA ILE B 168 5.10 17.79 -3.62
C ILE B 168 4.69 19.21 -3.98
N HIS B 169 5.68 20.05 -4.28
CA HIS B 169 5.37 21.39 -4.76
C HIS B 169 5.78 21.58 -6.22
N TRP B 170 5.00 22.39 -6.93
CA TRP B 170 5.44 22.90 -8.19
C TRP B 170 5.82 24.35 -7.99
N VAL B 171 7.04 24.68 -8.41
CA VAL B 171 7.60 26.03 -8.39
C VAL B 171 8.00 26.39 -9.84
N ARG B 172 7.72 27.62 -10.26
CA ARG B 172 8.04 27.95 -11.63
C ARG B 172 8.95 29.19 -11.72
N GLN B 173 9.57 29.31 -12.91
CA GLN B 173 10.45 30.45 -13.25
C GLN B 173 10.26 30.93 -14.71
N ALA B 174 9.58 32.06 -14.83
CA ALA B 174 9.46 32.74 -16.10
C ALA B 174 10.86 33.22 -16.57
N PRO B 175 11.07 33.23 -17.88
CA PRO B 175 12.32 33.72 -18.45
C PRO B 175 12.73 35.08 -17.85
N GLY B 176 13.95 35.15 -17.30
CA GLY B 176 14.48 36.38 -16.72
C GLY B 176 13.62 36.85 -15.56
N LYS B 177 12.91 35.91 -14.97
CA LYS B 177 12.00 36.25 -13.91
C LYS B 177 12.34 35.44 -12.65
N CYS B 178 11.66 35.72 -11.54
CA CYS B 178 12.05 35.05 -10.31
C CYS B 178 11.30 33.75 -10.05
N LEU B 179 11.69 33.05 -9.00
CA LEU B 179 11.00 31.83 -8.56
C LEU B 179 9.60 32.14 -8.04
N GLU B 180 8.59 31.42 -8.52
CA GLU B 180 7.23 31.56 -8.02
C GLU B 180 6.59 30.18 -7.62
N TRP B 181 6.19 30.07 -6.36
CA TRP B 181 5.46 28.88 -5.94
C TRP B 181 4.11 28.85 -6.63
N VAL B 182 3.76 27.69 -7.16
CA VAL B 182 2.51 27.49 -7.89
C VAL B 182 1.47 26.59 -7.16
N ALA B 183 1.87 25.44 -6.66
CA ALA B 183 0.89 24.48 -6.05
C ALA B 183 1.54 23.43 -5.17
N GLY B 184 0.81 22.98 -4.16
CA GLY B 184 1.27 21.90 -3.29
C GLY B 184 0.20 20.86 -2.95
N ILE B 185 0.65 19.61 -2.84
CA ILE B 185 -0.22 18.55 -2.39
C ILE B 185 0.48 17.88 -1.21
N THR B 186 -0.28 17.62 -0.15
CA THR B 186 0.24 17.04 1.08
C THR B 186 0.44 15.53 0.95
N PRO B 187 1.20 14.96 1.87
CA PRO B 187 1.44 13.51 1.84
C PRO B 187 0.12 12.78 1.99
N ALA B 188 -0.06 11.72 1.19
CA ALA B 188 -1.28 10.92 1.22
C ALA B 188 -2.40 11.62 0.46
N GLY B 189 -2.07 12.74 -0.16
CA GLY B 189 -3.03 13.52 -0.91
C GLY B 189 -4.18 14.06 -0.09
N GLY B 190 -3.91 14.36 1.17
CA GLY B 190 -4.92 14.91 2.06
C GLY B 190 -5.43 16.28 1.67
N TYR B 191 -4.52 17.14 1.24
CA TYR B 191 -4.87 18.50 0.85
C TYR B 191 -4.05 19.00 -0.33
N THR B 192 -4.60 19.99 -1.03
CA THR B 192 -3.89 20.67 -2.05
C THR B 192 -4.01 22.16 -1.83
N TYR B 193 -3.01 22.89 -2.35
CA TYR B 193 -2.88 24.38 -2.25
C TYR B 193 -2.47 24.96 -3.59
N TYR B 194 -2.95 26.15 -3.86
CA TYR B 194 -2.63 26.83 -5.12
C TYR B 194 -2.28 28.33 -4.89
N ALA B 195 -1.27 28.84 -5.59
CA ALA B 195 -1.10 30.32 -5.69
C ALA B 195 -2.35 30.95 -6.32
N ASP B 196 -2.68 32.17 -5.92
CA ASP B 196 -3.83 32.84 -6.50
C ASP B 196 -3.70 32.93 -8.03
N SER B 197 -2.49 32.92 -8.55
CA SER B 197 -2.32 33.13 -9.96
C SER B 197 -2.72 31.95 -10.79
N VAL B 198 -2.92 30.78 -10.18
CA VAL B 198 -3.30 29.59 -10.95
C VAL B 198 -4.57 28.93 -10.34
N LYS B 199 -5.07 29.50 -9.24
CA LYS B 199 -6.17 28.85 -8.55
C LYS B 199 -7.40 28.77 -9.47
N GLY B 200 -8.05 27.62 -9.53
CA GLY B 200 -9.23 27.45 -10.38
C GLY B 200 -8.90 27.06 -11.80
N ARG B 201 -7.63 27.17 -12.19
CA ARG B 201 -7.20 26.78 -13.56
C ARG B 201 -6.29 25.54 -13.58
N PHE B 202 -5.42 25.37 -12.57
CA PHE B 202 -4.50 24.21 -12.51
C PHE B 202 -4.90 23.20 -11.44
N THR B 203 -4.56 21.91 -11.62
CA THR B 203 -4.87 20.96 -10.60
C THR B 203 -3.61 20.26 -10.24
N ILE B 204 -3.35 20.01 -8.96
CA ILE B 204 -2.14 19.25 -8.65
C ILE B 204 -2.61 17.90 -8.15
N SER B 205 -1.91 16.85 -8.56
CA SER B 205 -2.39 15.51 -8.22
C SER B 205 -1.25 14.48 -8.22
N ALA B 206 -1.58 13.21 -8.02
CA ALA B 206 -0.59 12.19 -8.22
C ALA B 206 -1.24 10.86 -8.56
N ASP B 207 -0.45 9.96 -9.13
CA ASP B 207 -0.90 8.60 -9.33
C ASP B 207 0.11 7.74 -8.57
N THR B 208 -0.36 7.15 -7.48
CA THR B 208 0.56 6.40 -6.61
C THR B 208 1.06 5.14 -7.27
N SER B 209 0.22 4.48 -8.05
CA SER B 209 0.70 3.27 -8.75
C SER B 209 1.87 3.59 -9.70
N LYS B 210 1.93 4.83 -10.17
CA LYS B 210 3.07 5.24 -10.99
C LYS B 210 4.12 6.06 -10.25
N ASN B 211 3.85 6.25 -8.95
CA ASN B 211 4.76 6.97 -8.13
C ASN B 211 5.16 8.32 -8.77
N THR B 212 4.15 9.03 -9.26
CA THR B 212 4.37 10.23 -10.09
C THR B 212 3.35 11.28 -9.74
N ALA B 213 3.81 12.52 -9.57
CA ALA B 213 2.88 13.65 -9.34
C ALA B 213 2.65 14.42 -10.65
N TYR B 214 1.59 15.23 -10.67
CA TYR B 214 1.18 15.94 -11.88
C TYR B 214 0.77 17.35 -11.58
N LEU B 215 0.89 18.21 -12.59
CA LEU B 215 0.28 19.52 -12.57
C LEU B 215 -0.53 19.56 -13.89
N GLN B 216 -1.83 19.58 -13.78
CA GLN B 216 -2.68 19.66 -14.95
C GLN B 216 -2.99 21.15 -15.05
N MET B 217 -2.60 21.73 -16.16
CA MET B 217 -2.78 23.17 -16.40
C MET B 217 -3.83 23.41 -17.48
N ASN B 218 -4.94 24.08 -17.11
CA ASN B 218 -6.00 24.45 -18.05
C ASN B 218 -6.03 25.97 -18.23
N SER B 219 -6.77 26.41 -19.27
CA SER B 219 -6.89 27.84 -19.57
C SER B 219 -5.53 28.57 -19.49
N LEU B 220 -4.53 28.01 -20.19
CA LEU B 220 -3.19 28.60 -20.20
C LEU B 220 -3.15 30.03 -20.70
N ARG B 221 -2.29 30.82 -20.07
CA ARG B 221 -2.10 32.22 -20.42
C ARG B 221 -0.63 32.36 -20.77
N ALA B 222 -0.29 33.43 -21.51
CA ALA B 222 1.11 33.75 -21.76
C ALA B 222 1.94 33.86 -20.48
N GLU B 223 1.46 34.57 -19.43
CA GLU B 223 2.11 34.55 -18.08
C GLU B 223 2.55 33.15 -17.61
N ASP B 224 1.91 32.10 -18.11
CA ASP B 224 2.19 30.75 -17.58
C ASP B 224 3.43 30.14 -18.18
N THR B 225 4.01 30.84 -19.16
CA THR B 225 5.24 30.42 -19.78
C THR B 225 6.34 30.44 -18.75
N ALA B 226 6.99 29.31 -18.58
CA ALA B 226 8.10 29.22 -17.64
C ALA B 226 8.69 27.86 -17.66
N VAL B 227 9.85 27.76 -16.99
CA VAL B 227 10.40 26.46 -16.55
C VAL B 227 9.65 25.99 -15.29
N TYR B 228 9.16 24.77 -15.27
CA TYR B 228 8.44 24.28 -14.08
C TYR B 228 9.26 23.23 -13.35
N TYR B 229 9.46 23.46 -12.05
CA TYR B 229 10.10 22.46 -11.20
C TYR B 229 9.11 21.87 -10.22
N CYS B 230 9.36 20.63 -9.86
CA CYS B 230 8.72 20.05 -8.70
C CYS B 230 9.80 19.69 -7.64
N ALA B 231 9.36 19.58 -6.41
CA ALA B 231 10.29 19.37 -5.30
C ALA B 231 9.49 18.83 -4.13
N ARG B 232 10.18 18.04 -3.31
CA ARG B 232 9.52 17.36 -2.22
C ARG B 232 9.86 18.04 -0.93
N PHE B 233 8.95 17.95 0.02
CA PHE B 233 9.13 18.58 1.34
C PHE B 233 8.33 17.87 2.41
N VAL B 234 8.88 17.88 3.62
CA VAL B 234 8.10 17.54 4.81
C VAL B 234 8.67 18.37 5.97
N PHE B 235 7.95 18.44 7.10
CA PHE B 235 8.50 19.16 8.24
C PHE B 235 9.45 18.30 9.07
N PHE B 236 9.68 17.07 8.64
CA PHE B 236 10.70 16.24 9.26
C PHE B 236 12.05 16.76 8.76
N LEU B 237 13.14 16.45 9.45
CA LEU B 237 14.45 16.91 9.04
C LEU B 237 14.75 16.41 7.64
N PRO B 238 15.35 17.24 6.82
CA PRO B 238 15.86 18.56 7.23
C PRO B 238 14.85 19.69 7.11
N TYR B 239 13.61 19.37 6.73
CA TYR B 239 12.56 20.37 6.51
C TYR B 239 12.98 21.45 5.54
N ALA B 240 13.61 20.99 4.45
CA ALA B 240 14.04 21.82 3.35
C ALA B 240 13.68 21.07 2.07
N MET B 241 13.53 21.79 0.97
CA MET B 241 13.20 21.17 -0.30
C MET B 241 14.45 20.50 -0.77
N ASP B 242 14.62 19.26 -0.37
CA ASP B 242 15.94 18.64 -0.51
C ASP B 242 16.15 17.96 -1.86
N TYR B 243 15.07 17.55 -2.53
CA TYR B 243 15.21 17.10 -3.91
C TYR B 243 14.30 17.87 -4.84
N TRP B 244 14.85 18.30 -5.98
CA TRP B 244 14.12 18.97 -7.04
C TRP B 244 14.27 18.19 -8.34
N GLY B 245 13.31 18.34 -9.23
CA GLY B 245 13.47 17.80 -10.58
C GLY B 245 14.25 18.77 -11.45
N GLN B 246 14.64 18.35 -12.63
CA GLN B 246 15.51 19.19 -13.45
C GLN B 246 14.73 20.34 -14.12
N GLY B 247 13.40 20.25 -14.11
CA GLY B 247 12.59 21.27 -14.74
C GLY B 247 12.11 20.89 -16.13
N THR B 248 11.01 21.54 -16.56
CA THR B 248 10.46 21.31 -17.87
C THR B 248 9.87 22.61 -18.32
N LEU B 249 10.11 22.95 -19.57
CA LEU B 249 9.72 24.26 -20.09
C LEU B 249 8.30 24.26 -20.66
N VAL B 250 7.49 25.22 -20.22
CA VAL B 250 6.18 25.42 -20.79
C VAL B 250 6.15 26.79 -21.47
N THR B 251 5.94 26.74 -22.78
CA THR B 251 5.85 27.96 -23.61
C THR B 251 4.42 28.18 -24.09
N VAL B 252 3.84 29.30 -23.70
CA VAL B 252 2.46 29.62 -24.12
C VAL B 252 2.48 30.66 -25.24
N GLY C 11 0.25 -36.35 -6.93
CA GLY C 11 0.07 -35.88 -8.30
C GLY C 11 -1.18 -35.02 -8.51
N ASP C 12 -1.81 -35.12 -9.68
CA ASP C 12 -3.16 -34.57 -9.85
C ASP C 12 -4.21 -35.35 -9.01
N ILE C 13 -5.17 -34.65 -8.45
CA ILE C 13 -6.18 -35.31 -7.65
C ILE C 13 -7.43 -35.59 -8.47
N GLN C 14 -7.87 -36.85 -8.47
CA GLN C 14 -9.04 -37.29 -9.22
C GLN C 14 -10.32 -37.29 -8.37
N MET C 15 -11.41 -36.81 -8.96
CA MET C 15 -12.71 -36.85 -8.32
C MET C 15 -13.61 -37.85 -9.06
N THR C 16 -14.29 -38.70 -8.30
CA THR C 16 -15.22 -39.66 -8.92
C THR C 16 -16.53 -39.56 -8.17
N GLN C 17 -17.63 -39.51 -8.89
CA GLN C 17 -18.92 -39.39 -8.25
C GLN C 17 -19.76 -40.66 -8.51
N SER C 18 -20.75 -40.87 -7.65
CA SER C 18 -21.73 -41.90 -7.89
C SER C 18 -23.06 -41.50 -7.36
N PRO C 19 -24.13 -41.82 -8.10
CA PRO C 19 -24.02 -42.38 -9.44
C PRO C 19 -23.61 -41.30 -10.43
N SER C 20 -23.43 -41.65 -11.71
CA SER C 20 -23.15 -40.65 -12.72
C SER C 20 -24.42 -40.04 -13.30
N SER C 21 -25.55 -40.76 -13.19
CA SER C 21 -26.85 -40.08 -13.43
C SER C 21 -27.96 -40.73 -12.66
N LEU C 22 -29.04 -40.00 -12.52
CA LEU C 22 -30.19 -40.55 -11.86
C LEU C 22 -31.41 -39.71 -12.23
N SER C 23 -32.59 -40.35 -12.18
CA SER C 23 -33.90 -39.70 -12.31
C SER C 23 -34.67 -39.95 -11.02
N ALA C 24 -35.33 -38.91 -10.53
CA ALA C 24 -36.14 -39.02 -9.35
C ALA C 24 -37.38 -38.18 -9.55
N SER C 25 -38.25 -38.14 -8.55
CA SER C 25 -39.44 -37.32 -8.67
C SER C 25 -39.46 -36.16 -7.73
N VAL C 26 -40.22 -35.14 -8.10
CA VAL C 26 -40.40 -34.01 -7.22
C VAL C 26 -40.71 -34.50 -5.81
N GLY C 27 -39.95 -33.98 -4.85
CA GLY C 27 -40.14 -34.33 -3.45
C GLY C 27 -39.15 -35.39 -2.96
N ASP C 28 -38.51 -36.10 -3.90
CA ASP C 28 -37.56 -37.11 -3.42
C ASP C 28 -36.35 -36.48 -2.68
N ARG C 29 -35.73 -37.27 -1.84
CA ARG C 29 -34.44 -36.92 -1.32
C ARG C 29 -33.38 -37.55 -2.20
N VAL C 30 -32.41 -36.75 -2.62
CA VAL C 30 -31.38 -37.21 -3.54
C VAL C 30 -30.00 -37.00 -2.92
N THR C 31 -29.16 -38.02 -2.99
CA THR C 31 -27.80 -37.89 -2.50
C THR C 31 -26.83 -38.38 -3.54
N ILE C 32 -25.74 -37.61 -3.70
CA ILE C 32 -24.78 -37.93 -4.72
C ILE C 32 -23.50 -38.02 -3.93
N THR C 33 -22.73 -39.08 -4.11
CA THR C 33 -21.49 -39.15 -3.37
C THR C 33 -20.32 -38.85 -4.25
N CYS C 34 -19.27 -38.41 -3.59
CA CYS C 34 -18.07 -38.02 -4.30
C CYS C 34 -16.85 -38.52 -3.53
N ARG C 35 -15.89 -39.00 -4.28
CA ARG C 35 -14.64 -39.43 -3.69
C ARG C 35 -13.42 -38.74 -4.32
N ALA C 36 -12.54 -38.22 -3.47
CA ALA C 36 -11.21 -37.76 -3.95
C ALA C 36 -10.15 -38.87 -3.82
N SER C 37 -9.27 -38.93 -4.80
CA SER C 37 -8.15 -39.86 -4.81
C SER C 37 -7.11 -39.63 -3.70
N GLN C 38 -7.17 -38.48 -3.01
CA GLN C 38 -6.30 -38.19 -1.84
C GLN C 38 -7.04 -37.33 -0.82
N ASP C 39 -6.49 -37.24 0.38
CA ASP C 39 -7.19 -36.41 1.34
C ASP C 39 -7.20 -34.96 0.89
N VAL C 40 -8.36 -34.33 0.91
CA VAL C 40 -8.48 -32.95 0.49
C VAL C 40 -9.01 -32.08 1.62
N SER C 41 -8.95 -32.60 2.84
CA SER C 41 -9.47 -31.90 3.99
C SER C 41 -10.96 -31.66 3.72
N THR C 42 -11.42 -30.44 3.92
CA THR C 42 -12.81 -30.08 3.66
C THR C 42 -12.91 -29.09 2.50
N ALA C 43 -11.84 -29.03 1.70
CA ALA C 43 -11.74 -28.01 0.64
C ALA C 43 -12.40 -28.55 -0.65
N VAL C 44 -13.73 -28.78 -0.58
CA VAL C 44 -14.49 -29.30 -1.70
C VAL C 44 -15.65 -28.37 -2.05
N ALA C 45 -15.90 -28.17 -3.34
CA ALA C 45 -17.05 -27.36 -3.69
C ALA C 45 -17.97 -28.19 -4.54
N TRP C 46 -19.26 -27.86 -4.51
CA TRP C 46 -20.23 -28.46 -5.45
C TRP C 46 -20.84 -27.39 -6.37
N TYR C 47 -20.95 -27.77 -7.63
CA TYR C 47 -21.52 -26.93 -8.67
C TYR C 47 -22.76 -27.54 -9.36
N GLN C 48 -23.63 -26.65 -9.80
CA GLN C 48 -24.79 -27.06 -10.58
C GLN C 48 -24.70 -26.50 -11.99
N GLN C 49 -24.82 -27.38 -12.96
CA GLN C 49 -24.74 -26.93 -14.34
C GLN C 49 -26.03 -27.30 -15.09
N LYS C 50 -26.85 -26.29 -15.38
CA LYS C 50 -28.01 -26.46 -16.25
C LYS C 50 -27.53 -26.70 -17.66
N PRO C 51 -28.33 -27.42 -18.45
CA PRO C 51 -27.98 -27.71 -19.85
C PRO C 51 -27.81 -26.42 -20.62
N GLY C 52 -26.71 -26.35 -21.37
CA GLY C 52 -26.36 -25.14 -22.08
C GLY C 52 -25.96 -23.97 -21.19
N LYS C 53 -25.46 -24.24 -19.98
CA LYS C 53 -25.07 -23.13 -19.14
C LYS C 53 -23.71 -23.39 -18.50
N ALA C 54 -23.15 -22.34 -17.94
CA ALA C 54 -21.96 -22.45 -17.11
C ALA C 54 -22.39 -22.95 -15.75
N PRO C 55 -21.54 -23.74 -15.11
CA PRO C 55 -21.70 -24.23 -13.74
C PRO C 55 -21.88 -23.06 -12.78
N LYS C 56 -22.62 -23.31 -11.71
CA LYS C 56 -22.75 -22.32 -10.64
C LYS C 56 -22.43 -22.96 -9.31
N LEU C 57 -21.75 -22.18 -8.48
CA LEU C 57 -21.33 -22.66 -7.18
C LEU C 57 -22.58 -22.85 -6.29
N LEU C 58 -22.76 -24.05 -5.76
CA LEU C 58 -23.78 -24.28 -4.70
C LEU C 58 -23.21 -24.30 -3.27
N ILE C 59 -22.17 -25.11 -3.09
CA ILE C 59 -21.59 -25.34 -1.78
C ILE C 59 -20.05 -25.15 -1.81
N TYR C 60 -19.51 -24.48 -0.80
CA TYR C 60 -18.07 -24.29 -0.72
C TYR C 60 -17.60 -24.76 0.64
N SER C 61 -16.35 -25.20 0.71
CA SER C 61 -15.77 -25.69 1.95
C SER C 61 -16.58 -26.87 2.50
N ALA C 62 -17.05 -27.72 1.59
CA ALA C 62 -17.78 -28.94 1.93
C ALA C 62 -19.21 -28.78 2.46
N SER C 63 -19.40 -28.04 3.54
CA SER C 63 -20.72 -27.87 4.15
C SER C 63 -21.36 -26.49 4.07
N PHE C 64 -20.79 -25.56 3.31
CA PHE C 64 -21.33 -24.20 3.30
C PHE C 64 -22.12 -23.82 2.05
N LEU C 65 -23.31 -23.25 2.27
CA LEU C 65 -24.16 -22.81 1.19
C LEU C 65 -23.64 -21.48 0.64
N TYR C 66 -23.39 -21.46 -0.67
CA TYR C 66 -23.07 -20.23 -1.31
C TYR C 66 -24.34 -19.34 -1.26
N SER C 67 -24.17 -18.03 -1.19
CA SER C 67 -25.32 -17.15 -0.91
C SER C 67 -26.27 -17.20 -2.09
N GLY C 68 -27.57 -17.31 -1.78
CA GLY C 68 -28.62 -17.36 -2.78
C GLY C 68 -29.01 -18.78 -3.12
N VAL C 69 -28.28 -19.75 -2.60
CA VAL C 69 -28.61 -21.14 -2.87
C VAL C 69 -29.61 -21.63 -1.83
N PRO C 70 -30.62 -22.35 -2.28
CA PRO C 70 -31.71 -22.72 -1.37
C PRO C 70 -31.24 -23.79 -0.37
N SER C 71 -31.87 -23.79 0.80
CA SER C 71 -31.45 -24.63 1.94
C SER C 71 -31.78 -26.11 1.79
N ARG C 72 -32.49 -26.47 0.75
CA ARG C 72 -32.71 -27.87 0.52
C ARG C 72 -31.42 -28.52 0.07
N PHE C 73 -30.43 -27.67 -0.32
CA PHE C 73 -29.15 -28.20 -0.75
C PHE C 73 -28.27 -28.24 0.46
N SER C 74 -27.66 -29.38 0.73
CA SER C 74 -26.62 -29.40 1.75
C SER C 74 -25.42 -30.29 1.37
N GLY C 75 -24.29 -30.08 2.05
CA GLY C 75 -23.15 -30.94 1.79
C GLY C 75 -22.42 -31.38 3.03
N SER C 76 -21.69 -32.50 2.92
CA SER C 76 -20.94 -33.01 4.08
C SER C 76 -19.72 -33.78 3.64
N GLY C 77 -18.87 -34.16 4.60
CA GLY C 77 -17.66 -34.91 4.30
C GLY C 77 -16.36 -34.17 4.70
N SER C 78 -15.27 -34.93 4.64
CA SER C 78 -13.91 -34.45 4.83
C SER C 78 -13.01 -35.63 4.47
N GLY C 79 -11.72 -35.34 4.27
CA GLY C 79 -10.80 -36.36 3.78
C GLY C 79 -11.05 -36.72 2.30
N THR C 80 -11.49 -37.94 2.05
CA THR C 80 -11.68 -38.40 0.66
C THR C 80 -13.14 -38.55 0.31
N ASP C 81 -14.00 -38.54 1.31
CA ASP C 81 -15.40 -38.85 1.06
C ASP C 81 -16.35 -37.66 1.27
N PHE C 82 -17.14 -37.38 0.23
CA PHE C 82 -18.07 -36.26 0.29
C PHE C 82 -19.40 -36.63 -0.30
N THR C 83 -20.44 -35.93 0.17
CA THR C 83 -21.74 -36.11 -0.41
C THR C 83 -22.54 -34.82 -0.51
N LEU C 84 -23.36 -34.75 -1.56
CA LEU C 84 -24.31 -33.69 -1.81
C LEU C 84 -25.69 -34.25 -1.57
N THR C 85 -26.47 -33.54 -0.77
CA THR C 85 -27.85 -33.97 -0.54
C THR C 85 -28.83 -32.91 -0.95
N ILE C 86 -29.83 -33.31 -1.75
CA ILE C 86 -30.95 -32.43 -2.05
C ILE C 86 -32.13 -33.00 -1.28
N SER C 87 -32.60 -32.28 -0.27
CA SER C 87 -33.54 -32.87 0.67
C SER C 87 -34.91 -33.15 0.03
N SER C 88 -35.38 -32.20 -0.78
CA SER C 88 -36.66 -32.39 -1.46
C SER C 88 -36.62 -31.88 -2.88
N LEU C 89 -36.40 -32.79 -3.82
CA LEU C 89 -36.09 -32.43 -5.20
C LEU C 89 -37.18 -31.58 -5.82
N GLN C 90 -36.78 -30.46 -6.42
CA GLN C 90 -37.67 -29.51 -7.09
C GLN C 90 -37.50 -29.58 -8.64
N PRO C 91 -38.56 -29.22 -9.39
CA PRO C 91 -38.58 -29.27 -10.85
C PRO C 91 -37.40 -28.57 -11.45
N GLU C 92 -36.98 -27.46 -10.84
CA GLU C 92 -35.86 -26.68 -11.37
C GLU C 92 -34.48 -27.29 -10.98
N ASP C 93 -34.46 -28.40 -10.24
CA ASP C 93 -33.16 -28.96 -9.82
C ASP C 93 -32.46 -29.82 -10.88
N PHE C 94 -33.11 -30.04 -12.00
CA PHE C 94 -32.47 -30.89 -12.99
C PHE C 94 -31.26 -30.15 -13.52
N ALA C 95 -30.16 -30.87 -13.61
CA ALA C 95 -28.84 -30.31 -13.91
C ALA C 95 -27.80 -31.40 -13.76
N THR C 96 -26.58 -31.12 -14.22
CA THR C 96 -25.46 -31.98 -13.89
C THR C 96 -24.74 -31.36 -12.67
N TYR C 97 -24.45 -32.18 -11.66
CA TYR C 97 -23.77 -31.68 -10.44
C TYR C 97 -22.36 -32.20 -10.33
N TYR C 98 -21.43 -31.28 -10.02
CA TYR C 98 -20.04 -31.64 -9.96
C TYR C 98 -19.48 -31.39 -8.58
N CYS C 99 -18.72 -32.36 -8.12
CA CYS C 99 -17.90 -32.32 -6.91
C CYS C 99 -16.51 -31.95 -7.37
N GLN C 100 -15.90 -30.89 -6.86
CA GLN C 100 -14.50 -30.57 -7.23
C GLN C 100 -13.62 -30.17 -6.02
N GLN C 101 -12.45 -30.78 -5.88
CA GLN C 101 -11.56 -30.37 -4.79
C GLN C 101 -10.80 -29.05 -5.12
N HIS C 102 -10.58 -28.21 -4.13
CA HIS C 102 -9.79 -27.03 -4.33
C HIS C 102 -8.75 -27.00 -3.24
N TYR C 103 -8.25 -28.16 -2.91
CA TYR C 103 -7.21 -28.24 -1.94
C TYR C 103 -5.86 -27.95 -2.62
N THR C 104 -5.70 -28.47 -3.83
CA THR C 104 -4.54 -28.16 -4.60
C THR C 104 -4.90 -27.65 -5.96
N THR C 105 -3.92 -27.21 -6.69
CA THR C 105 -4.21 -26.71 -8.03
C THR C 105 -3.20 -27.39 -8.93
N PRO C 106 -3.62 -27.78 -10.12
CA PRO C 106 -4.81 -27.36 -10.84
C PRO C 106 -6.01 -28.28 -10.58
N PRO C 107 -7.19 -27.74 -10.81
CA PRO C 107 -8.41 -28.50 -10.64
C PRO C 107 -8.42 -29.46 -11.79
N THR C 108 -9.08 -30.60 -11.60
CA THR C 108 -9.19 -31.59 -12.64
C THR C 108 -10.63 -32.01 -12.61
N PHE C 109 -11.44 -31.57 -13.59
CA PHE C 109 -12.86 -31.88 -13.59
C PHE C 109 -13.12 -33.23 -14.25
N GLY C 110 -14.32 -33.76 -14.00
CA GLY C 110 -14.77 -34.99 -14.64
C GLY C 110 -16.21 -34.91 -15.10
N CYS C 111 -16.93 -36.01 -15.03
CA CYS C 111 -18.26 -36.05 -15.65
C CYS C 111 -19.48 -35.62 -14.81
N GLY C 112 -19.31 -35.52 -13.50
CA GLY C 112 -20.40 -35.10 -12.65
C GLY C 112 -21.56 -36.12 -12.63
N THR C 113 -22.69 -35.66 -12.14
CA THR C 113 -23.81 -36.54 -11.96
C THR C 113 -25.02 -35.85 -12.55
N LYS C 114 -25.56 -36.47 -13.59
CA LYS C 114 -26.69 -35.89 -14.31
C LYS C 114 -27.93 -36.20 -13.53
N VAL C 115 -28.64 -35.17 -13.06
CA VAL C 115 -29.92 -35.36 -12.36
C VAL C 115 -31.15 -34.92 -13.18
N GLU C 116 -32.00 -35.90 -13.51
CA GLU C 116 -33.25 -35.64 -14.24
C GLU C 116 -34.49 -35.75 -13.35
N ILE C 117 -35.55 -35.03 -13.70
CA ILE C 117 -36.84 -35.23 -13.01
C ILE C 117 -37.86 -35.94 -13.88
N GLU C 135 -22.04 -5.23 -9.84
CA GLU C 135 -22.34 -6.51 -10.50
C GLU C 135 -21.08 -7.19 -11.10
N VAL C 136 -20.68 -8.31 -10.46
CA VAL C 136 -19.53 -9.10 -10.90
C VAL C 136 -19.95 -10.06 -12.03
N GLN C 137 -19.15 -10.08 -13.11
CA GLN C 137 -19.29 -11.11 -14.14
C GLN C 137 -18.07 -11.26 -15.05
N LEU C 138 -18.01 -12.42 -15.71
CA LEU C 138 -17.03 -12.70 -16.74
C LEU C 138 -17.86 -12.93 -17.99
N VAL C 139 -17.49 -12.22 -19.05
CA VAL C 139 -18.15 -12.41 -20.34
C VAL C 139 -17.18 -12.84 -21.43
N GLU C 140 -17.39 -14.03 -21.97
CA GLU C 140 -16.54 -14.59 -23.01
C GLU C 140 -17.01 -14.24 -24.40
N SER C 141 -16.09 -14.35 -25.35
CA SER C 141 -16.37 -14.05 -26.75
C SER C 141 -15.22 -14.54 -27.58
N GLY C 142 -15.40 -14.45 -28.89
CA GLY C 142 -14.31 -14.80 -29.79
C GLY C 142 -14.44 -16.22 -30.29
N GLY C 143 -15.45 -16.97 -29.82
CA GLY C 143 -15.68 -18.32 -30.34
C GLY C 143 -16.04 -18.27 -31.83
N GLY C 144 -15.78 -19.38 -32.53
CA GLY C 144 -16.17 -19.49 -33.92
C GLY C 144 -15.77 -20.81 -34.58
N LEU C 145 -16.07 -20.91 -35.88
CA LEU C 145 -15.65 -22.06 -36.68
C LEU C 145 -14.28 -21.79 -37.28
N VAL C 146 -13.42 -22.80 -37.20
CA VAL C 146 -12.10 -22.66 -37.76
C VAL C 146 -11.69 -24.06 -38.19
N GLN C 147 -10.59 -24.12 -38.93
CA GLN C 147 -10.10 -25.37 -39.51
C GLN C 147 -8.90 -25.89 -38.83
N PRO C 148 -8.72 -27.22 -38.94
CA PRO C 148 -7.60 -27.92 -38.32
C PRO C 148 -6.33 -27.21 -38.74
N GLY C 149 -5.40 -27.04 -37.78
CA GLY C 149 -4.16 -26.35 -38.06
C GLY C 149 -4.31 -24.84 -37.98
N GLY C 150 -5.55 -24.36 -37.93
CA GLY C 150 -5.78 -22.93 -37.73
C GLY C 150 -5.54 -22.49 -36.27
N SER C 151 -5.89 -21.22 -36.06
CA SER C 151 -5.76 -20.66 -34.74
C SER C 151 -6.87 -19.66 -34.44
N LEU C 152 -7.07 -19.40 -33.15
CA LEU C 152 -8.19 -18.59 -32.72
C LEU C 152 -7.89 -18.02 -31.33
N ARG C 153 -8.50 -16.88 -31.02
CA ARG C 153 -8.29 -16.29 -29.72
C ARG C 153 -9.58 -15.95 -28.98
N LEU C 154 -9.79 -16.60 -27.83
CA LEU C 154 -10.94 -16.35 -26.94
C LEU C 154 -10.69 -15.19 -25.94
N SER C 155 -11.76 -14.49 -25.61
CA SER C 155 -11.70 -13.37 -24.68
C SER C 155 -12.56 -13.60 -23.45
N CYS C 156 -12.05 -13.20 -22.28
CA CYS C 156 -12.76 -13.36 -21.02
C CYS C 156 -12.77 -12.04 -20.26
N ALA C 157 -13.59 -11.11 -20.71
CA ALA C 157 -13.67 -9.80 -20.07
C ALA C 157 -14.31 -9.85 -18.68
N ALA C 158 -13.74 -9.11 -17.74
CA ALA C 158 -14.25 -9.03 -16.38
C ALA C 158 -14.98 -7.70 -16.05
N SER C 159 -15.99 -7.78 -15.16
CA SER C 159 -16.67 -6.58 -14.64
C SER C 159 -16.90 -6.69 -13.17
N GLY C 160 -16.71 -5.58 -12.48
CA GLY C 160 -17.05 -5.52 -11.07
C GLY C 160 -15.93 -6.02 -10.20
N PHE C 161 -14.80 -6.42 -10.83
CA PHE C 161 -13.62 -6.82 -10.07
C PHE C 161 -12.38 -6.78 -10.91
N THR C 162 -11.23 -6.74 -10.26
CA THR C 162 -9.98 -6.62 -10.99
C THR C 162 -9.44 -7.99 -11.30
N ILE C 163 -9.28 -8.28 -12.60
CA ILE C 163 -8.98 -9.64 -13.02
C ILE C 163 -7.63 -10.11 -12.49
N SER C 164 -6.69 -9.19 -12.32
CA SER C 164 -5.37 -9.62 -11.96
C SER C 164 -5.31 -9.97 -10.48
N ASP C 165 -6.43 -9.79 -9.75
CA ASP C 165 -6.46 -10.23 -8.36
C ASP C 165 -6.72 -11.73 -8.24
N TYR C 166 -6.98 -12.42 -9.34
CA TYR C 166 -7.41 -13.84 -9.23
C TYR C 166 -6.66 -14.78 -10.13
N TRP C 167 -6.82 -16.06 -9.89
CA TRP C 167 -6.45 -16.96 -10.95
C TRP C 167 -7.58 -16.80 -11.95
N ILE C 168 -7.26 -16.97 -13.23
CA ILE C 168 -8.32 -17.25 -14.21
C ILE C 168 -8.04 -18.60 -14.86
N HIS C 169 -9.07 -19.43 -14.91
CA HIS C 169 -8.97 -20.73 -15.53
C HIS C 169 -9.87 -20.79 -16.76
N TRP C 170 -9.42 -21.59 -17.72
CA TRP C 170 -10.22 -21.94 -18.87
C TRP C 170 -10.53 -23.41 -18.71
N VAL C 171 -11.83 -23.69 -18.73
CA VAL C 171 -12.36 -25.04 -18.64
C VAL C 171 -13.22 -25.28 -19.88
N ARG C 172 -13.05 -26.43 -20.52
CA ARG C 172 -13.89 -26.72 -21.68
C ARG C 172 -14.79 -27.97 -21.58
N GLN C 173 -15.75 -28.00 -22.48
CA GLN C 173 -16.68 -29.13 -22.58
C GLN C 173 -16.99 -29.44 -24.05
N ALA C 174 -16.47 -30.58 -24.46
CA ALA C 174 -16.79 -31.11 -25.77
C ALA C 174 -18.25 -31.52 -25.77
N PRO C 175 -18.91 -31.38 -26.93
CA PRO C 175 -20.29 -31.90 -27.07
C PRO C 175 -20.46 -33.32 -26.50
N GLY C 176 -21.44 -33.51 -25.59
CA GLY C 176 -21.74 -34.80 -25.00
C GLY C 176 -20.54 -35.33 -24.25
N LYS C 177 -19.64 -34.43 -23.89
CA LYS C 177 -18.44 -34.83 -23.20
C LYS C 177 -18.32 -34.19 -21.80
N CYS C 178 -17.31 -34.58 -21.04
CA CYS C 178 -17.25 -34.03 -19.71
C CYS C 178 -16.48 -32.71 -19.59
N LEU C 179 -16.44 -32.14 -18.40
CA LEU C 179 -15.66 -30.92 -18.15
C LEU C 179 -14.16 -31.23 -18.19
N GLU C 180 -13.39 -30.42 -18.90
CA GLU C 180 -11.92 -30.57 -18.92
C GLU C 180 -11.17 -29.23 -18.61
N TRP C 181 -10.35 -29.23 -17.56
CA TRP C 181 -9.54 -28.05 -17.30
C TRP C 181 -8.50 -27.90 -18.39
N VAL C 182 -8.31 -26.69 -18.84
CA VAL C 182 -7.38 -26.42 -19.95
C VAL C 182 -6.11 -25.57 -19.56
N ALA C 183 -6.31 -24.47 -18.86
CA ALA C 183 -5.16 -23.60 -18.55
C ALA C 183 -5.50 -22.63 -17.43
N GLY C 184 -4.46 -22.15 -16.75
CA GLY C 184 -4.66 -21.31 -15.57
C GLY C 184 -3.53 -20.28 -15.59
N ILE C 185 -3.88 -19.04 -15.22
CA ILE C 185 -2.90 -18.02 -14.95
C ILE C 185 -3.14 -17.43 -13.56
N THR C 186 -2.06 -17.26 -12.81
CA THR C 186 -2.11 -16.78 -11.44
C THR C 186 -2.30 -15.28 -11.36
N PRO C 187 -2.69 -14.79 -10.19
CA PRO C 187 -2.91 -13.36 -9.99
C PRO C 187 -1.63 -12.58 -10.23
N ALA C 188 -1.74 -11.45 -10.91
CA ALA C 188 -0.58 -10.61 -11.19
C ALA C 188 0.23 -11.18 -12.35
N GLY C 189 -0.31 -12.23 -12.96
CA GLY C 189 0.35 -12.90 -14.08
C GLY C 189 1.69 -13.52 -13.74
N GLY C 190 1.83 -13.98 -12.50
CA GLY C 190 3.06 -14.61 -12.05
C GLY C 190 3.40 -15.91 -12.76
N TYR C 191 2.38 -16.75 -12.95
CA TYR C 191 2.57 -18.05 -13.58
C TYR C 191 1.41 -18.49 -14.46
N THR C 192 1.70 -19.41 -15.37
CA THR C 192 0.67 -20.08 -16.15
C THR C 192 0.87 -21.59 -16.13
N TYR C 193 -0.25 -22.31 -16.33
CA TYR C 193 -0.32 -23.78 -16.26
C TYR C 193 -1.21 -24.25 -17.42
N TYR C 194 -0.91 -25.41 -17.97
CA TYR C 194 -1.63 -25.96 -19.10
C TYR C 194 -1.89 -27.46 -18.87
N ALA C 195 -3.06 -27.96 -19.26
CA ALA C 195 -3.26 -29.41 -19.40
C ALA C 195 -2.32 -29.97 -20.46
N ASP C 196 -1.95 -31.24 -20.33
CA ASP C 196 -1.06 -31.82 -21.33
C ASP C 196 -1.68 -31.74 -22.71
N SER C 197 -3.01 -31.74 -22.78
CA SER C 197 -3.65 -31.79 -24.09
C SER C 197 -3.54 -30.52 -24.90
N VAL C 198 -3.15 -29.41 -24.27
CA VAL C 198 -3.00 -28.15 -25.02
C VAL C 198 -1.60 -27.53 -24.83
N LYS C 199 -0.82 -28.15 -23.94
CA LYS C 199 0.49 -27.55 -23.65
C LYS C 199 1.33 -27.41 -24.92
N GLY C 200 1.97 -26.25 -25.09
CA GLY C 200 2.80 -26.02 -26.28
C GLY C 200 2.04 -25.50 -27.50
N ARG C 201 0.69 -25.57 -27.44
CA ARG C 201 -0.21 -25.10 -28.53
C ARG C 201 -1.04 -23.88 -28.13
N PHE C 202 -1.49 -23.83 -26.86
CA PHE C 202 -2.32 -22.71 -26.37
C PHE C 202 -1.57 -21.78 -25.43
N THR C 203 -1.91 -20.48 -25.44
CA THR C 203 -1.28 -19.59 -24.45
C THR C 203 -2.36 -18.90 -23.63
N ILE C 204 -2.22 -18.86 -22.31
CA ILE C 204 -3.22 -18.14 -21.53
C ILE C 204 -2.58 -16.82 -21.12
N SER C 205 -3.38 -15.75 -21.17
CA SER C 205 -2.81 -14.43 -20.88
C SER C 205 -3.89 -13.46 -20.43
N ALA C 206 -3.49 -12.21 -20.20
CA ALA C 206 -4.48 -11.18 -19.97
C ALA C 206 -3.94 -9.82 -20.32
N ASP C 207 -4.86 -8.87 -20.46
CA ASP C 207 -4.48 -7.48 -20.72
C ASP C 207 -5.16 -6.71 -19.60
N THR C 208 -4.32 -6.23 -18.69
CA THR C 208 -4.88 -5.60 -17.50
C THR C 208 -5.54 -4.26 -17.85
N SER C 209 -5.06 -3.57 -18.89
CA SER C 209 -5.66 -2.28 -19.22
C SER C 209 -7.10 -2.50 -19.69
N LYS C 210 -7.38 -3.69 -20.23
CA LYS C 210 -8.78 -4.04 -20.64
C LYS C 210 -9.51 -4.94 -19.66
N ASN C 211 -8.80 -5.28 -18.59
CA ASN C 211 -9.40 -6.10 -17.56
C ASN C 211 -10.03 -7.36 -18.16
N THR C 212 -9.25 -8.00 -19.04
CA THR C 212 -9.72 -9.11 -19.89
C THR C 212 -8.63 -10.20 -20.03
N ALA C 213 -9.02 -11.47 -19.84
CA ALA C 213 -8.07 -12.60 -20.00
C ALA C 213 -8.30 -13.20 -21.36
N TYR C 214 -7.29 -13.95 -21.85
CA TYR C 214 -7.35 -14.59 -23.17
C TYR C 214 -6.91 -16.05 -23.13
N LEU C 215 -7.39 -16.82 -24.11
CA LEU C 215 -6.79 -18.09 -24.42
C LEU C 215 -6.48 -17.95 -25.91
N GLN C 216 -5.19 -17.93 -26.24
CA GLN C 216 -4.82 -17.91 -27.65
C GLN C 216 -4.59 -19.37 -28.02
N MET C 217 -5.38 -19.88 -28.97
CA MET C 217 -5.32 -21.29 -29.38
C MET C 217 -4.67 -21.46 -30.73
N ASN C 218 -3.50 -22.10 -30.76
CA ASN C 218 -2.82 -22.41 -32.04
C ASN C 218 -2.88 -23.91 -32.41
N SER C 219 -2.57 -24.21 -33.69
CA SER C 219 -2.55 -25.62 -34.19
C SER C 219 -3.80 -26.38 -33.76
N LEU C 220 -4.95 -25.78 -34.01
CA LEU C 220 -6.22 -26.36 -33.58
C LEU C 220 -6.50 -27.77 -34.14
N ARG C 221 -7.10 -28.60 -33.29
CA ARG C 221 -7.48 -29.97 -33.70
C ARG C 221 -8.98 -30.16 -33.50
N ALA C 222 -9.50 -31.17 -34.17
CA ALA C 222 -10.88 -31.48 -34.03
C ALA C 222 -11.22 -31.68 -32.53
N GLU C 223 -10.39 -32.43 -31.77
CA GLU C 223 -10.56 -32.57 -30.29
C GLU C 223 -10.81 -31.25 -29.55
N ASP C 224 -10.37 -30.14 -30.16
CA ASP C 224 -10.43 -28.84 -29.46
C ASP C 224 -11.83 -28.22 -29.53
N THR C 225 -12.66 -28.84 -30.36
CA THR C 225 -14.05 -28.47 -30.50
C THR C 225 -14.75 -28.58 -29.13
N ALA C 226 -15.31 -27.46 -28.65
CA ALA C 226 -15.97 -27.46 -27.35
C ALA C 226 -16.57 -26.09 -27.04
N VAL C 227 -17.44 -26.06 -26.05
CA VAL C 227 -17.72 -24.79 -25.37
C VAL C 227 -16.59 -24.49 -24.36
N TYR C 228 -16.08 -23.25 -24.40
CA TYR C 228 -15.00 -22.84 -23.53
C TYR C 228 -15.51 -21.87 -22.50
N TYR C 229 -15.30 -22.21 -21.21
CA TYR C 229 -15.59 -21.32 -20.09
C TYR C 229 -14.30 -20.77 -19.45
N CYS C 230 -14.42 -19.58 -18.88
CA CYS C 230 -13.43 -19.12 -17.96
C CYS C 230 -14.06 -18.89 -16.57
N ALA C 231 -13.19 -18.84 -15.57
CA ALA C 231 -13.69 -18.73 -14.22
C ALA C 231 -12.56 -18.25 -13.37
N ARG C 232 -12.93 -17.65 -12.24
CA ARG C 232 -11.94 -17.07 -11.35
C ARG C 232 -11.84 -17.90 -10.07
N PHE C 233 -10.66 -17.83 -9.48
CA PHE C 233 -10.37 -18.60 -8.31
C PHE C 233 -9.22 -17.96 -7.51
N VAL C 234 -9.33 -18.07 -6.17
CA VAL C 234 -8.20 -17.82 -5.24
C VAL C 234 -8.34 -18.76 -4.07
N PHE C 235 -7.29 -18.85 -3.26
CA PHE C 235 -7.37 -19.73 -2.13
C PHE C 235 -7.98 -19.00 -0.97
N PHE C 236 -8.40 -17.75 -1.20
CA PHE C 236 -9.13 -17.00 -0.18
C PHE C 236 -10.53 -17.53 -0.22
N LEU C 237 -11.31 -17.33 0.84
CA LEU C 237 -12.68 -17.82 0.88
C LEU C 237 -13.46 -17.16 -0.24
N PRO C 238 -14.34 -17.92 -0.88
CA PRO C 238 -14.67 -19.29 -0.49
C PRO C 238 -13.73 -20.36 -1.05
N TYR C 239 -12.71 -19.93 -1.79
CA TYR C 239 -11.79 -20.85 -2.46
C TYR C 239 -12.50 -21.86 -3.35
N ALA C 240 -13.46 -21.33 -4.09
CA ALA C 240 -14.24 -22.08 -5.06
C ALA C 240 -14.37 -21.20 -6.31
N MET C 241 -14.63 -21.81 -7.46
CA MET C 241 -14.75 -21.07 -8.68
C MET C 241 -16.11 -20.43 -8.64
N ASP C 242 -16.15 -19.24 -8.08
CA ASP C 242 -17.42 -18.59 -7.73
C ASP C 242 -18.06 -17.79 -8.84
N TYR C 243 -17.27 -17.34 -9.81
CA TYR C 243 -17.86 -16.75 -11.02
C TYR C 243 -17.30 -17.40 -12.26
N TRP C 244 -18.23 -17.75 -13.15
CA TRP C 244 -17.91 -18.28 -14.48
C TRP C 244 -18.52 -17.39 -15.56
N GLY C 245 -17.88 -17.36 -16.72
CA GLY C 245 -18.52 -16.78 -17.87
C GLY C 245 -19.55 -17.70 -18.52
N GLN C 246 -20.30 -17.18 -19.48
CA GLN C 246 -21.38 -17.98 -20.04
C GLN C 246 -20.88 -19.04 -21.05
N GLY C 247 -19.63 -18.91 -21.50
CA GLY C 247 -19.12 -19.89 -22.42
C GLY C 247 -19.18 -19.39 -23.89
N THR C 248 -18.28 -19.92 -24.71
CA THR C 248 -18.18 -19.56 -26.13
C THR C 248 -17.76 -20.81 -26.87
N LEU C 249 -18.38 -21.00 -28.04
CA LEU C 249 -18.31 -22.29 -28.72
C LEU C 249 -17.19 -22.23 -29.75
N VAL C 250 -16.32 -23.24 -29.72
CA VAL C 250 -15.24 -23.32 -30.70
C VAL C 250 -15.40 -24.63 -31.46
N THR C 251 -15.65 -24.46 -32.76
CA THR C 251 -15.88 -25.57 -33.65
C THR C 251 -14.72 -25.74 -34.62
N VAL C 252 -14.03 -26.88 -34.50
CA VAL C 252 -12.90 -27.17 -35.39
C VAL C 252 -13.32 -28.12 -36.55
N GLY D 11 -12.94 29.96 18.23
CA GLY D 11 -11.51 29.67 18.13
C GLY D 11 -11.02 28.52 19.02
N ASP D 12 -9.95 28.73 19.76
CA ASP D 12 -9.50 27.75 20.77
C ASP D 12 -10.58 27.42 21.81
N ILE D 13 -10.72 26.13 22.13
CA ILE D 13 -11.70 25.72 23.13
C ILE D 13 -11.08 25.66 24.52
N GLN D 14 -11.69 26.36 25.47
CA GLN D 14 -11.25 26.42 26.88
C GLN D 14 -11.95 25.39 27.78
N MET D 15 -11.16 24.73 28.64
CA MET D 15 -11.73 23.79 29.63
C MET D 15 -11.57 24.39 31.02
N THR D 16 -12.63 24.30 31.81
CA THR D 16 -12.55 24.78 33.19
C THR D 16 -13.11 23.70 34.09
N GLN D 17 -12.48 23.48 35.23
CA GLN D 17 -12.92 22.40 36.08
C GLN D 17 -13.32 23.00 37.40
N SER D 18 -14.09 22.25 38.15
CA SER D 18 -14.39 22.61 39.52
C SER D 18 -14.65 21.36 40.34
N PRO D 19 -14.15 21.34 41.58
CA PRO D 19 -13.31 22.43 42.09
C PRO D 19 -11.92 22.32 41.52
N SER D 20 -11.03 23.25 41.87
CA SER D 20 -9.67 23.16 41.35
C SER D 20 -8.79 22.33 42.30
N SER D 21 -9.23 22.18 43.55
CA SER D 21 -8.59 21.16 44.41
C SER D 21 -9.54 20.69 45.49
N LEU D 22 -9.28 19.50 46.01
CA LEU D 22 -10.11 19.02 47.11
C LEU D 22 -9.34 17.95 47.87
N SER D 23 -9.68 17.78 49.15
CA SER D 23 -9.17 16.69 49.99
C SER D 23 -10.37 15.87 50.45
N ALA D 24 -10.24 14.56 50.37
CA ALA D 24 -11.29 13.69 50.86
C ALA D 24 -10.66 12.51 51.56
N SER D 25 -11.48 11.58 52.01
CA SER D 25 -10.91 10.45 52.74
C SER D 25 -11.03 9.18 51.97
N VAL D 26 -10.18 8.21 52.27
CA VAL D 26 -10.36 6.90 51.66
C VAL D 26 -11.83 6.48 51.78
N GLY D 27 -12.38 6.02 50.69
CA GLY D 27 -13.75 5.57 50.67
C GLY D 27 -14.76 6.61 50.22
N ASP D 28 -14.36 7.88 50.20
CA ASP D 28 -15.32 8.90 49.74
C ASP D 28 -15.66 8.72 48.24
N ARG D 29 -16.81 9.23 47.88
CA ARG D 29 -17.12 9.43 46.50
C ARG D 29 -16.67 10.84 46.13
N VAL D 30 -15.90 10.97 45.05
CA VAL D 30 -15.42 12.26 44.59
C VAL D 30 -15.93 12.50 43.16
N THR D 31 -16.43 13.70 42.92
CA THR D 31 -16.82 14.10 41.56
C THR D 31 -16.18 15.40 41.21
N ILE D 32 -15.72 15.49 39.96
CA ILE D 32 -14.99 16.68 39.50
C ILE D 32 -15.76 17.03 38.24
N THR D 33 -16.21 18.27 38.14
CA THR D 33 -16.94 18.66 36.92
C THR D 33 -16.04 19.48 36.01
N CYS D 34 -16.40 19.43 34.73
CA CYS D 34 -15.62 20.04 33.69
C CYS D 34 -16.55 20.72 32.70
N ARG D 35 -16.18 21.92 32.28
CA ARG D 35 -16.93 22.60 31.27
C ARG D 35 -16.07 22.98 30.07
N ALA D 36 -16.57 22.71 28.86
CA ALA D 36 -15.92 23.23 27.65
C ALA D 36 -16.64 24.52 27.23
N SER D 37 -15.85 25.48 26.77
CA SER D 37 -16.35 26.72 26.21
C SER D 37 -17.25 26.59 24.93
N GLN D 38 -17.20 25.44 24.22
CA GLN D 38 -18.13 25.11 23.10
C GLN D 38 -18.55 23.66 23.15
N ASP D 39 -19.54 23.28 22.36
CA ASP D 39 -19.89 21.88 22.29
C ASP D 39 -18.75 21.06 21.72
N VAL D 40 -18.38 20.00 22.43
CA VAL D 40 -17.31 19.12 21.97
C VAL D 40 -17.81 17.70 21.76
N SER D 41 -19.13 17.55 21.67
CA SER D 41 -19.73 16.24 21.54
C SER D 41 -19.34 15.44 22.78
N THR D 42 -18.87 14.21 22.58
CA THR D 42 -18.41 13.37 23.67
C THR D 42 -16.91 13.13 23.56
N ALA D 43 -16.23 13.99 22.82
CA ALA D 43 -14.80 13.78 22.51
C ALA D 43 -13.98 14.42 23.63
N VAL D 44 -14.11 13.87 24.84
CA VAL D 44 -13.40 14.37 26.01
C VAL D 44 -12.59 13.26 26.65
N ALA D 45 -11.38 13.56 27.14
CA ALA D 45 -10.63 12.54 27.87
C ALA D 45 -10.31 13.07 29.23
N TRP D 46 -10.13 12.15 30.18
CA TRP D 46 -9.60 12.54 31.52
C TRP D 46 -8.20 11.92 31.74
N TYR D 47 -7.33 12.69 32.38
CA TYR D 47 -6.00 12.24 32.68
C TYR D 47 -5.69 12.33 34.20
N GLN D 48 -4.80 11.44 34.66
CA GLN D 48 -4.36 11.44 36.06
C GLN D 48 -2.87 11.75 36.07
N GLN D 49 -2.51 12.81 36.80
CA GLN D 49 -1.10 13.13 36.85
C GLN D 49 -0.61 13.06 38.29
N LYS D 50 0.18 12.04 38.60
CA LYS D 50 0.91 12.00 39.87
C LYS D 50 1.94 13.10 39.93
N PRO D 51 2.26 13.56 41.15
CA PRO D 51 3.33 14.55 41.34
C PRO D 51 4.65 14.03 40.78
N GLY D 52 5.32 14.88 40.02
CA GLY D 52 6.56 14.47 39.38
C GLY D 52 6.38 13.43 38.26
N LYS D 53 5.17 13.34 37.69
CA LYS D 53 4.96 12.39 36.62
C LYS D 53 4.26 13.01 35.41
N ALA D 54 4.32 12.29 34.30
CA ALA D 54 3.54 12.63 33.12
C ALA D 54 2.13 12.14 33.39
N PRO D 55 1.11 12.87 32.89
CA PRO D 55 -0.29 12.49 32.89
C PRO D 55 -0.47 11.13 32.28
N LYS D 56 -1.46 10.40 32.75
CA LYS D 56 -1.88 9.15 32.14
C LYS D 56 -3.36 9.20 31.79
N LEU D 57 -3.67 8.60 30.64
CA LEU D 57 -5.07 8.52 30.19
C LEU D 57 -5.90 7.61 31.10
N LEU D 58 -6.99 8.12 31.68
CA LEU D 58 -7.97 7.30 32.41
C LEU D 58 -9.21 6.97 31.59
N ILE D 59 -9.79 8.03 31.03
CA ILE D 59 -11.06 7.93 30.30
C ILE D 59 -10.98 8.61 28.92
N TYR D 60 -11.54 7.97 27.91
CA TYR D 60 -11.55 8.52 26.57
C TYR D 60 -12.97 8.48 26.03
N SER D 61 -13.29 9.43 25.14
CA SER D 61 -14.63 9.50 24.57
C SER D 61 -15.66 9.68 25.66
N ALA D 62 -15.31 10.47 26.68
CA ALA D 62 -16.20 10.80 27.78
C ALA D 62 -16.49 9.70 28.80
N SER D 63 -17.02 8.57 28.35
CA SER D 63 -17.38 7.48 29.25
C SER D 63 -16.60 6.16 29.14
N PHE D 64 -15.51 6.13 28.39
CA PHE D 64 -14.77 4.89 28.21
C PHE D 64 -13.49 4.77 29.05
N LEU D 65 -13.35 3.64 29.73
CA LEU D 65 -12.20 3.39 30.61
C LEU D 65 -11.08 2.94 29.75
N TYR D 66 -9.95 3.61 29.89
CA TYR D 66 -8.77 3.21 29.13
C TYR D 66 -8.30 1.90 29.78
N SER D 67 -7.71 1.01 29.00
CA SER D 67 -7.45 -0.36 29.54
C SER D 67 -6.48 -0.26 30.70
N GLY D 68 -6.75 -1.03 31.76
CA GLY D 68 -5.91 -1.07 32.96
C GLY D 68 -6.36 -0.11 34.04
N VAL D 69 -7.32 0.73 33.73
CA VAL D 69 -7.76 1.71 34.68
C VAL D 69 -8.86 1.06 35.47
N PRO D 70 -8.85 1.24 36.80
CA PRO D 70 -9.81 0.56 37.67
C PRO D 70 -11.22 1.14 37.50
N SER D 71 -12.21 0.29 37.69
CA SER D 71 -13.61 0.61 37.44
C SER D 71 -14.26 1.53 38.49
N ARG D 72 -13.51 1.89 39.53
CA ARG D 72 -14.01 2.93 40.43
C ARG D 72 -13.97 4.27 39.76
N PHE D 73 -13.18 4.38 38.66
CA PHE D 73 -13.17 5.61 37.84
C PHE D 73 -14.26 5.53 36.77
N SER D 74 -15.14 6.53 36.73
CA SER D 74 -16.06 6.60 35.59
C SER D 74 -16.22 8.02 35.07
N GLY D 75 -16.66 8.18 33.83
CA GLY D 75 -16.97 9.53 33.35
C GLY D 75 -18.28 9.63 32.62
N SER D 76 -18.81 10.85 32.54
CA SER D 76 -20.08 11.07 31.81
C SER D 76 -20.12 12.48 31.21
N GLY D 77 -21.16 12.76 30.44
CA GLY D 77 -21.33 14.07 29.83
C GLY D 77 -21.29 14.02 28.30
N SER D 78 -21.73 15.14 27.72
CA SER D 78 -21.70 15.40 26.28
C SER D 78 -21.99 16.92 26.13
N GLY D 79 -21.65 17.47 24.96
CA GLY D 79 -21.85 18.90 24.75
C GLY D 79 -20.78 19.70 25.47
N THR D 80 -21.17 20.44 26.50
CA THR D 80 -20.24 21.32 27.18
C THR D 80 -19.95 20.84 28.58
N ASP D 81 -20.79 19.95 29.09
CA ASP D 81 -20.66 19.57 30.50
C ASP D 81 -20.20 18.11 30.74
N PHE D 82 -19.16 17.95 31.54
CA PHE D 82 -18.63 16.62 31.73
C PHE D 82 -18.29 16.45 33.21
N THR D 83 -18.30 15.21 33.68
CA THR D 83 -17.85 14.95 35.04
C THR D 83 -17.07 13.65 35.16
N LEU D 84 -16.09 13.68 36.07
CA LEU D 84 -15.27 12.53 36.48
C LEU D 84 -15.74 12.12 37.87
N THR D 85 -16.05 10.83 38.03
CA THR D 85 -16.47 10.32 39.34
C THR D 85 -15.55 9.21 39.79
N ILE D 86 -15.05 9.34 41.02
CA ILE D 86 -14.25 8.27 41.64
C ILE D 86 -15.17 7.73 42.71
N SER D 87 -15.66 6.51 42.53
CA SER D 87 -16.74 6.00 43.36
C SER D 87 -16.28 5.80 44.80
N SER D 88 -15.07 5.26 44.97
CA SER D 88 -14.54 5.02 46.30
C SER D 88 -13.07 5.30 46.40
N LEU D 89 -12.74 6.47 46.91
CA LEU D 89 -11.37 7.02 46.80
C LEU D 89 -10.35 6.13 47.48
N GLN D 90 -9.32 5.76 46.73
CA GLN D 90 -8.19 4.97 47.23
C GLN D 90 -6.93 5.82 47.53
N PRO D 91 -6.11 5.35 48.47
CA PRO D 91 -4.91 6.06 48.87
C PRO D 91 -4.07 6.46 47.67
N GLU D 92 -4.00 5.58 46.66
CA GLU D 92 -3.15 5.85 45.50
C GLU D 92 -3.80 6.85 44.50
N ASP D 93 -5.00 7.34 44.80
CA ASP D 93 -5.71 8.19 43.82
C ASP D 93 -5.28 9.66 43.90
N PHE D 94 -4.42 9.99 44.86
CA PHE D 94 -4.04 11.38 44.94
C PHE D 94 -3.27 11.74 43.69
N ALA D 95 -3.59 12.89 43.11
CA ALA D 95 -3.07 13.30 41.79
C ALA D 95 -3.80 14.55 41.33
N THR D 96 -3.30 15.16 40.29
CA THR D 96 -4.06 16.22 39.67
C THR D 96 -4.80 15.59 38.47
N TYR D 97 -6.11 15.85 38.36
CA TYR D 97 -6.90 15.30 37.23
C TYR D 97 -7.28 16.35 36.23
N TYR D 98 -7.12 16.04 34.95
CA TYR D 98 -7.39 16.99 33.90
C TYR D 98 -8.45 16.44 32.97
N CYS D 99 -9.43 17.30 32.71
CA CYS D 99 -10.42 17.16 31.67
C CYS D 99 -9.90 17.85 30.39
N GLN D 100 -9.89 17.19 29.23
CA GLN D 100 -9.37 17.85 28.02
C GLN D 100 -10.17 17.40 26.79
N GLN D 101 -10.68 18.37 26.01
CA GLN D 101 -11.45 18.05 24.80
C GLN D 101 -10.48 17.69 23.67
N HIS D 102 -10.86 16.70 22.88
CA HIS D 102 -10.09 16.35 21.68
C HIS D 102 -11.03 16.35 20.48
N TYR D 103 -11.95 17.30 20.50
CA TYR D 103 -12.85 17.46 19.38
C TYR D 103 -12.15 18.26 18.28
N THR D 104 -11.40 19.28 18.67
CA THR D 104 -10.63 20.05 17.71
C THR D 104 -9.20 20.12 18.17
N THR D 105 -8.37 20.60 17.27
CA THR D 105 -6.97 20.72 17.62
C THR D 105 -6.59 22.13 17.29
N PRO D 106 -5.73 22.72 18.12
CA PRO D 106 -4.84 22.12 19.10
C PRO D 106 -5.52 22.05 20.47
N PRO D 107 -5.00 21.17 21.36
CA PRO D 107 -5.51 21.01 22.71
C PRO D 107 -5.04 22.23 23.44
N THR D 108 -5.78 22.64 24.45
CA THR D 108 -5.40 23.78 25.23
C THR D 108 -5.62 23.30 26.64
N PHE D 109 -4.53 23.05 27.39
CA PHE D 109 -4.64 22.52 28.75
C PHE D 109 -4.82 23.66 29.74
N GLY D 110 -5.33 23.33 30.92
CA GLY D 110 -5.29 24.28 32.04
C GLY D 110 -4.79 23.68 33.34
N CYS D 111 -5.38 24.08 34.46
CA CYS D 111 -4.85 23.72 35.77
C CYS D 111 -5.29 22.38 36.41
N GLY D 112 -6.37 21.77 35.91
CA GLY D 112 -6.85 20.50 36.40
C GLY D 112 -7.41 20.63 37.83
N THR D 113 -7.60 19.48 38.46
CA THR D 113 -8.11 19.42 39.81
C THR D 113 -7.19 18.59 40.71
N LYS D 114 -6.64 19.25 41.72
CA LYS D 114 -5.68 18.59 42.61
C LYS D 114 -6.48 17.84 43.65
N VAL D 115 -6.30 16.51 43.69
CA VAL D 115 -7.01 15.64 44.67
C VAL D 115 -6.03 15.06 45.70
N GLU D 116 -6.24 15.41 46.97
CA GLU D 116 -5.41 14.96 48.06
C GLU D 116 -6.20 14.08 48.98
N ILE D 117 -5.51 13.13 49.60
CA ILE D 117 -6.15 12.31 50.60
C ILE D 117 -5.79 12.68 52.05
N LYS D 118 -6.85 12.92 52.85
CA LYS D 118 -6.78 13.01 54.33
C LYS D 118 -6.66 11.61 54.97
N GLU D 135 6.58 -3.19 23.67
CA GLU D 135 6.27 -2.09 24.59
C GLU D 135 6.32 -0.71 23.89
N VAL D 136 5.19 0.00 23.90
CA VAL D 136 5.09 1.35 23.39
C VAL D 136 5.60 2.34 24.45
N GLN D 137 6.50 3.24 24.06
CA GLN D 137 6.83 4.39 24.91
C GLN D 137 7.48 5.55 24.16
N LEU D 138 7.40 6.73 24.78
CA LEU D 138 8.13 7.92 24.37
C LEU D 138 9.15 8.22 25.47
N VAL D 139 10.41 8.39 25.08
CA VAL D 139 11.41 8.77 26.07
C VAL D 139 12.10 10.10 25.74
N GLU D 140 11.94 11.08 26.61
CA GLU D 140 12.50 12.40 26.40
C GLU D 140 13.91 12.54 26.95
N SER D 141 14.65 13.50 26.41
CA SER D 141 16.00 13.75 26.87
C SER D 141 16.41 15.09 26.30
N GLY D 142 17.58 15.56 26.74
CA GLY D 142 18.15 16.80 26.22
C GLY D 142 17.82 18.01 27.09
N GLY D 143 17.03 17.80 28.16
CA GLY D 143 16.78 18.88 29.13
C GLY D 143 18.06 19.35 29.83
N GLY D 144 18.10 20.62 30.23
CA GLY D 144 19.23 21.13 30.96
C GLY D 144 19.13 22.59 31.38
N LEU D 145 20.22 23.10 31.93
CA LEU D 145 20.29 24.50 32.35
C LEU D 145 20.89 25.28 31.20
N VAL D 146 20.32 26.44 30.95
CA VAL D 146 20.79 27.28 29.88
C VAL D 146 20.45 28.70 30.29
N GLN D 147 21.00 29.66 29.52
CA GLN D 147 20.90 31.10 29.80
C GLN D 147 19.93 31.77 28.89
N PRO D 148 19.28 32.82 29.38
CA PRO D 148 18.39 33.63 28.56
C PRO D 148 19.09 33.98 27.27
N GLY D 149 18.35 33.94 26.16
CA GLY D 149 18.89 34.22 24.85
C GLY D 149 19.57 33.00 24.23
N GLY D 150 19.83 31.98 25.07
CA GLY D 150 20.41 30.74 24.63
C GLY D 150 19.40 29.85 23.89
N SER D 151 19.90 28.67 23.54
CA SER D 151 19.05 27.73 22.83
C SER D 151 19.38 26.32 23.21
N LEU D 152 18.44 25.42 22.94
CA LEU D 152 18.53 24.06 23.44
C LEU D 152 17.58 23.18 22.61
N ARG D 153 17.94 21.90 22.51
CA ARG D 153 17.13 20.95 21.75
C ARG D 153 16.67 19.71 22.52
N LEU D 154 15.35 19.57 22.69
CA LEU D 154 14.81 18.39 23.37
C LEU D 154 14.56 17.25 22.37
N SER D 155 14.66 16.01 22.84
CA SER D 155 14.42 14.83 22.00
C SER D 155 13.32 13.96 22.57
N CYS D 156 12.51 13.37 21.69
CA CYS D 156 11.41 12.51 22.09
C CYS D 156 11.42 11.19 21.31
N ALA D 157 12.34 10.29 21.69
CA ALA D 157 12.45 9.01 21.00
C ALA D 157 11.23 8.11 21.21
N ALA D 158 10.80 7.45 20.14
CA ALA D 158 9.67 6.54 20.20
C ALA D 158 10.10 5.07 20.14
N SER D 159 9.32 4.18 20.77
CA SER D 159 9.53 2.73 20.69
C SER D 159 8.21 2.02 20.58
N GLY D 160 8.17 1.00 19.73
CA GLY D 160 7.02 0.14 19.67
C GLY D 160 5.95 0.71 18.78
N PHE D 161 6.26 1.84 18.14
CA PHE D 161 5.36 2.36 17.12
C PHE D 161 6.13 3.37 16.27
N THR D 162 5.58 3.68 15.10
CA THR D 162 6.20 4.56 14.16
C THR D 162 5.74 5.98 14.38
N ILE D 163 6.70 6.86 14.67
CA ILE D 163 6.33 8.20 15.15
C ILE D 163 5.59 9.02 14.08
N SER D 164 5.88 8.76 12.82
CA SER D 164 5.30 9.59 11.77
C SER D 164 3.85 9.14 11.51
N ASP D 165 3.38 8.08 12.18
CA ASP D 165 1.96 7.76 12.11
C ASP D 165 1.07 8.67 12.97
N TYR D 166 1.67 9.54 13.78
CA TYR D 166 0.88 10.28 14.81
C TYR D 166 1.13 11.77 14.84
N TRP D 167 0.21 12.51 15.45
CA TRP D 167 0.63 13.85 15.84
C TRP D 167 1.65 13.62 16.96
N ILE D 168 2.67 14.48 17.06
CA ILE D 168 3.42 14.58 18.28
C ILE D 168 3.27 15.99 18.85
N HIS D 169 2.91 16.06 20.15
CA HIS D 169 2.76 17.35 20.83
C HIS D 169 3.79 17.51 21.91
N TRP D 170 4.24 18.75 22.06
CA TRP D 170 4.97 19.11 23.23
C TRP D 170 4.06 19.91 24.16
N VAL D 171 4.01 19.47 25.42
CA VAL D 171 3.23 20.13 26.47
C VAL D 171 4.17 20.39 27.64
N ARG D 172 4.10 21.58 28.20
CA ARG D 172 5.03 21.91 29.29
C ARG D 172 4.30 22.33 30.58
N GLN D 173 5.04 22.21 31.67
CA GLN D 173 4.57 22.62 32.99
C GLN D 173 5.68 23.39 33.76
N ALA D 174 5.42 24.68 33.95
CA ALA D 174 6.28 25.51 34.79
C ALA D 174 6.10 25.06 36.26
N PRO D 175 7.18 25.10 37.03
CA PRO D 175 7.09 24.84 38.48
C PRO D 175 5.87 25.52 39.13
N GLY D 176 5.01 24.70 39.76
CA GLY D 176 3.84 25.21 40.47
C GLY D 176 2.93 25.90 39.51
N LYS D 177 3.03 25.51 38.27
CA LYS D 177 2.23 26.12 37.24
C LYS D 177 1.36 25.08 36.50
N CYS D 178 0.51 25.53 35.59
CA CYS D 178 -0.36 24.57 34.97
C CYS D 178 0.22 23.97 33.70
N LEU D 179 -0.49 23.01 33.13
CA LEU D 179 -0.17 22.45 31.82
C LEU D 179 -0.37 23.47 30.69
N GLU D 180 0.64 23.65 29.86
CA GLU D 180 0.51 24.51 28.67
C GLU D 180 0.94 23.77 27.39
N TRP D 181 0.04 23.68 26.42
CA TRP D 181 0.42 23.16 25.10
C TRP D 181 1.40 24.10 24.41
N VAL D 182 2.44 23.55 23.84
CA VAL D 182 3.49 24.33 23.15
C VAL D 182 3.58 24.17 21.62
N ALA D 183 3.58 22.94 21.14
CA ALA D 183 3.72 22.75 19.68
C ALA D 183 3.28 21.37 19.22
N GLY D 184 2.95 21.27 17.94
CA GLY D 184 2.44 20.02 17.40
C GLY D 184 2.82 19.85 15.92
N ILE D 185 3.17 18.60 15.60
CA ILE D 185 3.47 18.24 14.25
C ILE D 185 2.56 17.10 13.83
N THR D 186 2.01 17.21 12.62
CA THR D 186 1.08 16.23 12.08
C THR D 186 1.79 14.97 11.58
N PRO D 187 1.02 13.90 11.40
CA PRO D 187 1.59 12.65 10.91
C PRO D 187 2.17 12.84 9.51
N ALA D 188 3.33 12.27 9.26
CA ALA D 188 3.99 12.38 7.97
C ALA D 188 4.68 13.74 7.85
N GLY D 189 4.68 14.49 8.93
CA GLY D 189 5.29 15.81 8.96
C GLY D 189 4.62 16.80 8.03
N GLY D 190 3.33 16.62 7.81
CA GLY D 190 2.58 17.51 6.94
C GLY D 190 2.48 18.95 7.41
N TYR D 191 2.24 19.14 8.70
CA TYR D 191 2.09 20.47 9.27
C TYR D 191 2.63 20.60 10.69
N THR D 192 2.95 21.83 11.07
CA THR D 192 3.31 22.14 12.45
C THR D 192 2.50 23.32 12.97
N TYR D 193 2.30 23.34 14.31
CA TYR D 193 1.50 24.36 15.01
C TYR D 193 2.26 24.75 16.24
N TYR D 194 2.05 25.97 16.70
CA TYR D 194 2.81 26.54 17.82
C TYR D 194 1.86 27.39 18.65
N ALA D 195 1.97 27.31 19.98
CA ALA D 195 1.35 28.32 20.86
C ALA D 195 1.94 29.71 20.57
N ASP D 196 1.15 30.76 20.75
CA ASP D 196 1.67 32.11 20.57
C ASP D 196 2.92 32.40 21.41
N SER D 197 3.04 31.71 22.53
CA SER D 197 4.10 32.00 23.46
C SER D 197 5.45 31.50 22.98
N VAL D 198 5.48 30.60 21.97
CA VAL D 198 6.78 30.11 21.46
C VAL D 198 6.91 30.33 19.93
N LYS D 199 5.82 30.76 19.31
CA LYS D 199 5.86 30.92 17.86
C LYS D 199 6.98 31.85 17.38
N GLY D 200 7.71 31.40 16.36
CA GLY D 200 8.83 32.17 15.82
C GLY D 200 10.13 31.94 16.59
N ARG D 201 10.07 31.35 17.78
CA ARG D 201 11.28 30.97 18.56
C ARG D 201 11.60 29.48 18.61
N PHE D 202 10.58 28.61 18.66
CA PHE D 202 10.78 27.16 18.74
C PHE D 202 10.42 26.48 17.43
N THR D 203 11.04 25.33 17.14
CA THR D 203 10.70 24.57 15.94
C THR D 203 10.38 23.14 16.35
N ILE D 204 9.28 22.59 15.85
CA ILE D 204 9.00 21.20 16.21
C ILE D 204 9.36 20.37 14.99
N SER D 205 9.98 19.22 15.20
CA SER D 205 10.41 18.44 14.06
C SER D 205 10.52 16.94 14.35
N ALA D 206 10.99 16.16 13.38
CA ALA D 206 11.33 14.80 13.73
C ALA D 206 12.33 14.24 12.76
N ASP D 207 12.97 13.14 13.13
CA ASP D 207 13.88 12.47 12.24
C ASP D 207 13.34 11.03 12.22
N THR D 208 12.80 10.69 11.07
CA THR D 208 12.18 9.39 10.95
C THR D 208 13.17 8.25 11.00
N SER D 209 14.37 8.45 10.47
CA SER D 209 15.33 7.33 10.50
C SER D 209 15.64 6.97 11.97
N LYS D 210 15.49 7.96 12.87
CA LYS D 210 15.72 7.70 14.31
C LYS D 210 14.44 7.53 15.11
N ASN D 211 13.32 7.63 14.39
CA ASN D 211 12.03 7.47 15.03
C ASN D 211 11.91 8.34 16.27
N THR D 212 12.32 9.60 16.13
CA THR D 212 12.45 10.51 17.27
C THR D 212 11.99 11.92 16.88
N ALA D 213 11.18 12.56 17.72
CA ALA D 213 10.78 13.97 17.48
C ALA D 213 11.70 14.94 18.23
N TYR D 214 11.57 16.22 17.92
CA TYR D 214 12.37 17.20 18.58
C TYR D 214 11.60 18.46 18.81
N LEU D 215 12.08 19.24 19.78
CA LEU D 215 11.64 20.60 19.95
C LEU D 215 12.97 21.38 19.98
N GLN D 216 13.17 22.22 18.98
CA GLN D 216 14.37 23.03 18.96
C GLN D 216 13.93 24.35 19.56
N MET D 217 14.54 24.72 20.67
CA MET D 217 14.16 25.97 21.35
C MET D 217 15.25 27.03 21.19
N ASN D 218 14.90 28.16 20.57
CA ASN D 218 15.83 29.31 20.43
C ASN D 218 15.33 30.52 21.22
N SER D 219 16.23 31.50 21.42
CA SER D 219 15.90 32.73 22.19
C SER D 219 15.18 32.44 23.52
N LEU D 220 15.77 31.54 24.31
CA LEU D 220 15.12 31.10 25.54
C LEU D 220 14.88 32.23 26.50
N ARG D 221 13.75 32.17 27.19
CA ARG D 221 13.40 33.15 28.21
C ARG D 221 13.18 32.45 29.51
N ALA D 222 13.22 33.20 30.61
CA ALA D 222 12.96 32.63 31.92
C ALA D 222 11.58 31.88 31.96
N GLU D 223 10.52 32.48 31.39
CA GLU D 223 9.19 31.84 31.24
C GLU D 223 9.26 30.41 30.66
N ASP D 224 10.30 30.12 29.87
CA ASP D 224 10.42 28.82 29.24
C ASP D 224 10.83 27.68 30.18
N THR D 225 11.27 28.04 31.38
CA THR D 225 11.64 27.09 32.40
C THR D 225 10.45 26.23 32.71
N ALA D 226 10.63 24.91 32.59
CA ALA D 226 9.55 23.96 32.84
C ALA D 226 9.99 22.53 32.63
N VAL D 227 9.14 21.61 33.07
CA VAL D 227 9.25 20.25 32.60
C VAL D 227 8.53 20.13 31.24
N TYR D 228 9.19 19.53 30.27
CA TYR D 228 8.62 19.38 28.92
C TYR D 228 8.25 17.93 28.66
N TYR D 229 6.96 17.71 28.33
CA TYR D 229 6.51 16.43 27.90
C TYR D 229 6.20 16.41 26.38
N CYS D 230 6.39 15.24 25.80
CA CYS D 230 5.82 14.98 24.50
C CYS D 230 4.75 13.84 24.59
N ALA D 231 3.88 13.78 23.60
CA ALA D 231 2.75 12.86 23.65
C ALA D 231 2.27 12.69 22.25
N ARG D 232 1.72 11.52 21.98
CA ARG D 232 1.18 11.26 20.64
C ARG D 232 -0.35 11.34 20.65
N PHE D 233 -0.87 11.63 19.46
CA PHE D 233 -2.30 11.79 19.28
C PHE D 233 -2.69 11.53 17.82
N VAL D 234 -3.90 10.99 17.65
CA VAL D 234 -4.57 10.97 16.35
C VAL D 234 -6.06 11.01 16.56
N PHE D 235 -6.84 11.26 15.52
CA PHE D 235 -8.24 11.34 15.71
C PHE D 235 -8.85 9.97 15.63
N PHE D 236 -8.01 8.95 15.48
CA PHE D 236 -8.49 7.56 15.48
C PHE D 236 -8.68 7.19 16.95
N LEU D 237 -9.46 6.16 17.23
CA LEU D 237 -9.71 5.77 18.60
C LEU D 237 -8.37 5.42 19.25
N PRO D 238 -8.18 5.84 20.50
CA PRO D 238 -9.22 6.51 21.29
C PRO D 238 -9.29 8.02 21.10
N TYR D 239 -8.45 8.58 20.24
CA TYR D 239 -8.38 10.02 20.04
C TYR D 239 -8.14 10.78 21.34
N ALA D 240 -7.22 10.23 22.12
CA ALA D 240 -6.77 10.80 23.38
C ALA D 240 -5.25 10.67 23.40
N MET D 241 -4.58 11.52 24.17
CA MET D 241 -3.13 11.47 24.27
C MET D 241 -2.79 10.30 25.14
N ASP D 242 -2.68 9.16 24.48
CA ASP D 242 -2.64 7.88 25.17
C ASP D 242 -1.24 7.50 25.63
N TYR D 243 -0.20 8.04 25.00
CA TYR D 243 1.17 7.80 25.52
C TYR D 243 1.89 9.11 25.63
N TRP D 244 2.52 9.30 26.79
CA TRP D 244 3.34 10.48 27.09
C TRP D 244 4.73 10.06 27.49
N GLY D 245 5.72 10.88 27.18
CA GLY D 245 7.05 10.67 27.76
C GLY D 245 7.15 11.07 29.24
N GLN D 246 8.29 10.76 29.86
CA GLN D 246 8.37 10.97 31.31
C GLN D 246 8.68 12.43 31.63
N GLY D 247 9.08 13.20 30.63
CA GLY D 247 9.36 14.60 30.86
C GLY D 247 10.86 14.89 30.99
N THR D 248 11.23 16.15 30.72
CA THR D 248 12.61 16.60 30.78
C THR D 248 12.59 18.04 31.17
N LEU D 249 13.45 18.37 32.13
CA LEU D 249 13.40 19.67 32.78
C LEU D 249 14.28 20.67 32.04
N VAL D 250 13.70 21.82 31.69
CA VAL D 250 14.47 22.91 31.10
C VAL D 250 14.45 24.08 32.07
N THR D 251 15.65 24.45 32.50
CA THR D 251 15.82 25.56 33.41
C THR D 251 16.56 26.72 32.72
N VAL D 252 15.87 27.85 32.62
CA VAL D 252 16.45 29.04 32.02
C VAL D 252 16.92 30.02 33.10
N SER D 253 18.17 29.90 33.55
CA SER D 253 18.68 30.86 34.53
C SER D 253 20.01 31.46 34.15
N GLY E 11 16.02 -29.93 -1.54
CA GLY E 11 14.98 -30.19 -0.56
C GLY E 11 14.73 -29.05 0.42
N ASP E 12 14.16 -29.41 1.57
CA ASP E 12 14.06 -28.50 2.71
C ASP E 12 15.41 -28.23 3.32
N ILE E 13 15.59 -27.02 3.77
CA ILE E 13 16.83 -26.65 4.43
C ILE E 13 16.70 -26.73 5.96
N GLN E 14 17.62 -27.48 6.58
CA GLN E 14 17.67 -27.66 8.02
C GLN E 14 18.57 -26.63 8.69
N MET E 15 18.14 -26.14 9.86
CA MET E 15 18.98 -25.25 10.68
C MET E 15 19.35 -25.96 11.98
N THR E 16 20.60 -25.92 12.38
CA THR E 16 20.96 -26.50 13.68
C THR E 16 21.71 -25.45 14.43
N GLN E 17 21.47 -25.38 15.73
CA GLN E 17 22.15 -24.38 16.52
C GLN E 17 22.93 -25.03 17.61
N SER E 18 23.93 -24.32 18.11
CA SER E 18 24.67 -24.80 19.25
C SER E 18 25.16 -23.59 19.99
N PRO E 19 25.11 -23.69 21.33
CA PRO E 19 24.52 -24.85 22.00
C PRO E 19 22.99 -24.75 21.93
N SER E 20 22.30 -25.77 22.42
CA SER E 20 20.85 -25.70 22.46
C SER E 20 20.32 -25.04 23.76
N SER E 21 21.15 -24.95 24.80
CA SER E 21 20.83 -24.02 25.89
C SER E 21 22.06 -23.64 26.67
N LEU E 22 21.95 -22.53 27.39
CA LEU E 22 23.12 -22.04 28.13
C LEU E 22 22.64 -21.06 29.21
N SER E 23 23.40 -21.01 30.32
CA SER E 23 23.21 -20.00 31.38
C SER E 23 24.45 -19.19 31.49
N ALA E 24 24.26 -17.89 31.64
CA ALA E 24 25.39 -16.99 31.76
C ALA E 24 24.99 -15.91 32.72
N SER E 25 25.90 -14.99 32.98
CA SER E 25 25.57 -13.94 33.92
C SER E 25 25.48 -12.63 33.23
N VAL E 26 24.79 -11.72 33.91
CA VAL E 26 24.70 -10.34 33.43
C VAL E 26 26.09 -9.79 33.11
N GLY E 27 26.25 -9.27 31.90
CA GLY E 27 27.54 -8.75 31.47
C GLY E 27 28.35 -9.72 30.64
N ASP E 28 27.97 -11.00 30.64
CA ASP E 28 28.75 -11.92 29.83
C ASP E 28 28.56 -11.63 28.34
N ARG E 29 29.53 -12.05 27.54
CA ARG E 29 29.35 -12.14 26.11
C ARG E 29 28.84 -13.53 25.77
N VAL E 30 27.77 -13.56 24.99
CA VAL E 30 27.15 -14.82 24.57
C VAL E 30 27.14 -14.94 23.03
N THR E 31 27.57 -16.09 22.53
CA THR E 31 27.52 -16.34 21.10
C THR E 31 26.82 -17.68 20.88
N ILE E 32 25.93 -17.68 19.90
CA ILE E 32 25.16 -18.84 19.57
C ILE E 32 25.41 -19.05 18.09
N THR E 33 25.81 -20.26 17.71
CA THR E 33 26.12 -20.49 16.32
C THR E 33 24.98 -21.24 15.66
N CYS E 34 24.93 -21.07 14.34
CA CYS E 34 23.92 -21.69 13.58
C CYS E 34 24.45 -22.21 12.25
N ARG E 35 24.07 -23.42 11.92
CA ARG E 35 24.43 -23.94 10.65
C ARG E 35 23.20 -24.28 9.75
N ALA E 36 23.29 -23.90 8.47
CA ALA E 36 22.30 -24.37 7.46
C ALA E 36 22.87 -25.53 6.67
N SER E 37 21.98 -26.47 6.38
CA SER E 37 22.32 -27.66 5.62
C SER E 37 22.71 -27.36 4.15
N GLN E 38 22.42 -26.14 3.66
CA GLN E 38 22.89 -25.68 2.33
C GLN E 38 23.19 -24.22 2.35
N ASP E 39 23.86 -23.73 1.32
CA ASP E 39 24.21 -22.31 1.32
C ASP E 39 22.94 -21.48 1.27
N VAL E 40 22.86 -20.51 2.17
CA VAL E 40 21.71 -19.62 2.22
C VAL E 40 22.08 -18.17 1.98
N SER E 41 23.27 -17.95 1.41
CA SER E 41 23.73 -16.59 1.18
C SER E 41 23.76 -15.89 2.52
N THR E 42 23.16 -14.71 2.60
CA THR E 42 23.06 -13.97 3.86
C THR E 42 21.59 -13.85 4.31
N ALA E 43 20.73 -14.71 3.77
CA ALA E 43 19.30 -14.58 3.99
C ALA E 43 18.95 -15.33 5.26
N VAL E 44 19.45 -14.84 6.39
CA VAL E 44 19.16 -15.50 7.62
C VAL E 44 18.60 -14.50 8.59
N ALA E 45 17.62 -14.90 9.40
CA ALA E 45 17.15 -14.00 10.45
C ALA E 45 17.31 -14.62 11.82
N TRP E 46 17.43 -13.77 12.84
CA TRP E 46 17.39 -14.26 14.24
C TRP E 46 16.20 -13.73 14.99
N TYR E 47 15.56 -14.59 15.77
CA TYR E 47 14.37 -14.23 16.55
C TYR E 47 14.56 -14.49 18.04
N GLN E 48 13.86 -13.72 18.84
CA GLN E 48 13.90 -13.88 20.31
C GLN E 48 12.51 -14.24 20.80
N GLN E 49 12.40 -15.31 21.56
CA GLN E 49 11.09 -15.72 22.02
C GLN E 49 11.12 -15.85 23.54
N LYS E 50 10.48 -14.89 24.18
CA LYS E 50 10.24 -14.96 25.61
C LYS E 50 9.30 -16.11 25.93
N PRO E 51 9.39 -16.63 27.15
CA PRO E 51 8.49 -17.71 27.58
C PRO E 51 7.06 -17.21 27.53
N GLY E 52 6.22 -18.06 26.96
CA GLY E 52 4.83 -17.72 26.77
C GLY E 52 4.64 -16.55 25.83
N LYS E 53 5.58 -16.32 24.90
CA LYS E 53 5.34 -15.27 23.92
C LYS E 53 5.62 -15.71 22.49
N ALA E 54 5.24 -14.85 21.56
CA ALA E 54 5.56 -15.07 20.15
C ALA E 54 6.97 -14.56 19.88
N PRO E 55 7.67 -15.21 18.95
CA PRO E 55 9.01 -14.77 18.55
C PRO E 55 8.96 -13.34 18.07
N LYS E 56 10.05 -12.64 18.26
CA LYS E 56 10.23 -11.34 17.67
C LYS E 56 11.54 -11.27 16.91
N LEU E 57 11.47 -10.49 15.83
CA LEU E 57 12.61 -10.36 14.92
C LEU E 57 13.68 -9.47 15.57
N LEU E 58 14.91 -9.98 15.71
CA LEU E 58 16.08 -9.20 16.12
C LEU E 58 16.95 -8.76 14.95
N ILE E 59 17.32 -9.73 14.12
CA ILE E 59 18.29 -9.52 13.07
C ILE E 59 17.78 -10.07 11.74
N TYR E 60 17.92 -9.30 10.68
CA TYR E 60 17.50 -9.76 9.37
C TYR E 60 18.66 -9.62 8.39
N SER E 61 18.66 -10.49 7.37
CA SER E 61 19.71 -10.47 6.38
C SER E 61 21.07 -10.70 7.03
N ALA E 62 21.10 -11.57 8.03
CA ALA E 62 22.32 -11.96 8.74
C ALA E 62 22.94 -10.93 9.69
N SER E 63 23.27 -9.74 9.18
CA SER E 63 23.93 -8.71 9.98
C SER E 63 23.16 -7.42 10.26
N PHE E 64 21.85 -7.40 10.00
CA PHE E 64 21.08 -6.17 10.19
C PHE E 64 20.16 -6.16 11.41
N LEU E 65 20.22 -5.08 12.18
CA LEU E 65 19.39 -4.96 13.38
C LEU E 65 18.01 -4.50 12.97
N TYR E 66 17.00 -5.26 13.37
CA TYR E 66 15.63 -4.83 13.11
C TYR E 66 15.42 -3.60 13.98
N SER E 67 14.58 -2.66 13.54
CA SER E 67 14.49 -1.38 14.28
C SER E 67 13.95 -1.59 15.69
N GLY E 68 14.55 -0.91 16.68
CA GLY E 68 14.12 -1.03 18.07
C GLY E 68 14.93 -2.05 18.82
N VAL E 69 15.77 -2.79 18.10
CA VAL E 69 16.56 -3.83 18.76
C VAL E 69 17.87 -3.22 19.25
N PRO E 70 18.19 -3.43 20.53
CA PRO E 70 19.40 -2.84 21.09
C PRO E 70 20.64 -3.33 20.37
N SER E 71 21.66 -2.47 20.36
CA SER E 71 22.89 -2.70 19.63
C SER E 71 23.83 -3.73 20.30
N ARG E 72 23.49 -4.19 21.49
CA ARG E 72 24.28 -5.26 22.04
C ARG E 72 24.06 -6.53 21.26
N PHE E 73 22.97 -6.59 20.48
CA PHE E 73 22.68 -7.73 19.64
C PHE E 73 23.37 -7.53 18.31
N SER E 74 24.17 -8.52 17.85
CA SER E 74 24.70 -8.46 16.51
C SER E 74 24.74 -9.83 15.82
N GLY E 75 24.74 -9.84 14.49
CA GLY E 75 24.85 -11.08 13.75
C GLY E 75 25.88 -11.09 12.62
N SER E 76 26.35 -12.27 12.25
CA SER E 76 27.35 -12.39 11.20
C SER E 76 27.21 -13.72 10.49
N GLY E 77 27.96 -13.87 9.39
CA GLY E 77 27.97 -15.10 8.60
C GLY E 77 27.36 -14.97 7.17
N SER E 78 27.52 -16.03 6.39
CA SER E 78 27.04 -16.14 5.03
C SER E 78 27.36 -17.57 4.65
N GLY E 79 26.63 -18.07 3.64
CA GLY E 79 26.79 -19.45 3.22
C GLY E 79 26.05 -20.37 4.16
N THR E 80 26.80 -21.16 4.95
CA THR E 80 26.19 -22.15 5.84
C THR E 80 26.34 -21.81 7.28
N ASP E 81 27.27 -20.91 7.58
CA ASP E 81 27.61 -20.66 8.97
C ASP E 81 27.25 -19.29 9.45
N PHE E 82 26.50 -19.24 10.56
CA PHE E 82 26.01 -17.99 11.09
C PHE E 82 26.18 -17.98 12.61
N THR E 83 26.34 -16.79 13.19
CA THR E 83 26.37 -16.66 14.63
C THR E 83 25.65 -15.40 15.09
N LEU E 84 25.02 -15.52 16.26
CA LEU E 84 24.40 -14.43 16.98
C LEU E 84 25.26 -14.14 18.20
N THR E 85 25.62 -12.86 18.40
CA THR E 85 26.40 -12.45 19.53
C THR E 85 25.62 -11.47 20.35
N ILE E 86 25.54 -11.71 21.66
CA ILE E 86 25.03 -10.70 22.59
C ILE E 86 26.24 -10.18 23.38
N SER E 87 26.61 -8.92 23.16
CA SER E 87 27.91 -8.45 23.60
C SER E 87 27.96 -8.42 25.13
N SER E 88 26.88 -7.94 25.74
CA SER E 88 26.86 -7.86 27.20
C SER E 88 25.48 -8.21 27.75
N LEU E 89 25.35 -9.44 28.21
CA LEU E 89 24.04 -10.01 28.51
C LEU E 89 23.29 -9.21 29.58
N GLN E 90 22.05 -8.87 29.26
CA GLN E 90 21.16 -8.14 30.17
C GLN E 90 20.08 -9.04 30.77
N PRO E 91 19.57 -8.68 31.95
CA PRO E 91 18.59 -9.49 32.70
C PRO E 91 17.41 -9.84 31.84
N GLU E 92 16.99 -8.88 31.03
CA GLU E 92 15.83 -9.11 30.15
C GLU E 92 16.16 -9.97 28.89
N ASP E 93 17.42 -10.38 28.73
CA ASP E 93 17.76 -11.17 27.52
C ASP E 93 17.35 -12.67 27.59
N PHE E 94 16.80 -13.12 28.70
CA PHE E 94 16.58 -14.54 28.76
C PHE E 94 15.38 -14.84 27.86
N ALA E 95 15.48 -15.92 27.09
CA ALA E 95 14.55 -16.22 26.01
C ALA E 95 15.11 -17.42 25.27
N THR E 96 14.31 -17.92 24.34
CA THR E 96 14.87 -18.88 23.39
C THR E 96 15.21 -18.13 22.08
N TYR E 97 16.38 -18.38 21.47
CA TYR E 97 16.74 -17.68 20.25
C TYR E 97 16.77 -18.63 19.08
N TYR E 98 16.23 -18.21 17.93
CA TYR E 98 16.15 -19.06 16.78
C TYR E 98 16.81 -18.38 15.58
N CYS E 99 17.62 -19.19 14.88
CA CYS E 99 18.25 -18.87 13.62
C CYS E 99 17.31 -19.45 12.56
N GLN E 100 16.93 -18.68 11.53
CA GLN E 100 16.07 -19.23 10.47
C GLN E 100 16.45 -18.72 9.10
N GLN E 101 16.66 -19.62 8.14
CA GLN E 101 16.95 -19.16 6.76
C GLN E 101 15.66 -18.77 6.04
N HIS E 102 15.75 -17.72 5.23
CA HIS E 102 14.64 -17.26 4.44
C HIS E 102 15.12 -17.11 3.02
N TYR E 103 15.99 -18.04 2.62
CA TYR E 103 16.50 -18.05 1.28
C TYR E 103 15.52 -18.84 0.40
N THR E 104 14.97 -19.92 0.94
CA THR E 104 13.90 -20.62 0.23
C THR E 104 12.69 -20.78 1.08
N THR E 105 11.62 -21.24 0.51
CA THR E 105 10.40 -21.44 1.26
C THR E 105 9.97 -22.85 0.94
N PRO E 106 9.47 -23.58 1.95
CA PRO E 106 8.97 -23.10 3.22
C PRO E 106 10.08 -23.07 4.24
N PRO E 107 9.88 -22.29 5.29
CA PRO E 107 10.79 -22.25 6.43
C PRO E 107 10.63 -23.59 7.15
N THR E 108 11.64 -23.98 7.89
CA THR E 108 11.57 -25.22 8.64
C THR E 108 12.26 -24.89 9.94
N PHE E 109 11.47 -24.75 11.02
CA PHE E 109 12.01 -24.31 12.30
C PHE E 109 12.49 -25.52 13.10
N GLY E 110 13.32 -25.25 14.11
CA GLY E 110 13.78 -26.27 15.04
C GLY E 110 13.72 -25.80 16.47
N CYS E 111 14.71 -26.20 17.26
CA CYS E 111 14.63 -26.02 18.71
C CYS E 111 15.24 -24.74 19.30
N GLY E 112 15.99 -24.03 18.50
CA GLY E 112 16.59 -22.81 19.00
C GLY E 112 17.52 -23.01 20.18
N THR E 113 17.86 -21.91 20.82
CA THR E 113 18.83 -21.92 21.92
C THR E 113 18.23 -21.21 23.11
N LYS E 114 18.00 -21.98 24.14
CA LYS E 114 17.46 -21.43 25.38
C LYS E 114 18.54 -20.74 26.18
N VAL E 115 18.41 -19.42 26.31
CA VAL E 115 19.32 -18.62 27.15
C VAL E 115 18.73 -18.19 28.50
N GLU E 116 19.37 -18.66 29.56
CA GLU E 116 19.04 -18.31 30.94
C GLU E 116 20.06 -17.41 31.62
N ILE E 117 19.61 -16.56 32.54
CA ILE E 117 20.55 -15.78 33.33
C ILE E 117 20.70 -16.27 34.78
N GLU E 135 -1.25 0.96 14.46
CA GLU E 135 -0.08 0.09 14.26
C GLU E 135 -0.36 -1.27 13.63
N VAL E 136 0.73 -1.95 13.18
CA VAL E 136 0.67 -3.31 12.56
C VAL E 136 0.60 -4.41 13.62
N GLN E 137 -0.36 -5.35 13.44
CA GLN E 137 -0.42 -6.57 14.26
C GLN E 137 -1.25 -7.69 13.68
N LEU E 138 -0.96 -8.89 14.15
CA LEU E 138 -1.73 -10.07 13.84
C LEU E 138 -2.34 -10.49 15.17
N VAL E 139 -3.65 -10.68 15.25
CA VAL E 139 -4.21 -11.22 16.49
C VAL E 139 -4.93 -12.51 16.24
N GLU E 140 -4.55 -13.56 16.97
CA GLU E 140 -5.13 -14.86 16.79
C GLU E 140 -6.23 -15.19 17.80
N SER E 141 -7.07 -16.17 17.45
CA SER E 141 -8.21 -16.52 18.29
C SER E 141 -8.71 -17.85 17.79
N GLY E 142 -9.63 -18.42 18.55
CA GLY E 142 -10.34 -19.60 18.08
C GLY E 142 -9.73 -20.84 18.70
N GLY E 143 -8.66 -20.66 19.47
CA GLY E 143 -8.07 -21.83 20.13
C GLY E 143 -9.03 -22.39 21.19
N GLY E 144 -8.89 -23.70 21.47
CA GLY E 144 -9.68 -24.34 22.49
C GLY E 144 -9.43 -25.82 22.74
N LEU E 145 -10.26 -26.42 23.60
CA LEU E 145 -10.17 -27.84 23.82
C LEU E 145 -11.11 -28.58 22.86
N VAL E 146 -10.63 -29.69 22.32
CA VAL E 146 -11.43 -30.45 21.40
C VAL E 146 -10.93 -31.88 21.48
N GLN E 147 -11.68 -32.79 20.89
CA GLN E 147 -11.40 -34.20 21.01
C GLN E 147 -10.82 -34.74 19.74
N PRO E 148 -10.02 -35.82 19.88
CA PRO E 148 -9.47 -36.57 18.74
C PRO E 148 -10.59 -36.81 17.71
N GLY E 149 -10.26 -36.66 16.42
CA GLY E 149 -11.23 -36.80 15.34
C GLY E 149 -12.08 -35.56 15.14
N GLY E 150 -12.01 -34.64 16.10
CA GLY E 150 -12.75 -33.39 16.05
C GLY E 150 -12.08 -32.38 15.12
N SER E 151 -12.63 -31.17 15.10
CA SER E 151 -12.13 -30.21 14.16
C SER E 151 -12.28 -28.83 14.79
N LEU E 152 -11.50 -27.87 14.31
CA LEU E 152 -11.47 -26.57 14.92
C LEU E 152 -10.88 -25.59 13.91
N ARG E 153 -11.26 -24.31 14.05
CA ARG E 153 -10.80 -23.25 13.15
C ARG E 153 -10.14 -22.07 13.90
N LEU E 154 -8.84 -21.86 13.66
CA LEU E 154 -8.12 -20.71 14.17
C LEU E 154 -8.20 -19.49 13.27
N SER E 155 -8.16 -18.31 13.89
CA SER E 155 -8.21 -17.04 13.17
C SER E 155 -6.96 -16.19 13.40
N CYS E 156 -6.49 -15.54 12.35
CA CYS E 156 -5.31 -14.68 12.44
C CYS E 156 -5.60 -13.34 11.79
N ALA E 157 -6.37 -12.51 12.50
CA ALA E 157 -6.75 -11.19 11.99
C ALA E 157 -5.58 -10.21 11.89
N ALA E 158 -5.58 -9.42 10.82
CA ALA E 158 -4.55 -8.43 10.61
C ALA E 158 -5.04 -6.99 10.85
N SER E 159 -4.11 -6.12 11.26
CA SER E 159 -4.34 -4.68 11.40
C SER E 159 -3.14 -3.91 10.95
N GLY E 160 -3.41 -2.78 10.30
CA GLY E 160 -2.31 -1.88 9.92
C GLY E 160 -1.73 -2.28 8.59
N PHE E 161 -2.19 -3.41 8.00
CA PHE E 161 -1.72 -3.80 6.64
C PHE E 161 -2.68 -4.77 6.01
N THR E 162 -2.61 -4.87 4.69
CA THR E 162 -3.48 -5.74 3.95
C THR E 162 -2.94 -7.18 3.85
N ILE E 163 -3.65 -8.13 4.42
CA ILE E 163 -3.10 -9.47 4.60
C ILE E 163 -2.74 -10.13 3.28
N SER E 164 -3.47 -9.79 2.24
CA SER E 164 -3.27 -10.48 0.99
C SER E 164 -1.99 -9.99 0.31
N ASP E 165 -1.33 -8.96 0.87
CA ASP E 165 -0.02 -8.56 0.35
C ASP E 165 1.09 -9.50 0.76
N TYR E 166 0.80 -10.45 1.63
CA TYR E 166 1.91 -11.24 2.20
C TYR E 166 1.67 -12.74 2.16
N TRP E 167 2.72 -13.50 2.41
CA TRP E 167 2.46 -14.87 2.76
C TRP E 167 1.96 -14.74 4.16
N ILE E 168 1.07 -15.66 4.53
CA ILE E 168 0.82 -15.92 5.96
C ILE E 168 1.20 -17.36 6.29
N HIS E 169 1.98 -17.54 7.33
CA HIS E 169 2.32 -18.88 7.80
C HIS E 169 1.75 -19.16 9.18
N TRP E 170 1.40 -20.42 9.36
CA TRP E 170 1.06 -20.96 10.67
C TRP E 170 2.25 -21.81 11.12
N VAL E 171 2.74 -21.49 12.30
CA VAL E 171 3.85 -22.21 12.95
C VAL E 171 3.39 -22.61 14.35
N ARG E 172 3.67 -23.85 14.73
CA ARG E 172 3.15 -24.28 16.03
C ARG E 172 4.27 -24.78 16.95
N GLN E 173 3.94 -24.81 18.23
CA GLN E 173 4.82 -25.27 19.31
C GLN E 173 4.01 -26.13 20.30
N ALA E 174 4.34 -27.41 20.27
CA ALA E 174 3.90 -28.35 21.32
C ALA E 174 4.53 -28.01 22.68
N PRO E 175 3.78 -28.25 23.76
CA PRO E 175 4.29 -28.02 25.12
C PRO E 175 5.69 -28.65 25.30
N GLY E 176 6.66 -27.84 25.70
CA GLY E 176 8.02 -28.32 25.94
C GLY E 176 8.55 -28.91 24.64
N LYS E 177 7.90 -28.54 23.54
CA LYS E 177 8.65 -28.80 22.29
C LYS E 177 9.08 -27.65 21.40
N CYS E 178 9.53 -28.04 20.21
CA CYS E 178 10.15 -27.06 19.35
C CYS E 178 9.16 -26.41 18.39
N LEU E 179 9.69 -25.48 17.61
CA LEU E 179 8.90 -24.76 16.61
C LEU E 179 8.71 -25.64 15.35
N GLU E 180 7.45 -25.77 14.93
CA GLU E 180 7.13 -26.53 13.72
C GLU E 180 6.30 -25.70 12.70
N TRP E 181 6.86 -25.51 11.52
CA TRP E 181 6.08 -24.88 10.43
C TRP E 181 4.96 -25.81 9.96
N VAL E 182 3.74 -25.28 9.83
CA VAL E 182 2.53 -26.09 9.56
C VAL E 182 1.94 -25.84 8.15
N ALA E 183 1.80 -24.57 7.76
CA ALA E 183 1.15 -24.23 6.48
C ALA E 183 1.43 -22.79 6.04
N GLY E 184 1.29 -22.55 4.74
CA GLY E 184 1.56 -21.22 4.20
C GLY E 184 0.69 -20.93 3.00
N ILE E 185 0.26 -19.68 2.91
CA ILE E 185 -0.54 -19.27 1.76
C ILE E 185 0.09 -18.02 1.24
N THR E 186 0.26 -17.96 -0.07
CA THR E 186 0.94 -16.86 -0.75
C THR E 186 0.09 -15.61 -0.90
N PRO E 187 0.73 -14.50 -1.24
CA PRO E 187 0.00 -13.24 -1.43
C PRO E 187 -1.02 -13.37 -2.55
N ALA E 188 -2.20 -12.82 -2.34
CA ALA E 188 -3.26 -12.86 -3.34
C ALA E 188 -3.95 -14.22 -3.36
N GLY E 189 -3.59 -15.06 -2.41
CA GLY E 189 -4.14 -16.41 -2.31
C GLY E 189 -3.81 -17.29 -3.50
N GLY E 190 -2.67 -17.04 -4.12
CA GLY E 190 -2.25 -17.81 -5.28
C GLY E 190 -1.98 -19.29 -5.04
N TYR E 191 -1.33 -19.60 -3.92
CA TYR E 191 -0.96 -20.98 -3.60
C TYR E 191 -0.97 -21.30 -2.11
N THR E 192 -1.14 -22.57 -1.79
CA THR E 192 -0.98 -23.01 -0.40
C THR E 192 0.00 -24.16 -0.26
N TYR E 193 0.65 -24.24 0.91
CA TYR E 193 1.61 -25.28 1.24
C TYR E 193 1.37 -25.87 2.63
N TYR E 194 1.65 -27.16 2.80
CA TYR E 194 1.47 -27.78 4.09
C TYR E 194 2.61 -28.71 4.48
N ALA E 195 2.93 -28.77 5.77
CA ALA E 195 3.87 -29.78 6.27
C ALA E 195 3.17 -31.12 6.05
N ASP E 196 3.98 -32.14 5.80
CA ASP E 196 3.45 -33.51 5.71
C ASP E 196 2.58 -33.90 6.92
N SER E 197 2.86 -33.35 8.09
CA SER E 197 2.15 -33.76 9.31
C SER E 197 0.67 -33.33 9.34
N VAL E 198 0.29 -32.36 8.49
CA VAL E 198 -1.11 -31.86 8.50
C VAL E 198 -1.73 -31.91 7.07
N LYS E 199 -0.91 -32.26 6.10
CA LYS E 199 -1.41 -32.26 4.73
C LYS E 199 -2.62 -33.18 4.55
N GLY E 200 -3.63 -32.69 3.88
CA GLY E 200 -4.85 -33.44 3.70
C GLY E 200 -5.77 -33.37 4.90
N ARG E 201 -5.32 -32.83 6.04
CA ARG E 201 -6.22 -32.66 7.21
C ARG E 201 -6.57 -31.18 7.50
N PHE E 202 -5.60 -30.29 7.27
CA PHE E 202 -5.77 -28.86 7.55
C PHE E 202 -5.91 -28.03 6.29
N THR E 203 -6.60 -26.90 6.39
CA THR E 203 -6.68 -26.03 5.24
C THR E 203 -6.25 -24.66 5.67
N ILE E 204 -5.42 -24.02 4.89
CA ILE E 204 -5.08 -22.63 5.21
C ILE E 204 -5.81 -21.75 4.25
N SER E 205 -6.35 -20.64 4.76
CA SER E 205 -7.17 -19.76 3.92
C SER E 205 -7.17 -18.33 4.42
N ALA E 206 -7.94 -17.46 3.77
CA ALA E 206 -8.22 -16.16 4.34
C ALA E 206 -9.50 -15.56 3.79
N ASP E 207 -10.01 -14.57 4.51
CA ASP E 207 -11.18 -13.86 4.07
C ASP E 207 -10.75 -12.41 3.93
N THR E 208 -10.56 -11.96 2.69
CA THR E 208 -10.01 -10.64 2.49
C THR E 208 -10.93 -9.53 3.04
N SER E 209 -12.24 -9.74 2.95
CA SER E 209 -13.17 -8.71 3.40
C SER E 209 -13.02 -8.55 4.92
N LYS E 210 -12.53 -9.58 5.59
CA LYS E 210 -12.30 -9.41 7.02
C LYS E 210 -10.83 -9.21 7.38
N ASN E 211 -9.97 -9.20 6.35
CA ASN E 211 -8.55 -9.06 6.54
C ASN E 211 -8.04 -10.06 7.55
N THR E 212 -8.46 -11.30 7.41
CA THR E 212 -8.17 -12.30 8.43
C THR E 212 -7.83 -13.67 7.82
N ALA E 213 -6.75 -14.31 8.31
CA ALA E 213 -6.35 -15.62 7.78
C ALA E 213 -6.86 -16.71 8.69
N TYR E 214 -6.92 -17.94 8.18
CA TYR E 214 -7.45 -19.04 8.93
C TYR E 214 -6.62 -20.30 8.81
N LEU E 215 -6.78 -21.17 9.80
CA LEU E 215 -6.28 -22.51 9.68
C LEU E 215 -7.48 -23.35 10.10
N GLN E 216 -8.06 -24.08 9.15
CA GLN E 216 -9.17 -24.95 9.45
C GLN E 216 -8.56 -26.34 9.69
N MET E 217 -8.74 -26.85 10.89
CA MET E 217 -8.05 -28.09 11.27
C MET E 217 -9.09 -29.19 11.37
N ASN E 218 -8.92 -30.26 10.60
CA ASN E 218 -9.87 -31.41 10.67
C ASN E 218 -9.17 -32.65 11.15
N SER E 219 -9.92 -33.65 11.58
CA SER E 219 -9.34 -34.94 12.03
C SER E 219 -8.22 -34.76 13.05
N LEU E 220 -8.50 -33.91 14.04
CA LEU E 220 -7.49 -33.56 15.04
C LEU E 220 -6.92 -34.77 15.77
N ARG E 221 -5.61 -34.68 16.06
CA ARG E 221 -4.88 -35.71 16.79
C ARG E 221 -4.30 -35.08 18.03
N ALA E 222 -3.97 -35.92 19.00
CA ALA E 222 -3.28 -35.45 20.18
C ALA E 222 -1.98 -34.66 19.81
N GLU E 223 -1.17 -35.20 18.88
CA GLU E 223 0.02 -34.48 18.36
C GLU E 223 -0.28 -33.01 18.00
N ASP E 224 -1.52 -32.70 17.63
CA ASP E 224 -1.81 -31.37 17.13
C ASP E 224 -1.95 -30.36 18.27
N THR E 225 -1.88 -30.87 19.50
CA THR E 225 -1.95 -30.02 20.67
C THR E 225 -0.74 -29.11 20.64
N ALA E 226 -0.98 -27.80 20.77
CA ALA E 226 0.13 -26.82 20.72
C ALA E 226 -0.39 -25.38 20.76
N VAL E 227 0.55 -24.46 20.95
CA VAL E 227 0.27 -23.05 20.75
C VAL E 227 0.44 -22.83 19.25
N TYR E 228 -0.50 -22.14 18.62
CA TYR E 228 -0.35 -21.89 17.19
C TYR E 228 -0.15 -20.42 16.98
N TYR E 229 0.96 -20.09 16.29
CA TYR E 229 1.22 -18.74 15.79
C TYR E 229 1.02 -18.61 14.27
N CYS E 230 0.63 -17.40 13.84
CA CYS E 230 0.72 -17.07 12.46
C CYS E 230 1.73 -15.91 12.35
N ALA E 231 2.22 -15.66 11.14
CA ALA E 231 3.25 -14.65 10.92
C ALA E 231 3.23 -14.38 9.46
N ARG E 232 3.66 -13.17 9.09
CA ARG E 232 3.61 -12.74 7.71
C ARG E 232 5.01 -12.73 7.16
N PHE E 233 5.12 -12.90 5.84
CA PHE E 233 6.43 -12.97 5.17
C PHE E 233 6.33 -12.57 3.70
N VAL E 234 7.37 -11.89 3.22
CA VAL E 234 7.59 -11.77 1.78
C VAL E 234 9.08 -11.73 1.51
N PHE E 235 9.46 -11.91 0.27
CA PHE E 235 10.88 -11.84 -0.05
C PHE E 235 11.39 -10.41 -0.29
N PHE E 236 10.55 -9.43 -0.06
CA PHE E 236 10.97 -8.04 -0.04
C PHE E 236 11.58 -7.81 1.38
N LEU E 237 12.36 -6.75 1.50
CA LEU E 237 13.02 -6.44 2.77
C LEU E 237 11.96 -6.17 3.82
N PRO E 238 12.19 -6.65 5.04
CA PRO E 238 13.46 -7.30 5.41
C PRO E 238 13.54 -8.78 5.03
N TYR E 239 12.48 -9.31 4.44
CA TYR E 239 12.39 -10.72 4.08
C TYR E 239 12.64 -11.66 5.26
N ALA E 240 12.00 -11.30 6.37
CA ALA E 240 12.02 -12.06 7.61
C ALA E 240 10.60 -12.02 8.16
N MET E 241 10.25 -12.97 9.01
CA MET E 241 8.93 -12.99 9.60
C MET E 241 8.88 -11.87 10.61
N ASP E 242 8.55 -10.69 10.12
CA ASP E 242 8.66 -9.49 10.93
C ASP E 242 7.52 -9.18 11.89
N TYR E 243 6.33 -9.76 11.65
CA TYR E 243 5.22 -9.71 12.63
C TYR E 243 4.64 -11.10 12.82
N TRP E 244 4.42 -11.44 14.09
CA TRP E 244 3.71 -12.64 14.54
C TRP E 244 2.54 -12.27 15.47
N GLY E 245 1.53 -13.14 15.49
CA GLY E 245 0.47 -13.01 16.44
C GLY E 245 0.91 -13.60 17.77
N GLN E 246 0.07 -13.40 18.79
CA GLN E 246 0.49 -13.72 20.14
C GLN E 246 0.35 -15.20 20.42
N GLY E 247 -0.26 -15.95 19.51
CA GLY E 247 -0.42 -17.37 19.74
C GLY E 247 -1.81 -17.74 20.31
N THR E 248 -2.29 -18.94 19.93
CA THR E 248 -3.53 -19.47 20.49
C THR E 248 -3.33 -20.96 20.76
N LEU E 249 -3.82 -21.40 21.91
CA LEU E 249 -3.59 -22.74 22.39
C LEU E 249 -4.63 -23.75 21.89
N VAL E 250 -4.14 -24.83 21.30
CA VAL E 250 -5.05 -25.87 20.87
C VAL E 250 -4.70 -27.15 21.61
N THR E 251 -5.69 -27.61 22.40
CA THR E 251 -5.57 -28.78 23.24
C THR E 251 -6.46 -29.89 22.73
N VAL E 252 -5.82 -30.97 22.27
CA VAL E 252 -6.57 -32.15 21.79
C VAL E 252 -6.71 -33.25 22.87
N GLY F 11 -14.39 30.21 0.18
CA GLY F 11 -15.56 29.62 0.81
C GLY F 11 -15.94 28.22 0.31
N ASP F 12 -17.07 27.71 0.80
CA ASP F 12 -17.64 26.49 0.24
C ASP F 12 -18.09 26.71 -1.20
N ILE F 13 -17.80 25.74 -2.03
CA ILE F 13 -18.21 25.83 -3.43
C ILE F 13 -19.54 25.13 -3.65
N GLN F 14 -20.50 25.87 -4.22
CA GLN F 14 -21.82 25.34 -4.53
C GLN F 14 -21.85 24.77 -5.93
N MET F 15 -22.56 23.65 -6.09
CA MET F 15 -22.86 23.09 -7.44
C MET F 15 -24.34 23.20 -7.73
N THR F 16 -24.70 23.68 -8.91
CA THR F 16 -26.10 23.64 -9.32
C THR F 16 -26.24 22.92 -10.67
N GLN F 17 -27.25 22.08 -10.79
CA GLN F 17 -27.47 21.36 -12.02
C GLN F 17 -28.78 21.78 -12.64
N SER F 18 -28.88 21.55 -13.95
CA SER F 18 -30.13 21.76 -14.63
C SER F 18 -30.18 20.76 -15.75
N PRO F 19 -31.37 20.22 -16.01
CA PRO F 19 -32.53 20.47 -15.15
C PRO F 19 -32.40 19.63 -13.92
N SER F 20 -33.36 19.76 -13.02
CA SER F 20 -33.26 18.97 -11.78
C SER F 20 -33.97 17.64 -11.91
N SER F 21 -34.86 17.51 -12.89
CA SER F 21 -35.32 16.16 -13.31
C SER F 21 -35.76 16.16 -14.76
N LEU F 22 -35.79 14.98 -15.37
CA LEU F 22 -36.25 14.90 -16.77
C LEU F 22 -36.65 13.46 -17.06
N SER F 23 -37.60 13.29 -17.97
CA SER F 23 -37.98 11.98 -18.54
C SER F 23 -37.69 11.99 -20.03
N ALA F 24 -37.09 10.90 -20.47
CA ALA F 24 -36.74 10.76 -21.86
C ALA F 24 -37.00 9.31 -22.24
N SER F 25 -36.82 9.01 -23.52
CA SER F 25 -37.07 7.65 -24.00
C SER F 25 -35.79 6.94 -24.34
N VAL F 26 -35.88 5.60 -24.35
CA VAL F 26 -34.76 4.80 -24.78
C VAL F 26 -34.26 5.31 -26.14
N GLY F 27 -32.96 5.60 -26.21
CA GLY F 27 -32.35 6.03 -27.46
C GLY F 27 -32.13 7.53 -27.50
N ASP F 28 -32.76 8.27 -26.59
CA ASP F 28 -32.61 9.72 -26.61
C ASP F 28 -31.17 10.11 -26.23
N ARG F 29 -30.77 11.29 -26.66
CA ARG F 29 -29.57 11.88 -26.16
C ARG F 29 -29.99 12.77 -24.96
N VAL F 30 -29.26 12.65 -23.85
CA VAL F 30 -29.56 13.41 -22.63
C VAL F 30 -28.33 14.19 -22.15
N THR F 31 -28.52 15.48 -21.86
CA THR F 31 -27.42 16.29 -21.36
C THR F 31 -27.92 16.94 -20.08
N ILE F 32 -27.03 16.95 -19.10
CA ILE F 32 -27.33 17.56 -17.84
C ILE F 32 -26.17 18.52 -17.60
N THR F 33 -26.49 19.78 -17.33
CA THR F 33 -25.41 20.74 -17.14
C THR F 33 -25.26 20.98 -15.67
N CYS F 34 -24.07 21.46 -15.35
CA CYS F 34 -23.70 21.73 -14.01
C CYS F 34 -22.82 22.99 -13.91
N ARG F 35 -23.14 23.80 -12.93
CA ARG F 35 -22.33 24.96 -12.69
C ARG F 35 -21.71 25.00 -11.26
N ALA F 36 -20.42 25.31 -11.20
CA ALA F 36 -19.80 25.59 -9.89
C ALA F 36 -19.78 27.11 -9.63
N SER F 37 -19.98 27.45 -8.37
CA SER F 37 -19.93 28.84 -7.94
C SER F 37 -18.55 29.53 -8.07
N GLN F 38 -17.47 28.74 -8.25
CA GLN F 38 -16.09 29.25 -8.51
C GLN F 38 -15.39 28.34 -9.47
N ASP F 39 -14.31 28.80 -10.08
CA ASP F 39 -13.56 27.93 -10.98
C ASP F 39 -13.01 26.74 -10.21
N VAL F 40 -13.23 25.55 -10.76
CA VAL F 40 -12.76 24.31 -10.16
C VAL F 40 -11.82 23.57 -11.08
N SER F 41 -11.28 24.27 -12.07
CA SER F 41 -10.40 23.65 -13.04
C SER F 41 -11.19 22.54 -13.73
N THR F 42 -10.60 21.36 -13.82
CA THR F 42 -11.28 20.20 -14.39
C THR F 42 -11.56 19.15 -13.31
N ALA F 43 -11.47 19.55 -12.05
CA ALA F 43 -11.61 18.60 -10.98
C ALA F 43 -13.06 18.40 -10.64
N VAL F 44 -13.80 17.76 -11.54
CA VAL F 44 -15.20 17.51 -11.26
C VAL F 44 -15.50 16.03 -11.51
N ALA F 45 -16.37 15.43 -10.70
CA ALA F 45 -16.77 14.04 -10.95
C ALA F 45 -18.25 13.94 -11.14
N TRP F 46 -18.70 12.95 -11.92
CA TRP F 46 -20.15 12.67 -11.97
C TRP F 46 -20.47 11.32 -11.34
N TYR F 47 -21.61 11.26 -10.64
CA TYR F 47 -22.06 10.06 -9.97
C TYR F 47 -23.48 9.66 -10.39
N GLN F 48 -23.74 8.35 -10.34
CA GLN F 48 -25.05 7.81 -10.65
C GLN F 48 -25.56 7.12 -9.40
N GLN F 49 -26.80 7.45 -9.06
CA GLN F 49 -27.38 6.87 -7.88
C GLN F 49 -28.75 6.29 -8.22
N LYS F 50 -28.77 4.98 -8.25
CA LYS F 50 -30.03 4.24 -8.36
C LYS F 50 -30.88 4.42 -7.11
N PRO F 51 -32.19 4.34 -7.29
CA PRO F 51 -33.06 4.43 -6.10
C PRO F 51 -32.71 3.36 -5.08
N GLY F 52 -32.62 3.81 -3.84
CA GLY F 52 -32.26 2.95 -2.74
C GLY F 52 -30.85 2.43 -2.86
N LYS F 53 -29.97 3.16 -3.57
CA LYS F 53 -28.57 2.74 -3.60
C LYS F 53 -27.60 3.87 -3.28
N ALA F 54 -26.35 3.48 -3.08
CA ALA F 54 -25.26 4.45 -2.93
C ALA F 54 -24.82 4.91 -4.31
N PRO F 55 -24.39 6.17 -4.41
CA PRO F 55 -23.85 6.74 -5.63
C PRO F 55 -22.69 5.89 -6.12
N LYS F 56 -22.50 5.83 -7.43
CA LYS F 56 -21.33 5.25 -8.04
C LYS F 56 -20.67 6.24 -9.00
N LEU F 57 -19.35 6.18 -9.01
CA LEU F 57 -18.54 7.10 -9.79
C LEU F 57 -18.71 6.75 -11.30
N LEU F 58 -19.19 7.71 -12.11
CA LEU F 58 -19.12 7.51 -13.58
C LEU F 58 -17.92 8.15 -14.25
N ILE F 59 -17.69 9.41 -13.90
CA ILE F 59 -16.72 10.26 -14.60
C ILE F 59 -15.87 11.02 -13.58
N TYR F 60 -14.57 11.03 -13.81
CA TYR F 60 -13.67 11.76 -12.93
C TYR F 60 -12.80 12.68 -13.75
N SER F 61 -12.33 13.76 -13.13
CA SER F 61 -11.48 14.73 -13.80
C SER F 61 -12.21 15.31 -15.01
N ALA F 62 -13.51 15.53 -14.85
CA ALA F 62 -14.36 16.12 -15.88
C ALA F 62 -14.69 15.26 -17.10
N SER F 63 -13.67 14.78 -17.81
CA SER F 63 -13.90 14.00 -19.03
C SER F 63 -13.47 12.54 -19.03
N PHE F 64 -13.10 11.99 -17.88
CA PHE F 64 -12.60 10.62 -17.84
C PHE F 64 -13.60 9.57 -17.35
N LEU F 65 -13.74 8.50 -18.12
CA LEU F 65 -14.65 7.41 -17.74
C LEU F 65 -14.03 6.59 -16.68
N TYR F 66 -14.75 6.37 -15.59
CA TYR F 66 -14.27 5.48 -14.52
C TYR F 66 -14.37 4.06 -15.10
N SER F 67 -13.51 3.15 -14.67
CA SER F 67 -13.45 1.85 -15.36
C SER F 67 -14.75 1.07 -15.18
N GLY F 68 -15.22 0.45 -16.26
CA GLY F 68 -16.45 -0.34 -16.24
C GLY F 68 -17.68 0.46 -16.62
N VAL F 69 -17.50 1.78 -16.72
CA VAL F 69 -18.62 2.62 -17.12
C VAL F 69 -18.74 2.62 -18.65
N PRO F 70 -19.96 2.37 -19.13
CA PRO F 70 -20.18 2.34 -20.60
C PRO F 70 -19.85 3.67 -21.26
N SER F 71 -19.35 3.56 -22.49
CA SER F 71 -18.89 4.71 -23.27
C SER F 71 -20.02 5.62 -23.79
N ARG F 72 -21.28 5.26 -23.57
CA ARG F 72 -22.37 6.18 -23.93
C ARG F 72 -22.40 7.34 -22.96
N PHE F 73 -21.73 7.18 -21.81
CA PHE F 73 -21.56 8.24 -20.85
C PHE F 73 -20.31 9.06 -21.16
N SER F 74 -20.48 10.38 -21.30
CA SER F 74 -19.31 11.25 -21.45
C SER F 74 -19.43 12.57 -20.69
N GLY F 75 -18.31 13.22 -20.39
CA GLY F 75 -18.39 14.49 -19.70
C GLY F 75 -17.42 15.51 -20.23
N SER F 76 -17.72 16.78 -20.04
CA SER F 76 -16.89 17.85 -20.58
C SER F 76 -16.98 19.10 -19.70
N GLY F 77 -16.13 20.10 -19.99
CA GLY F 77 -16.15 21.35 -19.24
C GLY F 77 -14.86 21.60 -18.45
N SER F 78 -14.74 22.83 -17.94
CA SER F 78 -13.61 23.25 -17.12
C SER F 78 -14.03 24.60 -16.59
N GLY F 79 -13.38 25.04 -15.51
CA GLY F 79 -13.76 26.30 -14.92
C GLY F 79 -15.02 26.20 -14.08
N THR F 80 -16.12 26.75 -14.58
CA THR F 80 -17.36 26.75 -13.78
C THR F 80 -18.44 25.95 -14.43
N ASP F 81 -18.24 25.58 -15.69
CA ASP F 81 -19.33 24.98 -16.46
C ASP F 81 -19.00 23.57 -16.88
N PHE F 82 -19.90 22.66 -16.57
CA PHE F 82 -19.67 21.24 -16.88
C PHE F 82 -20.95 20.64 -17.38
N THR F 83 -20.82 19.58 -18.17
CA THR F 83 -21.97 18.86 -18.65
C THR F 83 -21.73 17.35 -18.71
N LEU F 84 -22.80 16.62 -18.43
CA LEU F 84 -22.83 15.18 -18.59
C LEU F 84 -23.71 14.88 -19.77
N THR F 85 -23.21 14.01 -20.67
CA THR F 85 -23.99 13.57 -21.83
C THR F 85 -24.15 12.06 -21.82
N ILE F 86 -25.39 11.60 -21.91
CA ILE F 86 -25.65 10.20 -22.19
C ILE F 86 -26.10 10.12 -23.66
N SER F 87 -25.26 9.53 -24.51
CA SER F 87 -25.48 9.64 -25.95
C SER F 87 -26.77 8.94 -26.38
N SER F 88 -27.01 7.74 -25.83
CA SER F 88 -28.19 6.99 -26.19
C SER F 88 -28.78 6.28 -24.98
N LEU F 89 -29.81 6.92 -24.42
CA LEU F 89 -30.32 6.52 -23.11
C LEU F 89 -30.79 5.07 -23.13
N GLN F 90 -30.35 4.33 -22.12
CA GLN F 90 -30.69 2.91 -21.90
C GLN F 90 -31.67 2.71 -20.72
N PRO F 91 -32.48 1.64 -20.77
CA PRO F 91 -33.51 1.40 -19.76
C PRO F 91 -32.92 1.43 -18.38
N GLU F 92 -31.70 0.89 -18.23
CA GLU F 92 -31.01 0.87 -16.93
C GLU F 92 -30.41 2.23 -16.50
N ASP F 93 -30.48 3.25 -17.33
CA ASP F 93 -29.87 4.54 -16.96
C ASP F 93 -30.71 5.38 -15.96
N PHE F 94 -31.90 4.92 -15.58
CA PHE F 94 -32.67 5.79 -14.74
C PHE F 94 -32.04 5.80 -13.36
N ALA F 95 -31.88 6.99 -12.81
CA ALA F 95 -31.11 7.20 -11.56
C ALA F 95 -31.05 8.70 -11.33
N THR F 96 -30.50 9.09 -10.18
CA THR F 96 -30.27 10.51 -10.01
C THR F 96 -28.80 10.72 -10.32
N TYR F 97 -28.43 11.75 -11.07
CA TYR F 97 -27.02 12.02 -11.37
C TYR F 97 -26.56 13.26 -10.65
N TYR F 98 -25.36 13.19 -10.08
CA TYR F 98 -24.81 14.30 -9.40
C TYR F 98 -23.47 14.71 -10.00
N CYS F 99 -23.31 16.02 -10.15
CA CYS F 99 -22.08 16.71 -10.48
C CYS F 99 -21.46 17.13 -9.14
N GLN F 100 -20.18 16.86 -8.91
CA GLN F 100 -19.51 17.31 -7.67
C GLN F 100 -18.07 17.77 -7.88
N GLN F 101 -17.73 18.97 -7.39
CA GLN F 101 -16.35 19.41 -7.48
C GLN F 101 -15.48 18.81 -6.38
N HIS F 102 -14.25 18.43 -6.77
CA HIS F 102 -13.28 17.89 -5.83
C HIS F 102 -12.02 18.71 -5.97
N TYR F 103 -12.19 20.01 -6.15
CA TYR F 103 -11.06 20.87 -6.29
C TYR F 103 -10.67 21.34 -4.91
N THR F 104 -11.65 21.60 -4.06
CA THR F 104 -11.36 21.88 -2.67
C THR F 104 -12.15 20.95 -1.77
N THR F 105 -11.91 21.06 -0.48
CA THR F 105 -12.60 20.21 0.47
C THR F 105 -13.05 21.14 1.56
N PRO F 106 -14.28 20.94 2.05
CA PRO F 106 -15.10 19.75 1.95
C PRO F 106 -16.00 19.80 0.75
N PRO F 107 -16.47 18.64 0.29
CA PRO F 107 -17.46 18.53 -0.77
C PRO F 107 -18.77 19.07 -0.22
N THR F 108 -19.66 19.57 -1.07
CA THR F 108 -20.92 20.08 -0.60
C THR F 108 -21.85 19.60 -1.65
N PHE F 109 -22.70 18.64 -1.30
CA PHE F 109 -23.57 18.02 -2.29
C PHE F 109 -24.87 18.77 -2.37
N GLY F 110 -25.58 18.57 -3.48
CA GLY F 110 -26.93 19.08 -3.61
C GLY F 110 -27.93 18.05 -4.14
N CYS F 111 -28.89 18.53 -4.93
CA CYS F 111 -30.01 17.69 -5.37
C CYS F 111 -29.86 16.80 -6.60
N GLY F 112 -28.84 17.05 -7.41
CA GLY F 112 -28.63 16.23 -8.58
C GLY F 112 -29.76 16.34 -9.59
N THR F 113 -29.71 15.46 -10.58
CA THR F 113 -30.73 15.48 -11.63
C THR F 113 -31.38 14.10 -11.74
N LYS F 114 -32.67 14.07 -11.43
CA LYS F 114 -33.40 12.82 -11.51
C LYS F 114 -33.80 12.47 -12.95
N VAL F 115 -33.30 11.34 -13.46
CA VAL F 115 -33.56 10.88 -14.83
C VAL F 115 -34.44 9.65 -14.88
N GLU F 116 -35.61 9.85 -15.49
CA GLU F 116 -36.58 8.80 -15.67
C GLU F 116 -36.73 8.39 -17.12
N ILE F 117 -37.07 7.12 -17.33
CA ILE F 117 -37.38 6.66 -18.68
C ILE F 117 -38.88 6.40 -18.88
N VAL F 136 -12.37 -4.42 -3.06
CA VAL F 136 -12.54 -3.17 -2.30
C VAL F 136 -14.01 -2.86 -1.98
N GLN F 137 -14.33 -2.65 -0.69
CA GLN F 137 -15.64 -2.13 -0.30
C GLN F 137 -15.70 -1.48 1.05
N LEU F 138 -16.73 -0.65 1.25
CA LEU F 138 -17.07 -0.11 2.56
C LEU F 138 -18.43 -0.72 2.90
N VAL F 139 -18.54 -1.29 4.09
CA VAL F 139 -19.84 -1.77 4.52
C VAL F 139 -20.27 -1.10 5.81
N GLU F 140 -21.43 -0.44 5.75
CA GLU F 140 -21.93 0.30 6.90
C GLU F 140 -22.91 -0.52 7.72
N SER F 141 -23.08 -0.13 8.98
CA SER F 141 -23.97 -0.84 9.89
C SER F 141 -24.23 0.08 11.07
N GLY F 142 -25.10 -0.37 11.95
CA GLY F 142 -25.35 0.35 13.20
C GLY F 142 -26.54 1.30 13.09
N GLY F 143 -27.11 1.43 11.88
CA GLY F 143 -28.33 2.21 11.73
C GLY F 143 -29.48 1.65 12.60
N GLY F 144 -30.40 2.53 13.01
CA GLY F 144 -31.57 2.12 13.75
C GLY F 144 -32.56 3.23 14.10
N LEU F 145 -33.57 2.83 14.89
CA LEU F 145 -34.53 3.78 15.43
C LEU F 145 -34.06 4.26 16.80
N VAL F 146 -34.17 5.57 17.01
CA VAL F 146 -33.80 6.13 18.29
C VAL F 146 -34.65 7.36 18.49
N GLN F 147 -34.62 7.89 19.70
CA GLN F 147 -35.44 9.02 20.04
C GLN F 147 -34.63 10.28 20.13
N PRO F 148 -35.31 11.43 19.89
CA PRO F 148 -34.74 12.77 20.04
C PRO F 148 -33.96 12.82 21.36
N GLY F 149 -32.79 13.47 21.31
CA GLY F 149 -31.95 13.62 22.49
C GLY F 149 -31.08 12.39 22.71
N GLY F 150 -31.41 11.29 22.03
CA GLY F 150 -30.66 10.05 22.14
C GLY F 150 -29.37 10.10 21.33
N SER F 151 -28.74 8.94 21.26
CA SER F 151 -27.49 8.89 20.57
C SER F 151 -27.29 7.52 19.92
N LEU F 152 -26.38 7.45 18.97
CA LEU F 152 -26.22 6.26 18.19
C LEU F 152 -24.88 6.31 17.44
N ARG F 153 -24.30 5.13 17.18
CA ARG F 153 -23.02 5.05 16.49
C ARG F 153 -23.05 4.21 15.20
N LEU F 154 -22.78 4.85 14.06
CA LEU F 154 -22.66 4.13 12.79
C LEU F 154 -21.24 3.60 12.55
N SER F 155 -21.15 2.52 11.77
CA SER F 155 -19.88 1.90 11.42
C SER F 155 -19.68 1.86 9.90
N CYS F 156 -18.45 2.10 9.47
CA CYS F 156 -18.09 2.07 8.06
C CYS F 156 -16.85 1.21 7.86
N ALA F 157 -17.02 -0.11 7.96
CA ALA F 157 -15.92 -1.04 7.81
C ALA F 157 -15.33 -1.09 6.41
N ALA F 158 -14.00 -1.18 6.32
CA ALA F 158 -13.34 -1.23 5.03
C ALA F 158 -12.74 -2.64 4.74
N SER F 159 -12.70 -3.00 3.44
CA SER F 159 -12.07 -4.22 2.95
C SER F 159 -11.29 -3.95 1.68
N GLY F 160 -10.08 -4.54 1.60
CA GLY F 160 -9.33 -4.53 0.35
C GLY F 160 -8.48 -3.28 0.30
N PHE F 161 -8.52 -2.46 1.35
CA PHE F 161 -7.59 -1.33 1.43
C PHE F 161 -7.53 -0.84 2.84
N THR F 162 -6.46 -0.11 3.14
CA THR F 162 -6.25 0.41 4.48
C THR F 162 -6.97 1.76 4.69
N ILE F 163 -7.96 1.78 5.60
CA ILE F 163 -8.80 2.99 5.74
C ILE F 163 -8.01 4.29 6.06
N SER F 164 -6.91 4.17 6.78
CA SER F 164 -6.21 5.35 7.21
C SER F 164 -5.41 5.95 6.05
N ASP F 165 -5.41 5.29 4.89
CA ASP F 165 -4.76 5.92 3.74
C ASP F 165 -5.64 6.97 3.11
N TYR F 166 -6.88 7.08 3.56
CA TYR F 166 -7.84 7.96 2.84
C TYR F 166 -8.54 8.96 3.75
N TRP F 167 -9.19 9.93 3.14
CA TRP F 167 -10.21 10.63 3.87
C TRP F 167 -11.36 9.65 3.92
N ILE F 168 -12.11 9.68 5.01
CA ILE F 168 -13.45 9.08 4.97
C ILE F 168 -14.48 10.16 5.24
N HIS F 169 -15.47 10.23 4.36
CA HIS F 169 -16.60 11.14 4.57
C HIS F 169 -17.87 10.40 4.86
N TRP F 170 -18.69 11.05 5.69
CA TRP F 170 -20.05 10.66 5.89
C TRP F 170 -20.93 11.66 5.17
N VAL F 171 -21.79 11.13 4.29
CA VAL F 171 -22.75 11.93 3.51
C VAL F 171 -24.11 11.35 3.80
N ARG F 172 -25.12 12.21 4.01
CA ARG F 172 -26.43 11.68 4.30
C ARG F 172 -27.55 12.18 3.32
N GLN F 173 -28.65 11.44 3.33
CA GLN F 173 -29.82 11.76 2.54
C GLN F 173 -31.10 11.51 3.31
N ALA F 174 -31.74 12.63 3.64
CA ALA F 174 -33.08 12.58 4.25
C ALA F 174 -34.10 12.03 3.21
N PRO F 175 -35.12 11.30 3.71
CA PRO F 175 -36.19 10.81 2.82
C PRO F 175 -36.69 11.92 1.86
N GLY F 176 -36.66 11.66 0.56
CA GLY F 176 -37.15 12.61 -0.45
C GLY F 176 -36.38 13.92 -0.33
N LYS F 177 -35.18 13.82 0.19
CA LYS F 177 -34.34 15.00 0.35
C LYS F 177 -33.02 14.87 -0.41
N CYS F 178 -32.19 15.90 -0.35
CA CYS F 178 -30.98 15.82 -1.17
C CYS F 178 -29.78 15.23 -0.42
N LEU F 179 -28.65 15.15 -1.12
CA LEU F 179 -27.40 14.71 -0.52
C LEU F 179 -26.77 15.85 0.33
N GLU F 180 -26.40 15.52 1.59
CA GLU F 180 -25.78 16.49 2.47
C GLU F 180 -24.48 15.93 3.09
N TRP F 181 -23.39 16.64 2.87
CA TRP F 181 -22.10 16.24 3.50
C TRP F 181 -22.15 16.54 4.99
N VAL F 182 -21.76 15.57 5.80
CA VAL F 182 -21.87 15.65 7.26
C VAL F 182 -20.51 15.80 7.98
N ALA F 183 -19.53 14.96 7.64
CA ALA F 183 -18.25 14.99 8.37
C ALA F 183 -17.11 14.27 7.63
N GLY F 184 -15.87 14.60 7.98
CA GLY F 184 -14.75 13.97 7.29
C GLY F 184 -13.56 13.92 8.21
N ILE F 185 -12.81 12.84 8.05
CA ILE F 185 -11.59 12.71 8.77
C ILE F 185 -10.52 12.40 7.70
N THR F 186 -9.36 13.03 7.86
CA THR F 186 -8.24 12.91 6.94
C THR F 186 -7.46 11.62 7.15
N PRO F 187 -6.61 11.28 6.18
CA PRO F 187 -5.80 10.08 6.28
C PRO F 187 -4.86 10.15 7.49
N ALA F 188 -4.72 9.05 8.20
CA ALA F 188 -3.86 8.98 9.36
C ALA F 188 -4.52 9.66 10.56
N GLY F 189 -5.78 10.02 10.40
CA GLY F 189 -6.53 10.71 11.45
C GLY F 189 -5.95 12.05 11.84
N GLY F 190 -5.34 12.74 10.88
CA GLY F 190 -4.75 14.03 11.13
C GLY F 190 -5.72 15.12 11.54
N TYR F 191 -6.89 15.17 10.88
CA TYR F 191 -7.89 16.19 11.18
C TYR F 191 -9.30 15.70 10.95
N THR F 192 -10.25 16.38 11.59
CA THR F 192 -11.67 16.16 11.32
C THR F 192 -12.40 17.43 10.98
N TYR F 193 -13.52 17.32 10.24
CA TYR F 193 -14.33 18.43 9.77
C TYR F 193 -15.77 18.06 9.88
N TYR F 194 -16.63 19.05 10.12
CA TYR F 194 -18.06 18.81 10.35
C TYR F 194 -18.90 19.87 9.65
N ALA F 195 -20.02 19.46 9.07
CA ALA F 195 -21.02 20.44 8.63
C ALA F 195 -21.52 21.19 9.88
N ASP F 196 -21.89 22.47 9.71
CA ASP F 196 -22.51 23.23 10.81
C ASP F 196 -23.71 22.53 11.42
N SER F 197 -24.42 21.75 10.62
CA SER F 197 -25.63 21.12 11.14
C SER F 197 -25.36 20.01 12.21
N VAL F 198 -24.10 19.56 12.34
CA VAL F 198 -23.82 18.45 13.25
C VAL F 198 -22.64 18.82 14.14
N LYS F 199 -22.04 19.95 13.84
CA LYS F 199 -20.88 20.30 14.63
C LYS F 199 -21.19 20.37 16.14
N GLY F 200 -20.29 19.84 16.96
CA GLY F 200 -20.51 19.84 18.39
C GLY F 200 -21.42 18.73 18.87
N ARG F 201 -22.11 18.05 17.95
CA ARG F 201 -22.99 16.91 18.35
C ARG F 201 -22.48 15.53 17.88
N PHE F 202 -21.83 15.50 16.72
CA PHE F 202 -21.34 14.24 16.12
C PHE F 202 -19.81 14.14 16.18
N THR F 203 -19.32 12.91 16.28
CA THR F 203 -17.88 12.76 16.24
C THR F 203 -17.55 11.82 15.11
N ILE F 204 -16.53 12.13 14.31
CA ILE F 204 -16.11 11.18 13.27
C ILE F 204 -14.77 10.61 13.73
N SER F 205 -14.61 9.30 13.55
CA SER F 205 -13.42 8.65 14.07
C SER F 205 -13.12 7.38 13.28
N ALA F 206 -12.08 6.65 13.68
CA ALA F 206 -11.88 5.31 13.17
C ALA F 206 -11.10 4.47 14.15
N ASP F 207 -11.18 3.15 13.96
CA ASP F 207 -10.38 2.23 14.75
C ASP F 207 -9.53 1.48 13.75
N THR F 208 -8.25 1.82 13.70
CA THR F 208 -7.42 1.24 12.66
C THR F 208 -7.29 -0.25 12.85
N SER F 209 -7.23 -0.74 14.08
CA SER F 209 -7.03 -2.17 14.27
C SER F 209 -8.23 -2.93 13.68
N LYS F 210 -9.37 -2.26 13.57
CA LYS F 210 -10.54 -2.91 12.93
C LYS F 210 -10.77 -2.42 11.53
N ASN F 211 -9.86 -1.59 11.04
CA ASN F 211 -10.03 -1.02 9.73
C ASN F 211 -11.44 -0.49 9.47
N THR F 212 -11.96 0.29 10.42
CA THR F 212 -13.36 0.71 10.38
C THR F 212 -13.58 2.14 10.89
N ALA F 213 -14.40 2.91 10.17
CA ALA F 213 -14.62 4.29 10.58
C ALA F 213 -15.93 4.38 11.26
N TYR F 214 -16.13 5.46 12.01
CA TYR F 214 -17.35 5.62 12.79
C TYR F 214 -17.91 7.02 12.69
N LEU F 215 -19.20 7.15 12.97
CA LEU F 215 -19.82 8.42 13.18
C LEU F 215 -20.59 8.23 14.48
N GLN F 216 -20.11 8.88 15.53
CA GLN F 216 -20.79 8.80 16.82
C GLN F 216 -21.72 10.03 16.86
N MET F 217 -23.00 9.75 16.99
CA MET F 217 -24.02 10.80 16.84
C MET F 217 -24.68 11.04 18.20
N ASN F 218 -24.54 12.24 18.72
CA ASN F 218 -25.19 12.54 20.04
C ASN F 218 -26.26 13.59 19.85
N SER F 219 -27.11 13.78 20.86
CA SER F 219 -28.19 14.78 20.81
C SER F 219 -28.98 14.72 19.50
N LEU F 220 -29.33 13.51 19.11
CA LEU F 220 -30.10 13.31 17.87
C LEU F 220 -31.36 14.15 17.78
N ARG F 221 -31.60 14.65 16.56
CA ARG F 221 -32.79 15.42 16.22
C ARG F 221 -33.54 14.70 15.12
N ALA F 222 -34.81 15.03 14.96
CA ALA F 222 -35.60 14.50 13.86
C ALA F 222 -34.94 14.79 12.48
N GLU F 223 -34.51 16.05 12.23
CA GLU F 223 -33.65 16.35 11.06
C GLU F 223 -32.54 15.32 10.78
N ASP F 224 -32.02 14.65 11.80
CA ASP F 224 -30.92 13.70 11.58
C ASP F 224 -31.34 12.37 10.91
N THR F 225 -32.66 12.18 10.79
CA THR F 225 -33.22 10.99 10.20
C THR F 225 -32.76 11.04 8.75
N ALA F 226 -32.18 9.93 8.31
CA ALA F 226 -31.69 9.79 6.92
C ALA F 226 -30.95 8.47 6.69
N VAL F 227 -30.65 8.22 5.43
CA VAL F 227 -29.74 7.15 5.08
C VAL F 227 -28.35 7.74 5.17
N TYR F 228 -27.45 7.07 5.87
CA TYR F 228 -26.06 7.60 5.98
C TYR F 228 -25.13 6.77 5.13
N TYR F 229 -24.38 7.44 4.27
CA TYR F 229 -23.33 6.78 3.53
C TYR F 229 -21.93 7.26 3.97
N CYS F 230 -20.96 6.37 3.84
CA CYS F 230 -19.57 6.78 3.94
C CYS F 230 -18.90 6.55 2.56
N ALA F 231 -17.80 7.23 2.35
CA ALA F 231 -17.08 7.15 1.09
C ALA F 231 -15.67 7.63 1.34
N ARG F 232 -14.75 7.16 0.49
CA ARG F 232 -13.35 7.45 0.73
C ARG F 232 -12.91 8.39 -0.36
N PHE F 233 -11.89 9.16 -0.03
CA PHE F 233 -11.43 10.15 -0.98
C PHE F 233 -9.96 10.48 -0.69
N VAL F 234 -9.25 10.82 -1.75
CA VAL F 234 -7.95 11.49 -1.63
C VAL F 234 -7.74 12.38 -2.86
N PHE F 235 -6.78 13.31 -2.80
CA PHE F 235 -6.54 14.11 -3.97
C PHE F 235 -5.63 13.41 -5.04
N PHE F 236 -5.39 12.14 -4.86
CA PHE F 236 -4.61 11.40 -5.80
C PHE F 236 -5.67 10.90 -6.77
N LEU F 237 -5.24 10.50 -7.96
CA LEU F 237 -6.16 10.03 -8.98
C LEU F 237 -6.90 8.81 -8.46
N PRO F 238 -8.20 8.74 -8.75
CA PRO F 238 -8.88 9.70 -9.62
C PRO F 238 -9.35 10.97 -8.91
N TYR F 239 -9.08 11.07 -7.61
CA TYR F 239 -9.54 12.20 -6.80
C TYR F 239 -11.04 12.43 -6.92
N ALA F 240 -11.76 11.32 -6.80
CA ALA F 240 -13.21 11.28 -6.78
C ALA F 240 -13.60 10.26 -5.71
N MET F 241 -14.82 10.37 -5.19
CA MET F 241 -15.29 9.45 -4.16
C MET F 241 -15.62 8.18 -4.89
N ASP F 242 -14.58 7.35 -5.01
CA ASP F 242 -14.65 6.18 -5.88
C ASP F 242 -15.22 4.96 -5.27
N TYR F 243 -15.29 4.89 -3.94
CA TYR F 243 -16.05 3.80 -3.25
C TYR F 243 -16.95 4.39 -2.16
N TRP F 244 -18.22 3.95 -2.17
CA TRP F 244 -19.18 4.27 -1.13
C TRP F 244 -19.72 2.98 -0.49
N GLY F 245 -20.13 3.10 0.77
CA GLY F 245 -20.89 2.04 1.40
C GLY F 245 -22.33 2.02 0.92
N GLN F 246 -23.06 0.97 1.25
CA GLN F 246 -24.40 0.80 0.72
C GLN F 246 -25.39 1.66 1.49
N GLY F 247 -24.95 2.24 2.61
CA GLY F 247 -25.82 3.08 3.39
C GLY F 247 -26.54 2.39 4.55
N THR F 248 -26.94 3.18 5.55
CA THR F 248 -27.61 2.64 6.72
C THR F 248 -28.56 3.72 7.17
N LEU F 249 -29.77 3.27 7.50
CA LEU F 249 -30.86 4.15 7.81
C LEU F 249 -30.88 4.57 9.29
N VAL F 250 -31.03 5.87 9.53
CA VAL F 250 -31.17 6.35 10.90
C VAL F 250 -32.48 7.08 10.98
N THR F 251 -33.35 6.52 11.82
CA THR F 251 -34.67 7.09 12.07
C THR F 251 -34.77 7.68 13.47
N VAL F 252 -34.95 9.01 13.53
CA VAL F 252 -35.17 9.72 14.79
C VAL F 252 -36.67 9.91 15.13
#